data_7IBM
# 
_entry.id   7IBM 
# 
_audit_conform.dict_name       mmcif_pdbx.dic 
_audit_conform.dict_version    5.408 
_audit_conform.dict_location   http://mmcif.pdb.org/dictionaries/ascii/mmcif_pdbx.dic 
# 
loop_
_database_2.database_id 
_database_2.database_code 
_database_2.pdbx_database_accession 
_database_2.pdbx_DOI 
PDB   7IBM         pdb_00007ibm 10.2210/pdb7ibm/pdb 
WWPDB D_1001408561 ?            ?                   
# 
loop_
_pdbx_audit_revision_history.ordinal 
_pdbx_audit_revision_history.data_content_type 
_pdbx_audit_revision_history.major_revision 
_pdbx_audit_revision_history.minor_revision 
_pdbx_audit_revision_history.revision_date 
_pdbx_audit_revision_history.part_number 
1 'Structure model' 1 0 2025-10-22 ? 
2 'Structure model' 1 1 2025-12-10 ? 
# 
_pdbx_audit_revision_details.ordinal             1 
_pdbx_audit_revision_details.revision_ordinal    1 
_pdbx_audit_revision_details.data_content_type   'Structure model' 
_pdbx_audit_revision_details.provider            repository 
_pdbx_audit_revision_details.type                'Initial release' 
_pdbx_audit_revision_details.description         ? 
_pdbx_audit_revision_details.details             ? 
# 
_pdbx_audit_revision_group.ordinal             1 
_pdbx_audit_revision_group.revision_ordinal    2 
_pdbx_audit_revision_group.data_content_type   'Structure model' 
_pdbx_audit_revision_group.group               'Database references' 
# 
_pdbx_audit_revision_category.ordinal             1 
_pdbx_audit_revision_category.revision_ordinal    2 
_pdbx_audit_revision_category.data_content_type   'Structure model' 
_pdbx_audit_revision_category.category            citation 
# 
loop_
_pdbx_audit_revision_item.ordinal 
_pdbx_audit_revision_item.revision_ordinal 
_pdbx_audit_revision_item.data_content_type 
_pdbx_audit_revision_item.item 
1 2 'Structure model' '_citation.journal_volume' 
2 2 'Structure model' '_citation.page_first'     
3 2 'Structure model' '_citation.page_last'      
# 
_pdbx_database_status.entry_id                        7IBM 
_pdbx_database_status.status_code                     REL 
_pdbx_database_status.status_code_sf                  REL 
_pdbx_database_status.status_code_mr                  ? 
_pdbx_database_status.status_code_cs                  ? 
_pdbx_database_status.recvd_initial_deposition_date   2025-05-27 
_pdbx_database_status.status_code_nmr_data            ? 
_pdbx_database_status.deposit_site                    RCSB 
_pdbx_database_status.process_site                    RCSB 
_pdbx_database_status.SG_entry                        ? 
_pdbx_database_status.pdb_format_compatible           Y 
_pdbx_database_status.methods_development_category    ? 
# 
_pdbx_contact_author.id                 2 
_pdbx_contact_author.name_last          Weiss 
_pdbx_contact_author.name_first         Manfred 
_pdbx_contact_author.name_mi            S. 
_pdbx_contact_author.email              manfred.weiss@helmholtz-berlin.de 
_pdbx_contact_author.identifier_ORCID   0000-0002-2362-7047 
_pdbx_contact_author.role               'principal investigator/group leader' 
# 
loop_
_audit_author.pdbx_ordinal 
_audit_author.name 
_audit_author.identifier_ORCID 
1 'Lennartz, F.' 0000-0001-5617-5502 
2 'Weiss, M.S.'  0000-0002-2362-7047 
# 
_citation.id                        primary 
_citation.title                     
;Crystallographic fragment screening against SARS-CoV-2 nonstructural protein 1 using the F2X-Entry Screen and a newly developed fragment library.
;
_citation.journal_abbrev            'Acta Crystallogr D Struct Biol' 
_citation.journal_volume            81 
_citation.page_first                630 
_citation.page_last                 645 
_citation.year                      2025 
_citation.journal_id_ASTM           ? 
_citation.country                   ? 
_citation.journal_id_ISSN           2059-7983 
_citation.journal_id_CSD            ? 
_citation.book_publisher            ? 
_citation.pdbx_database_id_PubMed   41081353 
_citation.pdbx_database_id_DOI      10.1107/S2059798325008563 
# 
loop_
_citation_author.ordinal 
_citation_author.citation_id 
_citation_author.name 
_citation_author.identifier_ORCID 
1  primary 'Lennartz, F.'    ?                   
2  primary 'Wollenhaupt, J.' 0000-0002-3418-5213 
3  primary 'Oelker, M.'      0000-0001-7301-8445 
4  primary 'Froling, P.'     ?                   
5  primary 'Mueller, U.'     0000-0002-7139-0718 
6  primary 'Deckers, A.'     ?                   
7  primary 'Grathwol, C.'    ?                   
8  primary 'Brase, S.'       ?                   
9  primary 'Jung, N.'        0000-0001-9513-2468 
10 primary 'Weiss, M.S.'     0000-0002-2362-7047 
# 
loop_
_entity.id 
_entity.type 
_entity.src_method 
_entity.pdbx_description 
_entity.formula_weight 
_entity.pdbx_number_of_molecules 
_entity.pdbx_ec 
_entity.pdbx_mutation 
_entity.pdbx_fragment 
_entity.details 
1 polymer man 'Host translation inhibitor nsp1' 12863.854 1  ? ? ? ? 
2 water   nat water                             18.015    81 ? ? ? ? 
# 
_entity_name_com.entity_id   1 
_entity_name_com.name        'Leader protein,Non-structural protein 1,nsp1' 
# 
_entity_poly.entity_id                      1 
_entity_poly.type                           'polypeptide(L)' 
_entity_poly.nstd_linkage                   no 
_entity_poly.nstd_monomer                   no 
_entity_poly.pdbx_seq_one_letter_code       
;EKTHVQLSLPVLQVRDVLVRGFGDSVEEVLSEARQHLKDGTCGLVEVEKGVLPQLEQPYVFIKRSDARTAPHGHVMVELV
AELEGIQYGRSGETLGVLVPHVGEIPVAYRKVLLRK
;
_entity_poly.pdbx_seq_one_letter_code_can   
;EKTHVQLSLPVLQVRDVLVRGFGDSVEEVLSEARQHLKDGTCGLVEVEKGVLPQLEQPYVFIKRSDARTAPHGHVMVELV
AELEGIQYGRSGETLGVLVPHVGEIPVAYRKVLLRK
;
_entity_poly.pdbx_strand_id                 A 
_entity_poly.pdbx_target_identifier         ? 
# 
_pdbx_entity_nonpoly.entity_id   2 
_pdbx_entity_nonpoly.name        water 
_pdbx_entity_nonpoly.comp_id     HOH 
# 
loop_
_entity_poly_seq.entity_id 
_entity_poly_seq.num 
_entity_poly_seq.mon_id 
_entity_poly_seq.hetero 
1 1   GLU n 
1 2   LYS n 
1 3   THR n 
1 4   HIS n 
1 5   VAL n 
1 6   GLN n 
1 7   LEU n 
1 8   SER n 
1 9   LEU n 
1 10  PRO n 
1 11  VAL n 
1 12  LEU n 
1 13  GLN n 
1 14  VAL n 
1 15  ARG n 
1 16  ASP n 
1 17  VAL n 
1 18  LEU n 
1 19  VAL n 
1 20  ARG n 
1 21  GLY n 
1 22  PHE n 
1 23  GLY n 
1 24  ASP n 
1 25  SER n 
1 26  VAL n 
1 27  GLU n 
1 28  GLU n 
1 29  VAL n 
1 30  LEU n 
1 31  SER n 
1 32  GLU n 
1 33  ALA n 
1 34  ARG n 
1 35  GLN n 
1 36  HIS n 
1 37  LEU n 
1 38  LYS n 
1 39  ASP n 
1 40  GLY n 
1 41  THR n 
1 42  CYS n 
1 43  GLY n 
1 44  LEU n 
1 45  VAL n 
1 46  GLU n 
1 47  VAL n 
1 48  GLU n 
1 49  LYS n 
1 50  GLY n 
1 51  VAL n 
1 52  LEU n 
1 53  PRO n 
1 54  GLN n 
1 55  LEU n 
1 56  GLU n 
1 57  GLN n 
1 58  PRO n 
1 59  TYR n 
1 60  VAL n 
1 61  PHE n 
1 62  ILE n 
1 63  LYS n 
1 64  ARG n 
1 65  SER n 
1 66  ASP n 
1 67  ALA n 
1 68  ARG n 
1 69  THR n 
1 70  ALA n 
1 71  PRO n 
1 72  HIS n 
1 73  GLY n 
1 74  HIS n 
1 75  VAL n 
1 76  MET n 
1 77  VAL n 
1 78  GLU n 
1 79  LEU n 
1 80  VAL n 
1 81  ALA n 
1 82  GLU n 
1 83  LEU n 
1 84  GLU n 
1 85  GLY n 
1 86  ILE n 
1 87  GLN n 
1 88  TYR n 
1 89  GLY n 
1 90  ARG n 
1 91  SER n 
1 92  GLY n 
1 93  GLU n 
1 94  THR n 
1 95  LEU n 
1 96  GLY n 
1 97  VAL n 
1 98  LEU n 
1 99  VAL n 
1 100 PRO n 
1 101 HIS n 
1 102 VAL n 
1 103 GLY n 
1 104 GLU n 
1 105 ILE n 
1 106 PRO n 
1 107 VAL n 
1 108 ALA n 
1 109 TYR n 
1 110 ARG n 
1 111 LYS n 
1 112 VAL n 
1 113 LEU n 
1 114 LEU n 
1 115 ARG n 
1 116 LYS n 
# 
_entity_src_gen.entity_id                          1 
_entity_src_gen.pdbx_src_id                        1 
_entity_src_gen.pdbx_alt_source_flag               sample 
_entity_src_gen.pdbx_seq_type                      'Biological sequence' 
_entity_src_gen.pdbx_beg_seq_num                   1 
_entity_src_gen.pdbx_end_seq_num                   116 
_entity_src_gen.gene_src_common_name               ? 
_entity_src_gen.gene_src_genus                     ? 
_entity_src_gen.pdbx_gene_src_gene                 'rep, 1a-1b' 
_entity_src_gen.gene_src_species                   ? 
_entity_src_gen.gene_src_strain                    ? 
_entity_src_gen.gene_src_tissue                    ? 
_entity_src_gen.gene_src_tissue_fraction           ? 
_entity_src_gen.gene_src_details                   ? 
_entity_src_gen.pdbx_gene_src_fragment             ? 
_entity_src_gen.pdbx_gene_src_scientific_name      'Severe acute respiratory syndrome coronavirus 2' 
_entity_src_gen.pdbx_gene_src_ncbi_taxonomy_id     2697049 
_entity_src_gen.pdbx_gene_src_variant              ? 
_entity_src_gen.pdbx_gene_src_cell_line            ? 
_entity_src_gen.pdbx_gene_src_atcc                 ? 
_entity_src_gen.pdbx_gene_src_organ                ? 
_entity_src_gen.pdbx_gene_src_organelle            ? 
_entity_src_gen.pdbx_gene_src_cell                 ? 
_entity_src_gen.pdbx_gene_src_cellular_location    ? 
_entity_src_gen.host_org_common_name               ? 
_entity_src_gen.pdbx_host_org_scientific_name      'Escherichia coli BL21(DE3)' 
_entity_src_gen.pdbx_host_org_ncbi_taxonomy_id     469008 
_entity_src_gen.host_org_genus                     ? 
_entity_src_gen.pdbx_host_org_gene                 ? 
_entity_src_gen.pdbx_host_org_organ                ? 
_entity_src_gen.host_org_species                   ? 
_entity_src_gen.pdbx_host_org_tissue               ? 
_entity_src_gen.pdbx_host_org_tissue_fraction      ? 
_entity_src_gen.pdbx_host_org_strain               ? 
_entity_src_gen.pdbx_host_org_variant              ? 
_entity_src_gen.pdbx_host_org_cell_line            ? 
_entity_src_gen.pdbx_host_org_atcc                 ? 
_entity_src_gen.pdbx_host_org_culture_collection   ? 
_entity_src_gen.pdbx_host_org_cell                 ? 
_entity_src_gen.pdbx_host_org_organelle            ? 
_entity_src_gen.pdbx_host_org_cellular_location    ? 
_entity_src_gen.pdbx_host_org_vector_type          plasmid 
_entity_src_gen.pdbx_host_org_vector               ? 
_entity_src_gen.host_org_details                   ? 
_entity_src_gen.expression_system_id               ? 
_entity_src_gen.plasmid_name                       pET15b 
_entity_src_gen.plasmid_details                    ? 
_entity_src_gen.pdbx_description                   ? 
# 
loop_
_chem_comp.id 
_chem_comp.type 
_chem_comp.mon_nstd_flag 
_chem_comp.name 
_chem_comp.pdbx_synonyms 
_chem_comp.formula 
_chem_comp.formula_weight 
ALA 'L-peptide linking' y ALANINE         ? 'C3 H7 N O2'     89.093  
ARG 'L-peptide linking' y ARGININE        ? 'C6 H15 N4 O2 1' 175.209 
ASP 'L-peptide linking' y 'ASPARTIC ACID' ? 'C4 H7 N O4'     133.103 
CYS 'L-peptide linking' y CYSTEINE        ? 'C3 H7 N O2 S'   121.158 
GLN 'L-peptide linking' y GLUTAMINE       ? 'C5 H10 N2 O3'   146.144 
GLU 'L-peptide linking' y 'GLUTAMIC ACID' ? 'C5 H9 N O4'     147.129 
GLY 'peptide linking'   y GLYCINE         ? 'C2 H5 N O2'     75.067  
HIS 'L-peptide linking' y HISTIDINE       ? 'C6 H10 N3 O2 1' 156.162 
HOH non-polymer         . WATER           ? 'H2 O'           18.015  
ILE 'L-peptide linking' y ISOLEUCINE      ? 'C6 H13 N O2'    131.173 
LEU 'L-peptide linking' y LEUCINE         ? 'C6 H13 N O2'    131.173 
LYS 'L-peptide linking' y LYSINE          ? 'C6 H15 N2 O2 1' 147.195 
MET 'L-peptide linking' y METHIONINE      ? 'C5 H11 N O2 S'  149.211 
PHE 'L-peptide linking' y PHENYLALANINE   ? 'C9 H11 N O2'    165.189 
PRO 'L-peptide linking' y PROLINE         ? 'C5 H9 N O2'     115.130 
SER 'L-peptide linking' y SERINE          ? 'C3 H7 N O3'     105.093 
THR 'L-peptide linking' y THREONINE       ? 'C4 H9 N O3'     119.119 
TYR 'L-peptide linking' y TYROSINE        ? 'C9 H11 N O3'    181.189 
VAL 'L-peptide linking' y VALINE          ? 'C5 H11 N O2'    117.146 
# 
loop_
_pdbx_poly_seq_scheme.asym_id 
_pdbx_poly_seq_scheme.entity_id 
_pdbx_poly_seq_scheme.seq_id 
_pdbx_poly_seq_scheme.mon_id 
_pdbx_poly_seq_scheme.ndb_seq_num 
_pdbx_poly_seq_scheme.pdb_seq_num 
_pdbx_poly_seq_scheme.auth_seq_num 
_pdbx_poly_seq_scheme.pdb_mon_id 
_pdbx_poly_seq_scheme.auth_mon_id 
_pdbx_poly_seq_scheme.pdb_strand_id 
_pdbx_poly_seq_scheme.pdb_ins_code 
_pdbx_poly_seq_scheme.hetero 
A 1 1   GLU 1   10  ?   ?   ?   A . n 
A 1 2   LYS 2   11  11  LYS LYS A . n 
A 1 3   THR 3   12  12  THR THR A . n 
A 1 4   HIS 4   13  13  HIS HIS A . n 
A 1 5   VAL 5   14  14  VAL VAL A . n 
A 1 6   GLN 6   15  15  GLN GLN A . n 
A 1 7   LEU 7   16  16  LEU LEU A . n 
A 1 8   SER 8   17  17  SER SER A . n 
A 1 9   LEU 9   18  18  LEU LEU A . n 
A 1 10  PRO 10  19  19  PRO PRO A . n 
A 1 11  VAL 11  20  20  VAL VAL A . n 
A 1 12  LEU 12  21  21  LEU LEU A . n 
A 1 13  GLN 13  22  22  GLN GLN A . n 
A 1 14  VAL 14  23  23  VAL VAL A . n 
A 1 15  ARG 15  24  24  ARG ARG A . n 
A 1 16  ASP 16  25  25  ASP ASP A . n 
A 1 17  VAL 17  26  26  VAL VAL A . n 
A 1 18  LEU 18  27  27  LEU LEU A . n 
A 1 19  VAL 19  28  28  VAL VAL A . n 
A 1 20  ARG 20  29  29  ARG ARG A . n 
A 1 21  GLY 21  30  30  GLY GLY A . n 
A 1 22  PHE 22  31  31  PHE PHE A . n 
A 1 23  GLY 23  32  32  GLY GLY A . n 
A 1 24  ASP 24  33  33  ASP ASP A . n 
A 1 25  SER 25  34  34  SER SER A . n 
A 1 26  VAL 26  35  35  VAL VAL A . n 
A 1 27  GLU 27  36  36  GLU GLU A . n 
A 1 28  GLU 28  37  37  GLU GLU A . n 
A 1 29  VAL 29  38  38  VAL VAL A . n 
A 1 30  LEU 30  39  39  LEU LEU A . n 
A 1 31  SER 31  40  40  SER SER A . n 
A 1 32  GLU 32  41  41  GLU GLU A . n 
A 1 33  ALA 33  42  42  ALA ALA A . n 
A 1 34  ARG 34  43  43  ARG ARG A . n 
A 1 35  GLN 35  44  44  GLN GLN A . n 
A 1 36  HIS 36  45  45  HIS HIS A . n 
A 1 37  LEU 37  46  46  LEU LEU A . n 
A 1 38  LYS 38  47  47  LYS LYS A . n 
A 1 39  ASP 39  48  48  ASP ASP A . n 
A 1 40  GLY 40  49  49  GLY GLY A . n 
A 1 41  THR 41  50  50  THR THR A . n 
A 1 42  CYS 42  51  51  CYS CYS A . n 
A 1 43  GLY 43  52  52  GLY GLY A . n 
A 1 44  LEU 44  53  53  LEU LEU A . n 
A 1 45  VAL 45  54  54  VAL VAL A . n 
A 1 46  GLU 46  55  55  GLU GLU A . n 
A 1 47  VAL 47  56  56  VAL VAL A . n 
A 1 48  GLU 48  57  57  GLU GLU A . n 
A 1 49  LYS 49  58  58  LYS LYS A . n 
A 1 50  GLY 50  59  59  GLY GLY A . n 
A 1 51  VAL 51  60  60  VAL VAL A . n 
A 1 52  LEU 52  61  61  LEU LEU A . n 
A 1 53  PRO 53  62  62  PRO PRO A . n 
A 1 54  GLN 54  63  63  GLN GLN A . n 
A 1 55  LEU 55  64  64  LEU LEU A . n 
A 1 56  GLU 56  65  65  GLU GLU A . n 
A 1 57  GLN 57  66  66  GLN GLN A . n 
A 1 58  PRO 58  67  67  PRO PRO A . n 
A 1 59  TYR 59  68  68  TYR TYR A . n 
A 1 60  VAL 60  69  69  VAL VAL A . n 
A 1 61  PHE 61  70  70  PHE PHE A . n 
A 1 62  ILE 62  71  71  ILE ILE A . n 
A 1 63  LYS 63  72  72  LYS LYS A . n 
A 1 64  ARG 64  73  73  ARG ARG A . n 
A 1 65  SER 65  74  74  SER SER A . n 
A 1 66  ASP 66  75  75  ASP ASP A . n 
A 1 67  ALA 67  76  76  ALA ALA A . n 
A 1 68  ARG 68  77  ?   ?   ?   A . n 
A 1 69  THR 69  78  ?   ?   ?   A . n 
A 1 70  ALA 70  79  79  ALA ALA A . n 
A 1 71  PRO 71  80  80  PRO PRO A . n 
A 1 72  HIS 72  81  81  HIS HIS A . n 
A 1 73  GLY 73  82  82  GLY GLY A . n 
A 1 74  HIS 74  83  83  HIS HIS A . n 
A 1 75  VAL 75  84  84  VAL VAL A . n 
A 1 76  MET 76  85  85  MET MET A . n 
A 1 77  VAL 77  86  86  VAL VAL A . n 
A 1 78  GLU 78  87  87  GLU GLU A . n 
A 1 79  LEU 79  88  88  LEU LEU A . n 
A 1 80  VAL 80  89  89  VAL VAL A . n 
A 1 81  ALA 81  90  90  ALA ALA A . n 
A 1 82  GLU 82  91  91  GLU GLU A . n 
A 1 83  LEU 83  92  92  LEU LEU A . n 
A 1 84  GLU 84  93  93  GLU GLU A . n 
A 1 85  GLY 85  94  94  GLY GLY A . n 
A 1 86  ILE 86  95  95  ILE ILE A . n 
A 1 87  GLN 87  96  96  GLN GLN A . n 
A 1 88  TYR 88  97  97  TYR TYR A . n 
A 1 89  GLY 89  98  98  GLY GLY A . n 
A 1 90  ARG 90  99  99  ARG ARG A . n 
A 1 91  SER 91  100 100 SER SER A . n 
A 1 92  GLY 92  101 101 GLY GLY A . n 
A 1 93  GLU 93  102 102 GLU GLU A . n 
A 1 94  THR 94  103 103 THR THR A . n 
A 1 95  LEU 95  104 104 LEU LEU A . n 
A 1 96  GLY 96  105 105 GLY GLY A . n 
A 1 97  VAL 97  106 106 VAL VAL A . n 
A 1 98  LEU 98  107 107 LEU LEU A . n 
A 1 99  VAL 99  108 108 VAL VAL A . n 
A 1 100 PRO 100 109 109 PRO PRO A . n 
A 1 101 HIS 101 110 110 HIS HIS A . n 
A 1 102 VAL 102 111 111 VAL VAL A . n 
A 1 103 GLY 103 112 112 GLY GLY A . n 
A 1 104 GLU 104 113 113 GLU GLU A . n 
A 1 105 ILE 105 114 114 ILE ILE A . n 
A 1 106 PRO 106 115 115 PRO PRO A . n 
A 1 107 VAL 107 116 116 VAL VAL A . n 
A 1 108 ALA 108 117 117 ALA ALA A . n 
A 1 109 TYR 109 118 118 TYR TYR A . n 
A 1 110 ARG 110 119 119 ARG ARG A . n 
A 1 111 LYS 111 120 120 LYS LYS A . n 
A 1 112 VAL 112 121 121 VAL VAL A . n 
A 1 113 LEU 113 122 122 LEU LEU A . n 
A 1 114 LEU 114 123 123 LEU LEU A . n 
A 1 115 ARG 115 124 124 ARG ARG A . n 
A 1 116 LYS 116 125 125 LYS LYS A . n 
# 
loop_
_pdbx_nonpoly_scheme.asym_id 
_pdbx_nonpoly_scheme.entity_id 
_pdbx_nonpoly_scheme.mon_id 
_pdbx_nonpoly_scheme.ndb_seq_num 
_pdbx_nonpoly_scheme.pdb_seq_num 
_pdbx_nonpoly_scheme.auth_seq_num 
_pdbx_nonpoly_scheme.pdb_mon_id 
_pdbx_nonpoly_scheme.auth_mon_id 
_pdbx_nonpoly_scheme.pdb_strand_id 
_pdbx_nonpoly_scheme.pdb_ins_code 
B 2 HOH 1  201 68 HOH HOH A . 
B 2 HOH 2  202 56 HOH HOH A . 
B 2 HOH 3  203 46 HOH HOH A . 
B 2 HOH 4  204 40 HOH HOH A . 
B 2 HOH 5  205 28 HOH HOH A . 
B 2 HOH 6  206 42 HOH HOH A . 
B 2 HOH 7  207 43 HOH HOH A . 
B 2 HOH 8  208 15 HOH HOH A . 
B 2 HOH 9  209 35 HOH HOH A . 
B 2 HOH 10 210 80 HOH HOH A . 
B 2 HOH 11 211 76 HOH HOH A . 
B 2 HOH 12 212 72 HOH HOH A . 
B 2 HOH 13 213 66 HOH HOH A . 
B 2 HOH 14 214 37 HOH HOH A . 
B 2 HOH 15 215 64 HOH HOH A . 
B 2 HOH 16 216 19 HOH HOH A . 
B 2 HOH 17 217 67 HOH HOH A . 
B 2 HOH 18 218 48 HOH HOH A . 
B 2 HOH 19 219 25 HOH HOH A . 
B 2 HOH 20 220 3  HOH HOH A . 
B 2 HOH 21 221 36 HOH HOH A . 
B 2 HOH 22 222 6  HOH HOH A . 
B 2 HOH 23 223 44 HOH HOH A . 
B 2 HOH 24 224 14 HOH HOH A . 
B 2 HOH 25 225 77 HOH HOH A . 
B 2 HOH 26 226 16 HOH HOH A . 
B 2 HOH 27 227 4  HOH HOH A . 
B 2 HOH 28 228 12 HOH HOH A . 
B 2 HOH 29 229 30 HOH HOH A . 
B 2 HOH 30 230 10 HOH HOH A . 
B 2 HOH 31 231 9  HOH HOH A . 
B 2 HOH 32 232 51 HOH HOH A . 
B 2 HOH 33 233 1  HOH HOH A . 
B 2 HOH 34 234 22 HOH HOH A . 
B 2 HOH 35 235 78 HOH HOH A . 
B 2 HOH 36 236 2  HOH HOH A . 
B 2 HOH 37 237 55 HOH HOH A . 
B 2 HOH 38 238 13 HOH HOH A . 
B 2 HOH 39 239 58 HOH HOH A . 
B 2 HOH 40 240 69 HOH HOH A . 
B 2 HOH 41 241 7  HOH HOH A . 
B 2 HOH 42 242 39 HOH HOH A . 
B 2 HOH 43 243 33 HOH HOH A . 
B 2 HOH 44 244 50 HOH HOH A . 
B 2 HOH 45 245 21 HOH HOH A . 
B 2 HOH 46 246 81 HOH HOH A . 
B 2 HOH 47 247 18 HOH HOH A . 
B 2 HOH 48 248 53 HOH HOH A . 
B 2 HOH 49 249 60 HOH HOH A . 
B 2 HOH 50 250 17 HOH HOH A . 
B 2 HOH 51 251 23 HOH HOH A . 
B 2 HOH 52 252 29 HOH HOH A . 
B 2 HOH 53 253 57 HOH HOH A . 
B 2 HOH 54 254 8  HOH HOH A . 
B 2 HOH 55 255 24 HOH HOH A . 
B 2 HOH 56 256 26 HOH HOH A . 
B 2 HOH 57 257 49 HOH HOH A . 
B 2 HOH 58 258 52 HOH HOH A . 
B 2 HOH 59 259 74 HOH HOH A . 
B 2 HOH 60 260 27 HOH HOH A . 
B 2 HOH 61 261 20 HOH HOH A . 
B 2 HOH 62 262 73 HOH HOH A . 
B 2 HOH 63 263 32 HOH HOH A . 
B 2 HOH 64 264 34 HOH HOH A . 
B 2 HOH 65 265 11 HOH HOH A . 
B 2 HOH 66 266 45 HOH HOH A . 
B 2 HOH 67 267 38 HOH HOH A . 
B 2 HOH 68 268 5  HOH HOH A . 
B 2 HOH 69 269 71 HOH HOH A . 
B 2 HOH 70 270 65 HOH HOH A . 
B 2 HOH 71 271 62 HOH HOH A . 
B 2 HOH 72 272 31 HOH HOH A . 
B 2 HOH 73 273 47 HOH HOH A . 
B 2 HOH 74 274 63 HOH HOH A . 
B 2 HOH 75 275 79 HOH HOH A . 
B 2 HOH 76 276 61 HOH HOH A . 
B 2 HOH 77 277 41 HOH HOH A . 
B 2 HOH 78 278 70 HOH HOH A . 
B 2 HOH 79 279 54 HOH HOH A . 
B 2 HOH 80 280 59 HOH HOH A . 
B 2 HOH 81 281 75 HOH HOH A . 
# 
loop_
_pdbx_unobs_or_zero_occ_atoms.id 
_pdbx_unobs_or_zero_occ_atoms.PDB_model_num 
_pdbx_unobs_or_zero_occ_atoms.polymer_flag 
_pdbx_unobs_or_zero_occ_atoms.occupancy_flag 
_pdbx_unobs_or_zero_occ_atoms.auth_asym_id 
_pdbx_unobs_or_zero_occ_atoms.auth_comp_id 
_pdbx_unobs_or_zero_occ_atoms.auth_seq_id 
_pdbx_unobs_or_zero_occ_atoms.PDB_ins_code 
_pdbx_unobs_or_zero_occ_atoms.auth_atom_id 
_pdbx_unobs_or_zero_occ_atoms.label_alt_id 
_pdbx_unobs_or_zero_occ_atoms.label_asym_id 
_pdbx_unobs_or_zero_occ_atoms.label_comp_id 
_pdbx_unobs_or_zero_occ_atoms.label_seq_id 
_pdbx_unobs_or_zero_occ_atoms.label_atom_id 
1 1 Y 1 A LYS 125 ? CG ? A LYS 116 CG 
2 1 Y 1 A LYS 125 ? CD ? A LYS 116 CD 
3 1 Y 1 A LYS 125 ? CE ? A LYS 116 CE 
4 1 Y 1 A LYS 125 ? NZ ? A LYS 116 NZ 
# 
loop_
_software.classification 
_software.name 
_software.version 
_software.citation_id 
_software.pdbx_ordinal 
refinement       REFMAC 5.8.0267 ? 1 
phasing          PHASER .        ? 2 
'data scaling'   XDS    .        ? 3 
'data reduction' XDS    .        ? 4 
'data scaling'   xdsapp .        ? 5 
'data reduction' xdsapp .        ? 6 
# 
_cell.entry_id           7IBM 
_cell.length_a           36.730 
_cell.length_b           36.730 
_cell.length_c           142.090 
_cell.angle_alpha        90.00 
_cell.angle_beta         90.00 
_cell.angle_gamma        90.00 
_cell.Z_PDB              8 
_cell.pdbx_unique_axis   ? 
# 
_symmetry.entry_id                         7IBM 
_symmetry.space_group_name_H-M             'P 43 21 2' 
_symmetry.pdbx_full_space_group_name_H-M   ? 
_symmetry.cell_setting                     ? 
_symmetry.Int_Tables_number                96 
# 
_exptl.entry_id          7IBM 
_exptl.method            'X-RAY DIFFRACTION' 
_exptl.crystals_number   1 
# 
_exptl_crystal.id                    1 
_exptl_crystal.density_Matthews      1.87 
_exptl_crystal.density_percent_sol   34.11 
_exptl_crystal.density_meas          ? 
_exptl_crystal.description           ? 
# 
_exptl_crystal_grow.crystal_id      1 
_exptl_crystal_grow.method          'VAPOR DIFFUSION, SITTING DROP' 
_exptl_crystal_grow.pdbx_details    '0.1 M HEPES pH 7.5 and 25% (w/v) PEG 3350. Reproducibility was improved by seeding.' 
_exptl_crystal_grow.temp            293 
_exptl_crystal_grow.pH              7.5 
_exptl_crystal_grow.temp_details    ? 
_exptl_crystal_grow.pdbx_pH_range   ? 
# 
_diffrn.id                     1 
_diffrn.ambient_temp           100 
_diffrn.crystal_id             1 
_diffrn.ambient_temp_details   ? 
# 
_diffrn_detector.diffrn_id              1 
_diffrn_detector.detector               PIXEL 
_diffrn_detector.pdbx_collection_date   2023-05-02 
_diffrn_detector.type                   'DECTRIS PILATUS3 6M' 
_diffrn_detector.id                     1 
_diffrn_detector.details                ? 
# 
_diffrn_radiation.diffrn_id                        1 
_diffrn_radiation.pdbx_diffrn_protocol             'SINGLE WAVELENGTH' 
_diffrn_radiation.pdbx_monochromatic_or_laue_m_l   M 
_diffrn_radiation.pdbx_scattering_type             x-ray 
_diffrn_radiation.wavelength_id                    1 
_diffrn_radiation.monochromator                    ? 
# 
_diffrn_radiation_wavelength.id           1 
_diffrn_radiation_wavelength.wavelength   0.9184 
_diffrn_radiation_wavelength.wt           1.0 
# 
_diffrn_source.diffrn_id                   1 
_diffrn_source.pdbx_wavelength_list        0.9184 
_diffrn_source.source                      SYNCHROTRON 
_diffrn_source.type                        'BESSY BEAMLINE 14.1' 
_diffrn_source.pdbx_synchrotron_site       BESSY 
_diffrn_source.pdbx_synchrotron_beamline   14.1 
_diffrn_source.pdbx_wavelength             ? 
# 
_reflns.d_resolution_low             35.59 
_reflns.pdbx_diffrn_id               1 
_reflns.pdbx_ordinal                 1 
_reflns.entry_id                     7IBM 
_reflns.observed_criterion_sigma_I   ? 
_reflns.observed_criterion_sigma_F   ? 
_reflns.d_resolution_high            ? 
_reflns.number_obs                   ? 
_reflns.number_all                   ? 
_reflns.percent_possible_obs         ? 
_reflns.pdbx_Rmerge_I_obs            ? 
_reflns.pdbx_Rsym_value              ? 
_reflns.pdbx_netI_over_sigmaI        ? 
_reflns.B_iso_Wilson_estimate        ? 
_reflns.pdbx_redundancy              ? 
# 
_refine.pdbx_refine_id                           'X-RAY DIFFRACTION' 
_refine.entry_id                                 7IBM 
_refine.pdbx_diffrn_id                           1 
_refine.pdbx_TLS_residual_ADP_flag               ? 
_refine.ls_number_reflns_obs                     18770 
_refine.ls_number_reflns_all                     ? 
_refine.pdbx_ls_sigma_I                          ? 
_refine.pdbx_ls_sigma_F                          ? 
_refine.pdbx_data_cutoff_high_absF               ? 
_refine.pdbx_data_cutoff_low_absF                ? 
_refine.pdbx_data_cutoff_high_rms_absF           ? 
_refine.ls_d_res_low                             35.59 
_refine.ls_d_res_high                            1.41 
_refine.ls_percent_reflns_obs                    99.96 
_refine.ls_R_factor_obs                          0.19769 
_refine.ls_R_factor_all                          ? 
_refine.ls_R_factor_R_work                       0.19617 
_refine.ls_R_factor_R_free                       0.22509 
_refine.ls_R_factor_R_free_error                 ? 
_refine.ls_R_factor_R_free_error_details         ? 
_refine.ls_percent_reflns_R_free                 4.9 
_refine.ls_number_reflns_R_free                  972 
_refine.ls_number_parameters                     ? 
_refine.ls_number_restraints                     ? 
_refine.occupancy_min                            ? 
_refine.occupancy_max                            ? 
_refine.correlation_coeff_Fo_to_Fc               0.970 
_refine.correlation_coeff_Fo_to_Fc_free          0.955 
_refine.B_iso_mean                               28.657 
_refine.aniso_B[1][1]                            -0.12 
_refine.aniso_B[2][2]                            -0.12 
_refine.aniso_B[3][3]                            0.24 
_refine.aniso_B[1][2]                            0.00 
_refine.aniso_B[1][3]                            0.00 
_refine.aniso_B[2][3]                            0.00 
_refine.solvent_model_details                    MASK 
_refine.solvent_model_param_ksol                 ? 
_refine.solvent_model_param_bsol                 ? 
_refine.pdbx_solvent_vdw_probe_radii             1.20 
_refine.pdbx_solvent_ion_probe_radii             0.80 
_refine.pdbx_solvent_shrinkage_radii             0.80 
_refine.pdbx_ls_cross_valid_method               THROUGHOUT 
_refine.details                                  'HYDROGENS HAVE BEEN ADDED IN THE RIDING POSITIONS' 
_refine.pdbx_starting_model                      ? 
_refine.pdbx_method_to_determine_struct          'MOLECULAR REPLACEMENT' 
_refine.pdbx_isotropic_thermal_model             ? 
_refine.pdbx_stereochemistry_target_values       'MAXIMUM LIKELIHOOD' 
_refine.pdbx_stereochem_target_val_spec_case     ? 
_refine.pdbx_R_Free_selection_details            RANDOM 
_refine.pdbx_overall_ESU_R                       0.072 
_refine.pdbx_overall_ESU_R_Free                  0.074 
_refine.overall_SU_ML                            0.065 
_refine.pdbx_overall_phase_error                 ? 
_refine.overall_SU_B                             1.730 
_refine.overall_SU_R_Cruickshank_DPI             ? 
_refine.pdbx_overall_SU_R_free_Cruickshank_DPI   ? 
_refine.pdbx_overall_SU_R_Blow_DPI               ? 
_refine.pdbx_overall_SU_R_free_Blow_DPI          ? 
# 
_refine_hist.pdbx_refine_id                   'X-RAY DIFFRACTION' 
_refine_hist.cycle_id                         1 
_refine_hist.pdbx_number_atoms_protein        873 
_refine_hist.pdbx_number_atoms_nucleic_acid   0 
_refine_hist.pdbx_number_atoms_ligand         0 
_refine_hist.number_atoms_solvent             81 
_refine_hist.number_atoms_total               954 
_refine_hist.d_res_high                       1.41 
_refine_hist.d_res_low                        35.59 
# 
loop_
_refine_ls_restr.type 
_refine_ls_restr.dev_ideal 
_refine_ls_restr.dev_ideal_target 
_refine_ls_restr.weight 
_refine_ls_restr.number 
_refine_ls_restr.pdbx_refine_id 
_refine_ls_restr.pdbx_restraint_function 
r_bond_refined_d             0.011  0.013  ? 911  'X-RAY DIFFRACTION' ? 
r_bond_other_d               0.001  0.017  ? 903  'X-RAY DIFFRACTION' ? 
r_angle_refined_deg          1.720  1.633  ? 1238 'X-RAY DIFFRACTION' ? 
r_angle_other_deg            1.411  1.576  ? 2081 'X-RAY DIFFRACTION' ? 
r_dihedral_angle_1_deg       7.323  5.000  ? 117  'X-RAY DIFFRACTION' ? 
r_dihedral_angle_2_deg       27.916 21.739 ? 46   'X-RAY DIFFRACTION' ? 
r_dihedral_angle_3_deg       13.231 15.000 ? 160  'X-RAY DIFFRACTION' ? 
r_dihedral_angle_4_deg       9.466  15.000 ? 7    'X-RAY DIFFRACTION' ? 
r_chiral_restr               0.090  0.200  ? 111  'X-RAY DIFFRACTION' ? 
r_gen_planes_refined         0.009  0.020  ? 1030 'X-RAY DIFFRACTION' ? 
r_gen_planes_other           0.001  0.020  ? 192  'X-RAY DIFFRACTION' ? 
r_nbd_refined                ?      ?      ? ?    'X-RAY DIFFRACTION' ? 
r_nbd_other                  ?      ?      ? ?    'X-RAY DIFFRACTION' ? 
r_nbtor_refined              ?      ?      ? ?    'X-RAY DIFFRACTION' ? 
r_nbtor_other                ?      ?      ? ?    'X-RAY DIFFRACTION' ? 
r_xyhbond_nbd_refined        ?      ?      ? ?    'X-RAY DIFFRACTION' ? 
r_xyhbond_nbd_other          ?      ?      ? ?    'X-RAY DIFFRACTION' ? 
r_metal_ion_refined          ?      ?      ? ?    'X-RAY DIFFRACTION' ? 
r_metal_ion_other            ?      ?      ? ?    'X-RAY DIFFRACTION' ? 
r_symmetry_vdw_refined       ?      ?      ? ?    'X-RAY DIFFRACTION' ? 
r_symmetry_vdw_other         ?      ?      ? ?    'X-RAY DIFFRACTION' ? 
r_symmetry_hbond_refined     ?      ?      ? ?    'X-RAY DIFFRACTION' ? 
r_symmetry_hbond_other       ?      ?      ? ?    'X-RAY DIFFRACTION' ? 
r_symmetry_metal_ion_refined ?      ?      ? ?    'X-RAY DIFFRACTION' ? 
r_symmetry_metal_ion_other   ?      ?      ? ?    'X-RAY DIFFRACTION' ? 
r_mcbond_it                  2.523  2.686  ? 465  'X-RAY DIFFRACTION' ? 
r_mcbond_other               2.493  2.677  ? 464  'X-RAY DIFFRACTION' ? 
r_mcangle_it                 3.724  3.990  ? 583  'X-RAY DIFFRACTION' ? 
r_mcangle_other              3.739  3.999  ? 584  'X-RAY DIFFRACTION' ? 
r_scbond_it                  4.064  3.203  ? 446  'X-RAY DIFFRACTION' ? 
r_scbond_other               4.061  3.207  ? 447  'X-RAY DIFFRACTION' ? 
r_scangle_it                 ?      ?      ? ?    'X-RAY DIFFRACTION' ? 
r_scangle_other              6.207  4.609  ? 656  'X-RAY DIFFRACTION' ? 
r_long_range_B_refined       7.886  31.991 ? 911  'X-RAY DIFFRACTION' ? 
r_long_range_B_other         7.815  31.700 ? 900  'X-RAY DIFFRACTION' ? 
r_rigid_bond_restr           ?      ?      ? ?    'X-RAY DIFFRACTION' ? 
r_sphericity_free            ?      ?      ? ?    'X-RAY DIFFRACTION' ? 
r_sphericity_bonded          ?      ?      ? ?    'X-RAY DIFFRACTION' ? 
# 
_refine_ls_shell.pdbx_refine_id                   'X-RAY DIFFRACTION' 
_refine_ls_shell.pdbx_total_number_of_bins_used   20 
_refine_ls_shell.d_res_high                       1.410 
_refine_ls_shell.d_res_low                        1.447 
_refine_ls_shell.number_reflns_R_work             1345 
_refine_ls_shell.R_factor_R_work                  0.331 
_refine_ls_shell.percent_reflns_obs               100.00 
_refine_ls_shell.R_factor_R_free                  0.354 
_refine_ls_shell.R_factor_R_free_error            ? 
_refine_ls_shell.percent_reflns_R_free            ? 
_refine_ls_shell.number_reflns_R_free             63 
_refine_ls_shell.number_reflns_all                ? 
_refine_ls_shell.R_factor_all                     ? 
# 
_struct.entry_id                  7IBM 
_struct.title                     
;PanDDA analysis group deposition -- SARS-CoV-2 Nsp1 crystal A05 (dataset 1) from the KIT library screening campaign, data used for ground state calculation
;
_struct.pdbx_CASP_flag            N 
_struct.pdbx_model_details        ? 
_struct.pdbx_model_type_details   ? 
# 
_struct_keywords.entry_id        7IBM 
_struct_keywords.pdbx_keywords   'VIRAL PROTEIN' 
_struct_keywords.text            'SARS-CoV-2, fragment screen, Nsp1, KIT library, VIRAL PROTEIN' 
# 
loop_
_struct_asym.id 
_struct_asym.pdbx_blank_PDB_chainid_flag 
_struct_asym.pdbx_modified 
_struct_asym.entity_id 
_struct_asym.details 
A N N 1 ? 
B N N 2 ? 
# 
_struct_ref.id                         1 
_struct_ref.db_name                    UNP 
_struct_ref.db_code                    R1AB_SARS2 
_struct_ref.pdbx_db_accession          P0DTD1 
_struct_ref.pdbx_db_isoform            ? 
_struct_ref.entity_id                  1 
_struct_ref.pdbx_seq_one_letter_code   
;EKTHVQLSLPVLQVRDVLVRGFGDSVEEVLSEARQHLKDGTCGLVEVEKGVLPQLEQPYVFIKRSDARTAPHGHVMVELV
AELEGIQYGRSGETLGVLVPHVGEIPVAYRKVLLRK
;
_struct_ref.pdbx_align_begin           10 
# 
_struct_ref_seq.align_id                      1 
_struct_ref_seq.ref_id                        1 
_struct_ref_seq.pdbx_PDB_id_code              7IBM 
_struct_ref_seq.pdbx_strand_id                A 
_struct_ref_seq.seq_align_beg                 1 
_struct_ref_seq.pdbx_seq_align_beg_ins_code   ? 
_struct_ref_seq.seq_align_end                 116 
_struct_ref_seq.pdbx_seq_align_end_ins_code   ? 
_struct_ref_seq.pdbx_db_accession             P0DTD1 
_struct_ref_seq.db_align_beg                  10 
_struct_ref_seq.pdbx_db_align_beg_ins_code    ? 
_struct_ref_seq.db_align_end                  125 
_struct_ref_seq.pdbx_db_align_end_ins_code    ? 
_struct_ref_seq.pdbx_auth_seq_align_beg       10 
_struct_ref_seq.pdbx_auth_seq_align_end       125 
# 
_pdbx_struct_assembly.id                   1 
_pdbx_struct_assembly.details              author_and_software_defined_assembly 
_pdbx_struct_assembly.method_details       PISA 
_pdbx_struct_assembly.oligomeric_details   monomeric 
_pdbx_struct_assembly.oligomeric_count     1 
# 
loop_
_pdbx_struct_assembly_prop.biol_id 
_pdbx_struct_assembly_prop.type 
_pdbx_struct_assembly_prop.value 
_pdbx_struct_assembly_prop.details 
1 'ABSA (A^2)' 0    ? 
1 MORE         0    ? 
1 'SSA (A^2)'  6420 ? 
# 
_pdbx_struct_assembly_gen.assembly_id       1 
_pdbx_struct_assembly_gen.oper_expression   1 
_pdbx_struct_assembly_gen.asym_id_list      A,B 
# 
_pdbx_struct_oper_list.id                   1 
_pdbx_struct_oper_list.type                 'identity operation' 
_pdbx_struct_oper_list.name                 1_555 
_pdbx_struct_oper_list.symmetry_operation   x,y,z 
_pdbx_struct_oper_list.matrix[1][1]         1.0000000000 
_pdbx_struct_oper_list.matrix[1][2]         0.0000000000 
_pdbx_struct_oper_list.matrix[1][3]         0.0000000000 
_pdbx_struct_oper_list.vector[1]            0.0000000000 
_pdbx_struct_oper_list.matrix[2][1]         0.0000000000 
_pdbx_struct_oper_list.matrix[2][2]         1.0000000000 
_pdbx_struct_oper_list.matrix[2][3]         0.0000000000 
_pdbx_struct_oper_list.vector[2]            0.0000000000 
_pdbx_struct_oper_list.matrix[3][1]         0.0000000000 
_pdbx_struct_oper_list.matrix[3][2]         0.0000000000 
_pdbx_struct_oper_list.matrix[3][3]         1.0000000000 
_pdbx_struct_oper_list.vector[3]            0.0000000000 
# 
loop_
_struct_conf.conf_type_id 
_struct_conf.id 
_struct_conf.pdbx_PDB_helix_id 
_struct_conf.beg_label_comp_id 
_struct_conf.beg_label_asym_id 
_struct_conf.beg_label_seq_id 
_struct_conf.pdbx_beg_PDB_ins_code 
_struct_conf.end_label_comp_id 
_struct_conf.end_label_asym_id 
_struct_conf.end_label_seq_id 
_struct_conf.pdbx_end_PDB_ins_code 
_struct_conf.beg_auth_comp_id 
_struct_conf.beg_auth_asym_id 
_struct_conf.beg_auth_seq_id 
_struct_conf.end_auth_comp_id 
_struct_conf.end_auth_asym_id 
_struct_conf.end_auth_seq_id 
_struct_conf.pdbx_PDB_helix_class 
_struct_conf.details 
_struct_conf.pdbx_PDB_helix_length 
HELX_P HELX_P1 AA1 GLN A 13 ? VAL A 17 ? GLN A 22 VAL A 26 5 ? 5  
HELX_P HELX_P2 AA2 SER A 25 ? GLY A 40 ? SER A 34 GLY A 49 1 ? 16 
HELX_P HELX_P3 AA3 VAL A 51 ? LEU A 55 ? VAL A 60 LEU A 64 5 ? 5  
HELX_P HELX_P4 AA4 ALA A 70 ? HIS A 74 ? ALA A 79 HIS A 83 5 ? 5  
# 
_struct_conf_type.id          HELX_P 
_struct_conf_type.criteria    ? 
_struct_conf_type.reference   ? 
# 
_struct_mon_prot_cis.pdbx_id                1 
_struct_mon_prot_cis.label_comp_id          GLN 
_struct_mon_prot_cis.label_seq_id           57 
_struct_mon_prot_cis.label_asym_id          A 
_struct_mon_prot_cis.label_alt_id           . 
_struct_mon_prot_cis.pdbx_PDB_ins_code      ? 
_struct_mon_prot_cis.auth_comp_id           GLN 
_struct_mon_prot_cis.auth_seq_id            66 
_struct_mon_prot_cis.auth_asym_id           A 
_struct_mon_prot_cis.pdbx_label_comp_id_2   PRO 
_struct_mon_prot_cis.pdbx_label_seq_id_2    58 
_struct_mon_prot_cis.pdbx_label_asym_id_2   A 
_struct_mon_prot_cis.pdbx_PDB_ins_code_2    ? 
_struct_mon_prot_cis.pdbx_auth_comp_id_2    PRO 
_struct_mon_prot_cis.pdbx_auth_seq_id_2     67 
_struct_mon_prot_cis.pdbx_auth_asym_id_2    A 
_struct_mon_prot_cis.pdbx_PDB_model_num     1 
_struct_mon_prot_cis.pdbx_omega_angle       -6.93 
# 
_struct_sheet.id               AA1 
_struct_sheet.type             ? 
_struct_sheet.number_strands   8 
_struct_sheet.details          ? 
# 
loop_
_struct_sheet_order.sheet_id 
_struct_sheet_order.range_id_1 
_struct_sheet_order.range_id_2 
_struct_sheet_order.offset 
_struct_sheet_order.sense 
AA1 1 2 ? anti-parallel 
AA1 2 3 ? parallel      
AA1 3 4 ? anti-parallel 
AA1 4 5 ? parallel      
AA1 5 6 ? anti-parallel 
AA1 6 7 ? anti-parallel 
AA1 7 8 ? anti-parallel 
# 
loop_
_struct_sheet_range.sheet_id 
_struct_sheet_range.id 
_struct_sheet_range.beg_label_comp_id 
_struct_sheet_range.beg_label_asym_id 
_struct_sheet_range.beg_label_seq_id 
_struct_sheet_range.pdbx_beg_PDB_ins_code 
_struct_sheet_range.end_label_comp_id 
_struct_sheet_range.end_label_asym_id 
_struct_sheet_range.end_label_seq_id 
_struct_sheet_range.pdbx_end_PDB_ins_code 
_struct_sheet_range.beg_auth_comp_id 
_struct_sheet_range.beg_auth_asym_id 
_struct_sheet_range.beg_auth_seq_id 
_struct_sheet_range.end_auth_comp_id 
_struct_sheet_range.end_auth_asym_id 
_struct_sheet_range.end_auth_seq_id 
AA1 1 ILE A 86  ? TYR A 88  ? ILE A 95  TYR A 97  
AA1 2 VAL A 75  ? LEU A 83  ? VAL A 84  LEU A 92  
AA1 3 ALA A 108 ? ARG A 115 ? ALA A 117 ARG A 124 
AA1 4 HIS A 4   ? VAL A 11  ? HIS A 13  VAL A 20  
AA1 5 CYS A 42  ? VAL A 45  ? CYS A 51  VAL A 54  
AA1 6 THR A 94  ? PRO A 100 ? THR A 103 PRO A 109 
AA1 7 TYR A 59  ? ARG A 64  ? TYR A 68  ARG A 73  
AA1 8 VAL A 75  ? LEU A 83  ? VAL A 84  LEU A 92  
# 
loop_
_pdbx_struct_sheet_hbond.sheet_id 
_pdbx_struct_sheet_hbond.range_id_1 
_pdbx_struct_sheet_hbond.range_id_2 
_pdbx_struct_sheet_hbond.range_1_label_atom_id 
_pdbx_struct_sheet_hbond.range_1_label_comp_id 
_pdbx_struct_sheet_hbond.range_1_label_asym_id 
_pdbx_struct_sheet_hbond.range_1_label_seq_id 
_pdbx_struct_sheet_hbond.range_1_PDB_ins_code 
_pdbx_struct_sheet_hbond.range_1_auth_atom_id 
_pdbx_struct_sheet_hbond.range_1_auth_comp_id 
_pdbx_struct_sheet_hbond.range_1_auth_asym_id 
_pdbx_struct_sheet_hbond.range_1_auth_seq_id 
_pdbx_struct_sheet_hbond.range_2_label_atom_id 
_pdbx_struct_sheet_hbond.range_2_label_comp_id 
_pdbx_struct_sheet_hbond.range_2_label_asym_id 
_pdbx_struct_sheet_hbond.range_2_label_seq_id 
_pdbx_struct_sheet_hbond.range_2_PDB_ins_code 
_pdbx_struct_sheet_hbond.range_2_auth_atom_id 
_pdbx_struct_sheet_hbond.range_2_auth_comp_id 
_pdbx_struct_sheet_hbond.range_2_auth_asym_id 
_pdbx_struct_sheet_hbond.range_2_auth_seq_id 
AA1 1 2 O ILE A 86  ? O ILE A 95  N LEU A 83  ? N LEU A 92  
AA1 2 3 N VAL A 77  ? N VAL A 86  O ARG A 115 ? O ARG A 124 
AA1 3 4 O LEU A 114 ? O LEU A 123 N VAL A 5   ? N VAL A 14  
AA1 4 5 N PRO A 10  ? N PRO A 19  O LEU A 44  ? O LEU A 53  
AA1 5 6 N GLY A 43  ? N GLY A 52  O VAL A 99  ? O VAL A 108 
AA1 6 7 O LEU A 98  ? O LEU A 107 N VAL A 60  ? N VAL A 69  
AA1 7 8 N PHE A 61  ? N PHE A 70  O VAL A 80  ? O VAL A 89  
# 
_pdbx_entry_details.entry_id                   7IBM 
_pdbx_entry_details.has_ligand_of_interest     N 
_pdbx_entry_details.compound_details           ? 
_pdbx_entry_details.source_details             ? 
_pdbx_entry_details.nonpolymer_details         ? 
_pdbx_entry_details.sequence_details           ? 
_pdbx_entry_details.has_protein_modification   N 
# 
_pdbx_validate_close_contact.id               1 
_pdbx_validate_close_contact.PDB_model_num    1 
_pdbx_validate_close_contact.auth_atom_id_1   O 
_pdbx_validate_close_contact.auth_asym_id_1   A 
_pdbx_validate_close_contact.auth_comp_id_1   HOH 
_pdbx_validate_close_contact.auth_seq_id_1    263 
_pdbx_validate_close_contact.PDB_ins_code_1   ? 
_pdbx_validate_close_contact.label_alt_id_1   ? 
_pdbx_validate_close_contact.auth_atom_id_2   O 
_pdbx_validate_close_contact.auth_asym_id_2   A 
_pdbx_validate_close_contact.auth_comp_id_2   HOH 
_pdbx_validate_close_contact.auth_seq_id_2    271 
_pdbx_validate_close_contact.PDB_ins_code_2   ? 
_pdbx_validate_close_contact.label_alt_id_2   ? 
_pdbx_validate_close_contact.dist             2.05 
# 
_pdbx_validate_symm_contact.id                1 
_pdbx_validate_symm_contact.PDB_model_num     1 
_pdbx_validate_symm_contact.auth_atom_id_1    O 
_pdbx_validate_symm_contact.auth_asym_id_1    A 
_pdbx_validate_symm_contact.auth_comp_id_1    HOH 
_pdbx_validate_symm_contact.auth_seq_id_1     218 
_pdbx_validate_symm_contact.PDB_ins_code_1    ? 
_pdbx_validate_symm_contact.label_alt_id_1    ? 
_pdbx_validate_symm_contact.site_symmetry_1   1_555 
_pdbx_validate_symm_contact.auth_atom_id_2    O 
_pdbx_validate_symm_contact.auth_asym_id_2    A 
_pdbx_validate_symm_contact.auth_comp_id_2    HOH 
_pdbx_validate_symm_contact.auth_seq_id_2     258 
_pdbx_validate_symm_contact.PDB_ins_code_2    ? 
_pdbx_validate_symm_contact.label_alt_id_2    ? 
_pdbx_validate_symm_contact.site_symmetry_2   7_645 
_pdbx_validate_symm_contact.dist              2.11 
# 
_pdbx_validate_rmsd_angle.id                         1 
_pdbx_validate_rmsd_angle.PDB_model_num              1 
_pdbx_validate_rmsd_angle.auth_atom_id_1             CG 
_pdbx_validate_rmsd_angle.auth_asym_id_1             A 
_pdbx_validate_rmsd_angle.auth_comp_id_1             ARG 
_pdbx_validate_rmsd_angle.auth_seq_id_1              99 
_pdbx_validate_rmsd_angle.PDB_ins_code_1             ? 
_pdbx_validate_rmsd_angle.label_alt_id_1             ? 
_pdbx_validate_rmsd_angle.auth_atom_id_2             CD 
_pdbx_validate_rmsd_angle.auth_asym_id_2             A 
_pdbx_validate_rmsd_angle.auth_comp_id_2             ARG 
_pdbx_validate_rmsd_angle.auth_seq_id_2              99 
_pdbx_validate_rmsd_angle.PDB_ins_code_2             ? 
_pdbx_validate_rmsd_angle.label_alt_id_2             ? 
_pdbx_validate_rmsd_angle.auth_atom_id_3             NE 
_pdbx_validate_rmsd_angle.auth_asym_id_3             A 
_pdbx_validate_rmsd_angle.auth_comp_id_3             ARG 
_pdbx_validate_rmsd_angle.auth_seq_id_3              99 
_pdbx_validate_rmsd_angle.PDB_ins_code_3             ? 
_pdbx_validate_rmsd_angle.label_alt_id_3             ? 
_pdbx_validate_rmsd_angle.angle_value                98.04 
_pdbx_validate_rmsd_angle.angle_target_value         111.80 
_pdbx_validate_rmsd_angle.angle_deviation            -13.76 
_pdbx_validate_rmsd_angle.angle_standard_deviation   2.10 
_pdbx_validate_rmsd_angle.linker_flag                N 
# 
loop_
_pdbx_struct_special_symmetry.id 
_pdbx_struct_special_symmetry.PDB_model_num 
_pdbx_struct_special_symmetry.auth_asym_id 
_pdbx_struct_special_symmetry.auth_comp_id 
_pdbx_struct_special_symmetry.auth_seq_id 
_pdbx_struct_special_symmetry.PDB_ins_code 
_pdbx_struct_special_symmetry.label_asym_id 
_pdbx_struct_special_symmetry.label_comp_id 
_pdbx_struct_special_symmetry.label_seq_id 
1 1 A HOH 206 ? B HOH . 
2 1 A HOH 217 ? B HOH . 
3 1 A HOH 223 ? B HOH . 
# 
loop_
_pdbx_unobs_or_zero_occ_residues.id 
_pdbx_unobs_or_zero_occ_residues.PDB_model_num 
_pdbx_unobs_or_zero_occ_residues.polymer_flag 
_pdbx_unobs_or_zero_occ_residues.occupancy_flag 
_pdbx_unobs_or_zero_occ_residues.auth_asym_id 
_pdbx_unobs_or_zero_occ_residues.auth_comp_id 
_pdbx_unobs_or_zero_occ_residues.auth_seq_id 
_pdbx_unobs_or_zero_occ_residues.PDB_ins_code 
_pdbx_unobs_or_zero_occ_residues.label_asym_id 
_pdbx_unobs_or_zero_occ_residues.label_comp_id 
_pdbx_unobs_or_zero_occ_residues.label_seq_id 
1 1 Y 1 A GLU 10 ? A GLU 1  
2 1 Y 1 A ARG 77 ? A ARG 68 
3 1 Y 1 A THR 78 ? A THR 69 
# 
loop_
_chem_comp_atom.comp_id 
_chem_comp_atom.atom_id 
_chem_comp_atom.type_symbol 
_chem_comp_atom.pdbx_aromatic_flag 
_chem_comp_atom.pdbx_stereo_config 
_chem_comp_atom.pdbx_ordinal 
ALA N    N N N 1   
ALA CA   C N S 2   
ALA C    C N N 3   
ALA O    O N N 4   
ALA CB   C N N 5   
ALA OXT  O N N 6   
ALA H    H N N 7   
ALA H2   H N N 8   
ALA HA   H N N 9   
ALA HB1  H N N 10  
ALA HB2  H N N 11  
ALA HB3  H N N 12  
ALA HXT  H N N 13  
ARG N    N N N 14  
ARG CA   C N S 15  
ARG C    C N N 16  
ARG O    O N N 17  
ARG CB   C N N 18  
ARG CG   C N N 19  
ARG CD   C N N 20  
ARG NE   N N N 21  
ARG CZ   C N N 22  
ARG NH1  N N N 23  
ARG NH2  N N N 24  
ARG OXT  O N N 25  
ARG H    H N N 26  
ARG H2   H N N 27  
ARG HA   H N N 28  
ARG HB2  H N N 29  
ARG HB3  H N N 30  
ARG HG2  H N N 31  
ARG HG3  H N N 32  
ARG HD2  H N N 33  
ARG HD3  H N N 34  
ARG HE   H N N 35  
ARG HH11 H N N 36  
ARG HH12 H N N 37  
ARG HH21 H N N 38  
ARG HH22 H N N 39  
ARG HXT  H N N 40  
ASP N    N N N 41  
ASP CA   C N S 42  
ASP C    C N N 43  
ASP O    O N N 44  
ASP CB   C N N 45  
ASP CG   C N N 46  
ASP OD1  O N N 47  
ASP OD2  O N N 48  
ASP OXT  O N N 49  
ASP H    H N N 50  
ASP H2   H N N 51  
ASP HA   H N N 52  
ASP HB2  H N N 53  
ASP HB3  H N N 54  
ASP HD2  H N N 55  
ASP HXT  H N N 56  
CYS N    N N N 57  
CYS CA   C N R 58  
CYS C    C N N 59  
CYS O    O N N 60  
CYS CB   C N N 61  
CYS SG   S N N 62  
CYS OXT  O N N 63  
CYS H    H N N 64  
CYS H2   H N N 65  
CYS HA   H N N 66  
CYS HB2  H N N 67  
CYS HB3  H N N 68  
CYS HG   H N N 69  
CYS HXT  H N N 70  
GLN N    N N N 71  
GLN CA   C N S 72  
GLN C    C N N 73  
GLN O    O N N 74  
GLN CB   C N N 75  
GLN CG   C N N 76  
GLN CD   C N N 77  
GLN OE1  O N N 78  
GLN NE2  N N N 79  
GLN OXT  O N N 80  
GLN H    H N N 81  
GLN H2   H N N 82  
GLN HA   H N N 83  
GLN HB2  H N N 84  
GLN HB3  H N N 85  
GLN HG2  H N N 86  
GLN HG3  H N N 87  
GLN HE21 H N N 88  
GLN HE22 H N N 89  
GLN HXT  H N N 90  
GLU N    N N N 91  
GLU CA   C N S 92  
GLU C    C N N 93  
GLU O    O N N 94  
GLU CB   C N N 95  
GLU CG   C N N 96  
GLU CD   C N N 97  
GLU OE1  O N N 98  
GLU OE2  O N N 99  
GLU OXT  O N N 100 
GLU H    H N N 101 
GLU H2   H N N 102 
GLU HA   H N N 103 
GLU HB2  H N N 104 
GLU HB3  H N N 105 
GLU HG2  H N N 106 
GLU HG3  H N N 107 
GLU HE2  H N N 108 
GLU HXT  H N N 109 
GLY N    N N N 110 
GLY CA   C N N 111 
GLY C    C N N 112 
GLY O    O N N 113 
GLY OXT  O N N 114 
GLY H    H N N 115 
GLY H2   H N N 116 
GLY HA2  H N N 117 
GLY HA3  H N N 118 
GLY HXT  H N N 119 
HIS N    N N N 120 
HIS CA   C N S 121 
HIS C    C N N 122 
HIS O    O N N 123 
HIS CB   C N N 124 
HIS CG   C Y N 125 
HIS ND1  N Y N 126 
HIS CD2  C Y N 127 
HIS CE1  C Y N 128 
HIS NE2  N Y N 129 
HIS OXT  O N N 130 
HIS H    H N N 131 
HIS H2   H N N 132 
HIS HA   H N N 133 
HIS HB2  H N N 134 
HIS HB3  H N N 135 
HIS HD1  H N N 136 
HIS HD2  H N N 137 
HIS HE1  H N N 138 
HIS HE2  H N N 139 
HIS HXT  H N N 140 
HOH O    O N N 141 
HOH H1   H N N 142 
HOH H2   H N N 143 
ILE N    N N N 144 
ILE CA   C N S 145 
ILE C    C N N 146 
ILE O    O N N 147 
ILE CB   C N S 148 
ILE CG1  C N N 149 
ILE CG2  C N N 150 
ILE CD1  C N N 151 
ILE OXT  O N N 152 
ILE H    H N N 153 
ILE H2   H N N 154 
ILE HA   H N N 155 
ILE HB   H N N 156 
ILE HG12 H N N 157 
ILE HG13 H N N 158 
ILE HG21 H N N 159 
ILE HG22 H N N 160 
ILE HG23 H N N 161 
ILE HD11 H N N 162 
ILE HD12 H N N 163 
ILE HD13 H N N 164 
ILE HXT  H N N 165 
LEU N    N N N 166 
LEU CA   C N S 167 
LEU C    C N N 168 
LEU O    O N N 169 
LEU CB   C N N 170 
LEU CG   C N N 171 
LEU CD1  C N N 172 
LEU CD2  C N N 173 
LEU OXT  O N N 174 
LEU H    H N N 175 
LEU H2   H N N 176 
LEU HA   H N N 177 
LEU HB2  H N N 178 
LEU HB3  H N N 179 
LEU HG   H N N 180 
LEU HD11 H N N 181 
LEU HD12 H N N 182 
LEU HD13 H N N 183 
LEU HD21 H N N 184 
LEU HD22 H N N 185 
LEU HD23 H N N 186 
LEU HXT  H N N 187 
LYS N    N N N 188 
LYS CA   C N S 189 
LYS C    C N N 190 
LYS O    O N N 191 
LYS CB   C N N 192 
LYS CG   C N N 193 
LYS CD   C N N 194 
LYS CE   C N N 195 
LYS NZ   N N N 196 
LYS OXT  O N N 197 
LYS H    H N N 198 
LYS H2   H N N 199 
LYS HA   H N N 200 
LYS HB2  H N N 201 
LYS HB3  H N N 202 
LYS HG2  H N N 203 
LYS HG3  H N N 204 
LYS HD2  H N N 205 
LYS HD3  H N N 206 
LYS HE2  H N N 207 
LYS HE3  H N N 208 
LYS HZ1  H N N 209 
LYS HZ2  H N N 210 
LYS HZ3  H N N 211 
LYS HXT  H N N 212 
MET N    N N N 213 
MET CA   C N S 214 
MET C    C N N 215 
MET O    O N N 216 
MET CB   C N N 217 
MET CG   C N N 218 
MET SD   S N N 219 
MET CE   C N N 220 
MET OXT  O N N 221 
MET H    H N N 222 
MET H2   H N N 223 
MET HA   H N N 224 
MET HB2  H N N 225 
MET HB3  H N N 226 
MET HG2  H N N 227 
MET HG3  H N N 228 
MET HE1  H N N 229 
MET HE2  H N N 230 
MET HE3  H N N 231 
MET HXT  H N N 232 
PHE N    N N N 233 
PHE CA   C N S 234 
PHE C    C N N 235 
PHE O    O N N 236 
PHE CB   C N N 237 
PHE CG   C Y N 238 
PHE CD1  C Y N 239 
PHE CD2  C Y N 240 
PHE CE1  C Y N 241 
PHE CE2  C Y N 242 
PHE CZ   C Y N 243 
PHE OXT  O N N 244 
PHE H    H N N 245 
PHE H2   H N N 246 
PHE HA   H N N 247 
PHE HB2  H N N 248 
PHE HB3  H N N 249 
PHE HD1  H N N 250 
PHE HD2  H N N 251 
PHE HE1  H N N 252 
PHE HE2  H N N 253 
PHE HZ   H N N 254 
PHE HXT  H N N 255 
PRO N    N N N 256 
PRO CA   C N S 257 
PRO C    C N N 258 
PRO O    O N N 259 
PRO CB   C N N 260 
PRO CG   C N N 261 
PRO CD   C N N 262 
PRO OXT  O N N 263 
PRO H    H N N 264 
PRO HA   H N N 265 
PRO HB2  H N N 266 
PRO HB3  H N N 267 
PRO HG2  H N N 268 
PRO HG3  H N N 269 
PRO HD2  H N N 270 
PRO HD3  H N N 271 
PRO HXT  H N N 272 
SER N    N N N 273 
SER CA   C N S 274 
SER C    C N N 275 
SER O    O N N 276 
SER CB   C N N 277 
SER OG   O N N 278 
SER OXT  O N N 279 
SER H    H N N 280 
SER H2   H N N 281 
SER HA   H N N 282 
SER HB2  H N N 283 
SER HB3  H N N 284 
SER HG   H N N 285 
SER HXT  H N N 286 
THR N    N N N 287 
THR CA   C N S 288 
THR C    C N N 289 
THR O    O N N 290 
THR CB   C N R 291 
THR OG1  O N N 292 
THR CG2  C N N 293 
THR OXT  O N N 294 
THR H    H N N 295 
THR H2   H N N 296 
THR HA   H N N 297 
THR HB   H N N 298 
THR HG1  H N N 299 
THR HG21 H N N 300 
THR HG22 H N N 301 
THR HG23 H N N 302 
THR HXT  H N N 303 
TYR N    N N N 304 
TYR CA   C N S 305 
TYR C    C N N 306 
TYR O    O N N 307 
TYR CB   C N N 308 
TYR CG   C Y N 309 
TYR CD1  C Y N 310 
TYR CD2  C Y N 311 
TYR CE1  C Y N 312 
TYR CE2  C Y N 313 
TYR CZ   C Y N 314 
TYR OH   O N N 315 
TYR OXT  O N N 316 
TYR H    H N N 317 
TYR H2   H N N 318 
TYR HA   H N N 319 
TYR HB2  H N N 320 
TYR HB3  H N N 321 
TYR HD1  H N N 322 
TYR HD2  H N N 323 
TYR HE1  H N N 324 
TYR HE2  H N N 325 
TYR HH   H N N 326 
TYR HXT  H N N 327 
VAL N    N N N 328 
VAL CA   C N S 329 
VAL C    C N N 330 
VAL O    O N N 331 
VAL CB   C N N 332 
VAL CG1  C N N 333 
VAL CG2  C N N 334 
VAL OXT  O N N 335 
VAL H    H N N 336 
VAL H2   H N N 337 
VAL HA   H N N 338 
VAL HB   H N N 339 
VAL HG11 H N N 340 
VAL HG12 H N N 341 
VAL HG13 H N N 342 
VAL HG21 H N N 343 
VAL HG22 H N N 344 
VAL HG23 H N N 345 
VAL HXT  H N N 346 
# 
loop_
_chem_comp_bond.comp_id 
_chem_comp_bond.atom_id_1 
_chem_comp_bond.atom_id_2 
_chem_comp_bond.value_order 
_chem_comp_bond.pdbx_aromatic_flag 
_chem_comp_bond.pdbx_stereo_config 
_chem_comp_bond.pdbx_ordinal 
ALA N   CA   sing N N 1   
ALA N   H    sing N N 2   
ALA N   H2   sing N N 3   
ALA CA  C    sing N N 4   
ALA CA  CB   sing N N 5   
ALA CA  HA   sing N N 6   
ALA C   O    doub N N 7   
ALA C   OXT  sing N N 8   
ALA CB  HB1  sing N N 9   
ALA CB  HB2  sing N N 10  
ALA CB  HB3  sing N N 11  
ALA OXT HXT  sing N N 12  
ARG N   CA   sing N N 13  
ARG N   H    sing N N 14  
ARG N   H2   sing N N 15  
ARG CA  C    sing N N 16  
ARG CA  CB   sing N N 17  
ARG CA  HA   sing N N 18  
ARG C   O    doub N N 19  
ARG C   OXT  sing N N 20  
ARG CB  CG   sing N N 21  
ARG CB  HB2  sing N N 22  
ARG CB  HB3  sing N N 23  
ARG CG  CD   sing N N 24  
ARG CG  HG2  sing N N 25  
ARG CG  HG3  sing N N 26  
ARG CD  NE   sing N N 27  
ARG CD  HD2  sing N N 28  
ARG CD  HD3  sing N N 29  
ARG NE  CZ   sing N N 30  
ARG NE  HE   sing N N 31  
ARG CZ  NH1  sing N N 32  
ARG CZ  NH2  doub N N 33  
ARG NH1 HH11 sing N N 34  
ARG NH1 HH12 sing N N 35  
ARG NH2 HH21 sing N N 36  
ARG NH2 HH22 sing N N 37  
ARG OXT HXT  sing N N 38  
ASP N   CA   sing N N 39  
ASP N   H    sing N N 40  
ASP N   H2   sing N N 41  
ASP CA  C    sing N N 42  
ASP CA  CB   sing N N 43  
ASP CA  HA   sing N N 44  
ASP C   O    doub N N 45  
ASP C   OXT  sing N N 46  
ASP CB  CG   sing N N 47  
ASP CB  HB2  sing N N 48  
ASP CB  HB3  sing N N 49  
ASP CG  OD1  doub N N 50  
ASP CG  OD2  sing N N 51  
ASP OD2 HD2  sing N N 52  
ASP OXT HXT  sing N N 53  
CYS N   CA   sing N N 54  
CYS N   H    sing N N 55  
CYS N   H2   sing N N 56  
CYS CA  C    sing N N 57  
CYS CA  CB   sing N N 58  
CYS CA  HA   sing N N 59  
CYS C   O    doub N N 60  
CYS C   OXT  sing N N 61  
CYS CB  SG   sing N N 62  
CYS CB  HB2  sing N N 63  
CYS CB  HB3  sing N N 64  
CYS SG  HG   sing N N 65  
CYS OXT HXT  sing N N 66  
GLN N   CA   sing N N 67  
GLN N   H    sing N N 68  
GLN N   H2   sing N N 69  
GLN CA  C    sing N N 70  
GLN CA  CB   sing N N 71  
GLN CA  HA   sing N N 72  
GLN C   O    doub N N 73  
GLN C   OXT  sing N N 74  
GLN CB  CG   sing N N 75  
GLN CB  HB2  sing N N 76  
GLN CB  HB3  sing N N 77  
GLN CG  CD   sing N N 78  
GLN CG  HG2  sing N N 79  
GLN CG  HG3  sing N N 80  
GLN CD  OE1  doub N N 81  
GLN CD  NE2  sing N N 82  
GLN NE2 HE21 sing N N 83  
GLN NE2 HE22 sing N N 84  
GLN OXT HXT  sing N N 85  
GLU N   CA   sing N N 86  
GLU N   H    sing N N 87  
GLU N   H2   sing N N 88  
GLU CA  C    sing N N 89  
GLU CA  CB   sing N N 90  
GLU CA  HA   sing N N 91  
GLU C   O    doub N N 92  
GLU C   OXT  sing N N 93  
GLU CB  CG   sing N N 94  
GLU CB  HB2  sing N N 95  
GLU CB  HB3  sing N N 96  
GLU CG  CD   sing N N 97  
GLU CG  HG2  sing N N 98  
GLU CG  HG3  sing N N 99  
GLU CD  OE1  doub N N 100 
GLU CD  OE2  sing N N 101 
GLU OE2 HE2  sing N N 102 
GLU OXT HXT  sing N N 103 
GLY N   CA   sing N N 104 
GLY N   H    sing N N 105 
GLY N   H2   sing N N 106 
GLY CA  C    sing N N 107 
GLY CA  HA2  sing N N 108 
GLY CA  HA3  sing N N 109 
GLY C   O    doub N N 110 
GLY C   OXT  sing N N 111 
GLY OXT HXT  sing N N 112 
HIS N   CA   sing N N 113 
HIS N   H    sing N N 114 
HIS N   H2   sing N N 115 
HIS CA  C    sing N N 116 
HIS CA  CB   sing N N 117 
HIS CA  HA   sing N N 118 
HIS C   O    doub N N 119 
HIS C   OXT  sing N N 120 
HIS CB  CG   sing N N 121 
HIS CB  HB2  sing N N 122 
HIS CB  HB3  sing N N 123 
HIS CG  ND1  sing Y N 124 
HIS CG  CD2  doub Y N 125 
HIS ND1 CE1  doub Y N 126 
HIS ND1 HD1  sing N N 127 
HIS CD2 NE2  sing Y N 128 
HIS CD2 HD2  sing N N 129 
HIS CE1 NE2  sing Y N 130 
HIS CE1 HE1  sing N N 131 
HIS NE2 HE2  sing N N 132 
HIS OXT HXT  sing N N 133 
HOH O   H1   sing N N 134 
HOH O   H2   sing N N 135 
ILE N   CA   sing N N 136 
ILE N   H    sing N N 137 
ILE N   H2   sing N N 138 
ILE CA  C    sing N N 139 
ILE CA  CB   sing N N 140 
ILE CA  HA   sing N N 141 
ILE C   O    doub N N 142 
ILE C   OXT  sing N N 143 
ILE CB  CG1  sing N N 144 
ILE CB  CG2  sing N N 145 
ILE CB  HB   sing N N 146 
ILE CG1 CD1  sing N N 147 
ILE CG1 HG12 sing N N 148 
ILE CG1 HG13 sing N N 149 
ILE CG2 HG21 sing N N 150 
ILE CG2 HG22 sing N N 151 
ILE CG2 HG23 sing N N 152 
ILE CD1 HD11 sing N N 153 
ILE CD1 HD12 sing N N 154 
ILE CD1 HD13 sing N N 155 
ILE OXT HXT  sing N N 156 
LEU N   CA   sing N N 157 
LEU N   H    sing N N 158 
LEU N   H2   sing N N 159 
LEU CA  C    sing N N 160 
LEU CA  CB   sing N N 161 
LEU CA  HA   sing N N 162 
LEU C   O    doub N N 163 
LEU C   OXT  sing N N 164 
LEU CB  CG   sing N N 165 
LEU CB  HB2  sing N N 166 
LEU CB  HB3  sing N N 167 
LEU CG  CD1  sing N N 168 
LEU CG  CD2  sing N N 169 
LEU CG  HG   sing N N 170 
LEU CD1 HD11 sing N N 171 
LEU CD1 HD12 sing N N 172 
LEU CD1 HD13 sing N N 173 
LEU CD2 HD21 sing N N 174 
LEU CD2 HD22 sing N N 175 
LEU CD2 HD23 sing N N 176 
LEU OXT HXT  sing N N 177 
LYS N   CA   sing N N 178 
LYS N   H    sing N N 179 
LYS N   H2   sing N N 180 
LYS CA  C    sing N N 181 
LYS CA  CB   sing N N 182 
LYS CA  HA   sing N N 183 
LYS C   O    doub N N 184 
LYS C   OXT  sing N N 185 
LYS CB  CG   sing N N 186 
LYS CB  HB2  sing N N 187 
LYS CB  HB3  sing N N 188 
LYS CG  CD   sing N N 189 
LYS CG  HG2  sing N N 190 
LYS CG  HG3  sing N N 191 
LYS CD  CE   sing N N 192 
LYS CD  HD2  sing N N 193 
LYS CD  HD3  sing N N 194 
LYS CE  NZ   sing N N 195 
LYS CE  HE2  sing N N 196 
LYS CE  HE3  sing N N 197 
LYS NZ  HZ1  sing N N 198 
LYS NZ  HZ2  sing N N 199 
LYS NZ  HZ3  sing N N 200 
LYS OXT HXT  sing N N 201 
MET N   CA   sing N N 202 
MET N   H    sing N N 203 
MET N   H2   sing N N 204 
MET CA  C    sing N N 205 
MET CA  CB   sing N N 206 
MET CA  HA   sing N N 207 
MET C   O    doub N N 208 
MET C   OXT  sing N N 209 
MET CB  CG   sing N N 210 
MET CB  HB2  sing N N 211 
MET CB  HB3  sing N N 212 
MET CG  SD   sing N N 213 
MET CG  HG2  sing N N 214 
MET CG  HG3  sing N N 215 
MET SD  CE   sing N N 216 
MET CE  HE1  sing N N 217 
MET CE  HE2  sing N N 218 
MET CE  HE3  sing N N 219 
MET OXT HXT  sing N N 220 
PHE N   CA   sing N N 221 
PHE N   H    sing N N 222 
PHE N   H2   sing N N 223 
PHE CA  C    sing N N 224 
PHE CA  CB   sing N N 225 
PHE CA  HA   sing N N 226 
PHE C   O    doub N N 227 
PHE C   OXT  sing N N 228 
PHE CB  CG   sing N N 229 
PHE CB  HB2  sing N N 230 
PHE CB  HB3  sing N N 231 
PHE CG  CD1  doub Y N 232 
PHE CG  CD2  sing Y N 233 
PHE CD1 CE1  sing Y N 234 
PHE CD1 HD1  sing N N 235 
PHE CD2 CE2  doub Y N 236 
PHE CD2 HD2  sing N N 237 
PHE CE1 CZ   doub Y N 238 
PHE CE1 HE1  sing N N 239 
PHE CE2 CZ   sing Y N 240 
PHE CE2 HE2  sing N N 241 
PHE CZ  HZ   sing N N 242 
PHE OXT HXT  sing N N 243 
PRO N   CA   sing N N 244 
PRO N   CD   sing N N 245 
PRO N   H    sing N N 246 
PRO CA  C    sing N N 247 
PRO CA  CB   sing N N 248 
PRO CA  HA   sing N N 249 
PRO C   O    doub N N 250 
PRO C   OXT  sing N N 251 
PRO CB  CG   sing N N 252 
PRO CB  HB2  sing N N 253 
PRO CB  HB3  sing N N 254 
PRO CG  CD   sing N N 255 
PRO CG  HG2  sing N N 256 
PRO CG  HG3  sing N N 257 
PRO CD  HD2  sing N N 258 
PRO CD  HD3  sing N N 259 
PRO OXT HXT  sing N N 260 
SER N   CA   sing N N 261 
SER N   H    sing N N 262 
SER N   H2   sing N N 263 
SER CA  C    sing N N 264 
SER CA  CB   sing N N 265 
SER CA  HA   sing N N 266 
SER C   O    doub N N 267 
SER C   OXT  sing N N 268 
SER CB  OG   sing N N 269 
SER CB  HB2  sing N N 270 
SER CB  HB3  sing N N 271 
SER OG  HG   sing N N 272 
SER OXT HXT  sing N N 273 
THR N   CA   sing N N 274 
THR N   H    sing N N 275 
THR N   H2   sing N N 276 
THR CA  C    sing N N 277 
THR CA  CB   sing N N 278 
THR CA  HA   sing N N 279 
THR C   O    doub N N 280 
THR C   OXT  sing N N 281 
THR CB  OG1  sing N N 282 
THR CB  CG2  sing N N 283 
THR CB  HB   sing N N 284 
THR OG1 HG1  sing N N 285 
THR CG2 HG21 sing N N 286 
THR CG2 HG22 sing N N 287 
THR CG2 HG23 sing N N 288 
THR OXT HXT  sing N N 289 
TYR N   CA   sing N N 290 
TYR N   H    sing N N 291 
TYR N   H2   sing N N 292 
TYR CA  C    sing N N 293 
TYR CA  CB   sing N N 294 
TYR CA  HA   sing N N 295 
TYR C   O    doub N N 296 
TYR C   OXT  sing N N 297 
TYR CB  CG   sing N N 298 
TYR CB  HB2  sing N N 299 
TYR CB  HB3  sing N N 300 
TYR CG  CD1  doub Y N 301 
TYR CG  CD2  sing Y N 302 
TYR CD1 CE1  sing Y N 303 
TYR CD1 HD1  sing N N 304 
TYR CD2 CE2  doub Y N 305 
TYR CD2 HD2  sing N N 306 
TYR CE1 CZ   doub Y N 307 
TYR CE1 HE1  sing N N 308 
TYR CE2 CZ   sing Y N 309 
TYR CE2 HE2  sing N N 310 
TYR CZ  OH   sing N N 311 
TYR OH  HH   sing N N 312 
TYR OXT HXT  sing N N 313 
VAL N   CA   sing N N 314 
VAL N   H    sing N N 315 
VAL N   H2   sing N N 316 
VAL CA  C    sing N N 317 
VAL CA  CB   sing N N 318 
VAL CA  HA   sing N N 319 
VAL C   O    doub N N 320 
VAL C   OXT  sing N N 321 
VAL CB  CG1  sing N N 322 
VAL CB  CG2  sing N N 323 
VAL CB  HB   sing N N 324 
VAL CG1 HG11 sing N N 325 
VAL CG1 HG12 sing N N 326 
VAL CG1 HG13 sing N N 327 
VAL CG2 HG21 sing N N 328 
VAL CG2 HG22 sing N N 329 
VAL CG2 HG23 sing N N 330 
VAL OXT HXT  sing N N 331 
# 
_pdbx_audit_support.ordinal                1 
_pdbx_audit_support.funding_organization   'Helmholtz Association' 
_pdbx_audit_support.country                Germany 
# 
_pdbx_deposit_group.group_id            G_1002337 
_pdbx_deposit_group.group_title         
'PanDDA analysis group deposition of SARS-CoV-2 Nsp1 soaked with fragments from the KIT library' 
_pdbx_deposit_group.group_description   
;SARS-CoV-2 Nsp1 soaked with Fragments from the KIT library. Includes refined models for hit compounds with ligands placed into the PanDDA event-map, which is the primary evidence for ligand placement. The event-, average and Z-maps and the 2Fo-Fc and Fo-Fc maps are included in the mmcif file. 2Fo-Fc and Fo-Fc maps are not useful to consider as evidence for ligand placement.
;
_pdbx_deposit_group.group_type          'ground state' 
# 
_pdbx_initial_refinement_model.id               1 
_pdbx_initial_refinement_model.type             'experimental model' 
_pdbx_initial_refinement_model.accession_code   7EQ4 
_pdbx_initial_refinement_model.source_name      PDB 
# 
_atom_sites.entry_id                    7IBM 
_atom_sites.fract_transf_matrix[1][1]   -0.01263377 
_atom_sites.fract_transf_matrix[1][2]   -0.02404839 
_atom_sites.fract_transf_matrix[1][3]   -0.00182144 
_atom_sites.fract_transf_matrix[2][1]   0.02364039 
_atom_sites.fract_transf_matrix[2][2]   -0.01275547 
_atom_sites.fract_transf_matrix[2][3]   0.00443679 
_atom_sites.fract_transf_matrix[3][1]   -0.00123366 
_atom_sites.fract_transf_matrix[3][2]   0.00012337 
_atom_sites.fract_transf_matrix[3][3]   0.00692794 
_atom_sites.fract_transf_vector[1]      0.131776 
_atom_sites.fract_transf_vector[2]      -0.468502 
_atom_sites.fract_transf_vector[3]      0.062627 
# 
loop_
_atom_type.symbol 
C 
N 
O 
S 
# 
loop_
_atom_site.group_PDB 
_atom_site.id 
_atom_site.type_symbol 
_atom_site.label_atom_id 
_atom_site.label_alt_id 
_atom_site.label_comp_id 
_atom_site.label_asym_id 
_atom_site.label_entity_id 
_atom_site.label_seq_id 
_atom_site.pdbx_PDB_ins_code 
_atom_site.Cartn_x 
_atom_site.Cartn_y 
_atom_site.Cartn_z 
_atom_site.occupancy 
_atom_site.B_iso_or_equiv 
_atom_site.pdbx_formal_charge 
_atom_site.auth_seq_id 
_atom_site.auth_comp_id 
_atom_site.auth_asym_id 
_atom_site.auth_atom_id 
_atom_site.pdbx_PDB_model_num 
ATOM   1   N N   . LYS A 1 2   ? 4.418   -17.280 -8.920  1.00 45.00 ? 11  LYS A N   1 
ATOM   2   C CA  . LYS A 1 2   ? 5.490   -16.277 -9.294  1.00 42.28 ? 11  LYS A CA  1 
ATOM   3   C C   . LYS A 1 2   ? 5.924   -15.501 -8.046  1.00 38.47 ? 11  LYS A C   1 
ATOM   4   O O   . LYS A 1 2   ? 5.060   -15.143 -7.225  1.00 35.36 ? 11  LYS A O   1 
ATOM   5   C CB  . LYS A 1 2   ? 4.975   -15.296 -10.352 1.00 46.98 ? 11  LYS A CB  1 
ATOM   6   C CG  . LYS A 1 2   ? 4.979   -15.809 -11.787 1.00 55.08 ? 11  LYS A CG  1 
ATOM   7   C CD  . LYS A 1 2   ? 4.381   -14.811 -12.773 1.00 61.19 ? 11  LYS A CD  1 
ATOM   8   C CE  . LYS A 1 2   ? 4.249   -15.362 -14.178 1.00 64.09 ? 11  LYS A CE  1 
ATOM   9   N NZ  . LYS A 1 2   ? 5.453   -16.126 -14.579 1.00 65.67 ? 11  LYS A NZ  1 
ATOM   10  N N   . THR A 1 3   ? 7.201   -15.144 -7.937  1.00 31.23 ? 12  THR A N   1 
ATOM   11  C CA  . THR A 1 3   ? 7.746   -14.362 -6.793  1.00 31.64 ? 12  THR A CA  1 
ATOM   12  C C   . THR A 1 3   ? 7.292   -12.899 -6.875  1.00 29.96 ? 12  THR A C   1 
ATOM   13  O O   . THR A 1 3   ? 7.367   -12.184 -5.833  1.00 32.47 ? 12  THR A O   1 
ATOM   14  C CB  . THR A 1 3   ? 9.280   -14.374 -6.762  1.00 32.14 ? 12  THR A CB  1 
ATOM   15  O OG1 . THR A 1 3   ? 9.749   -13.639 -7.896  1.00 30.16 ? 12  THR A OG1 1 
ATOM   16  C CG2 . THR A 1 3   ? 9.820   -15.789 -6.718  1.00 33.99 ? 12  THR A CG2 1 
ATOM   17  N N   . HIS A 1 4   ? 6.901   -12.437 -8.057  1.00 27.17 ? 13  HIS A N   1 
ATOM   18  C CA  . HIS A 1 4   ? 6.481   -11.026 -8.263  1.00 29.63 ? 13  HIS A CA  1 
ATOM   19  C C   . HIS A 1 4   ? 5.240   -11.023 -9.136  1.00 34.78 ? 13  HIS A C   1 
ATOM   20  O O   . HIS A 1 4   ? 5.087   -11.924 -9.977  1.00 30.94 ? 13  HIS A O   1 
ATOM   21  C CB  . HIS A 1 4   ? 7.581   -10.178 -8.880  1.00 30.29 ? 13  HIS A CB  1 
ATOM   22  C CG  . HIS A 1 4   ? 8.692   -9.816  -7.965  1.00 27.56 ? 13  HIS A CG  1 
ATOM   23  N ND1 . HIS A 1 4   ? 9.707   -10.704 -7.685  1.00 27.06 ? 13  HIS A ND1 1 
ATOM   24  C CD2 . HIS A 1 4   ? 9.040   -8.650  -7.365  1.00 28.87 ? 13  HIS A CD2 1 
ATOM   25  C CE1 . HIS A 1 4   ? 10.582  -10.119 -6.893  1.00 27.78 ? 13  HIS A CE1 1 
ATOM   26  N NE2 . HIS A 1 4   ? 10.195  -8.874  -6.663  1.00 27.20 ? 13  HIS A NE2 1 
ATOM   27  N N   . VAL A 1 5   ? 4.395   -10.015 -8.950  1.00 30.29 ? 14  VAL A N   1 
ATOM   28  C CA  . VAL A 1 5   ? 3.138   -9.900  -9.736  1.00 34.79 ? 14  VAL A CA  1 
ATOM   29  C C   . VAL A 1 5   ? 3.002   -8.444  -10.156 1.00 30.47 ? 14  VAL A C   1 
ATOM   30  O O   . VAL A 1 5   ? 3.289   -7.535  -9.328  1.00 28.02 ? 14  VAL A O   1 
ATOM   31  C CB  . VAL A 1 5   ? 1.938   -10.449 -8.952  1.00 37.18 ? 14  VAL A CB  1 
ATOM   32  C CG1 . VAL A 1 5   ? 1.716   -9.724  -7.634  1.00 37.07 ? 14  VAL A CG1 1 
ATOM   33  C CG2 . VAL A 1 5   ? 0.677   -10.434 -9.814  1.00 42.93 ? 14  VAL A CG2 1 
ATOM   34  N N   . GLN A 1 6   ? 2.724   -8.221  -11.436 1.00 31.80 ? 15  GLN A N   1 
ATOM   35  C CA  . GLN A 1 6   ? 2.467   -6.879  -11.984 1.00 32.48 ? 15  GLN A CA  1 
ATOM   36  C C   . GLN A 1 6   ? 1.060   -6.468  -11.566 1.00 29.26 ? 15  GLN A C   1 
ATOM   37  O O   . GLN A 1 6   ? 0.106   -7.205  -11.836 1.00 31.31 ? 15  GLN A O   1 
ATOM   38  C CB  . GLN A 1 6   ? 2.608   -6.875  -13.506 1.00 34.29 ? 15  GLN A CB  1 
ATOM   39  C CG  . GLN A 1 6   ? 4.051   -6.905  -13.968 1.00 40.54 ? 15  GLN A CG  1 
ATOM   40  C CD  . GLN A 1 6   ? 4.146   -6.918  -15.473 1.00 42.57 ? 15  GLN A CD  1 
ATOM   41  O OE1 . GLN A 1 6   ? 3.133   -6.957  -16.168 1.00 50.43 ? 15  GLN A OE1 1 
ATOM   42  N NE2 . GLN A 1 6   ? 5.366   -6.851  -15.985 1.00 49.82 ? 15  GLN A NE2 1 
ATOM   43  N N   . LEU A 1 7   ? 0.971   -5.342  -10.887 1.00 26.25 ? 16  LEU A N   1 
ATOM   44  C CA  . LEU A 1 7   ? -0.325  -4.774  -10.460 1.00 27.71 ? 16  LEU A CA  1 
ATOM   45  C C   . LEU A 1 7   ? -0.373  -3.314  -10.854 1.00 26.06 ? 16  LEU A C   1 
ATOM   46  O O   . LEU A 1 7   ? 0.655   -2.628  -10.903 1.00 28.04 ? 16  LEU A O   1 
ATOM   47  C CB  . LEU A 1 7   ? -0.458  -4.919  -8.947  1.00 29.03 ? 16  LEU A CB  1 
ATOM   48  C CG  . LEU A 1 7   ? -0.428  -6.341  -8.390  1.00 31.88 ? 16  LEU A CG  1 
ATOM   49  C CD1 . LEU A 1 7   ? -0.355  -6.317  -6.876  1.00 33.60 ? 16  LEU A CD1 1 
ATOM   50  C CD2 . LEU A 1 7   ? -1.643  -7.155  -8.844  1.00 29.56 ? 16  LEU A CD2 1 
ATOM   51  N N   A SER A 1 8   ? -1.599  -2.832  -11.094 0.65 28.52 ? 17  SER A N   1 
ATOM   52  N N   B SER A 1 8   ? -1.590  -2.838  -11.132 0.35 27.40 ? 17  SER A N   1 
ATOM   53  C CA  A SER A 1 8   ? -1.878  -1.398  -11.335 0.65 26.88 ? 17  SER A CA  1 
ATOM   54  C CA  B SER A 1 8   ? -1.878  -1.399  -11.327 0.35 26.22 ? 17  SER A CA  1 
ATOM   55  C C   A SER A 1 8   ? -2.799  -0.913  -10.210 0.65 26.25 ? 17  SER A C   1 
ATOM   56  C C   B SER A 1 8   ? -2.790  -0.938  -10.191 0.35 25.76 ? 17  SER A C   1 
ATOM   57  O O   A SER A 1 8   ? -3.943  -1.350  -10.188 0.65 27.22 ? 17  SER A O   1 
ATOM   58  O O   B SER A 1 8   ? -3.950  -1.368  -10.172 0.35 26.43 ? 17  SER A O   1 
ATOM   59  C CB  A SER A 1 8   ? -2.477  -1.161  -12.700 0.65 34.78 ? 17  SER A CB  1 
ATOM   60  C CB  B SER A 1 8   ? -2.496  -1.108  -12.657 0.35 30.14 ? 17  SER A CB  1 
ATOM   61  O OG  A SER A 1 8   ? -1.445  -1.005  -13.669 0.65 34.84 ? 17  SER A OG  1 
ATOM   62  O OG  B SER A 1 8   ? -2.357  0.274   -12.937 0.35 29.37 ? 17  SER A OG  1 
ATOM   63  N N   . LEU A 1 9   ? -2.241  -0.159  -9.258  1.00 24.53 ? 18  LEU A N   1 
ATOM   64  C CA  . LEU A 1 9   ? -2.970  0.202   -8.019  1.00 23.68 ? 18  LEU A CA  1 
ATOM   65  C C   . LEU A 1 9   ? -3.646  1.549   -8.207  1.00 23.04 ? 18  LEU A C   1 
ATOM   66  O O   . LEU A 1 9   ? -3.005  2.524   -8.589  1.00 22.69 ? 18  LEU A O   1 
ATOM   67  C CB  . LEU A 1 9   ? -2.040  0.303   -6.823  1.00 22.03 ? 18  LEU A CB  1 
ATOM   68  C CG  . LEU A 1 9   ? -1.207  -0.934  -6.514  1.00 23.15 ? 18  LEU A CG  1 
ATOM   69  C CD1 . LEU A 1 9   ? -0.315  -0.645  -5.341  1.00 25.88 ? 18  LEU A CD1 1 
ATOM   70  C CD2 . LEU A 1 9   ? -2.088  -2.143  -6.277  1.00 25.96 ? 18  LEU A CD2 1 
ATOM   71  N N   . PRO A 1 10  ? -4.940  1.649   -7.876  1.00 21.07 ? 19  PRO A N   1 
ATOM   72  C CA  . PRO A 1 10  ? -5.617  2.937   -7.927  1.00 18.60 ? 19  PRO A CA  1 
ATOM   73  C C   . PRO A 1 10  ? -5.103  3.842   -6.797  1.00 19.56 ? 19  PRO A C   1 
ATOM   74  O O   . PRO A 1 10  ? -5.019  3.417   -5.651  1.00 19.91 ? 19  PRO A O   1 
ATOM   75  C CB  . PRO A 1 10  ? -7.078  2.618   -7.698  1.00 21.19 ? 19  PRO A CB  1 
ATOM   76  C CG  . PRO A 1 10  ? -7.081  1.263   -6.997  1.00 25.70 ? 19  PRO A CG  1 
ATOM   77  C CD  . PRO A 1 10  ? -5.825  0.549   -7.454  1.00 23.55 ? 19  PRO A CD  1 
ATOM   78  N N   . VAL A 1 11  ? -4.726  5.068   -7.157  1.00 19.31 ? 20  VAL A N   1 
ATOM   79  C CA  . VAL A 1 11  ? -4.245  6.088   -6.198  1.00 18.40 ? 20  VAL A CA  1 
ATOM   80  C C   . VAL A 1 11  ? -5.461  6.875   -5.705  1.00 18.49 ? 20  VAL A C   1 
ATOM   81  O O   . VAL A 1 11  ? -6.185  7.467   -6.530  1.00 19.47 ? 20  VAL A O   1 
ATOM   82  C CB  . VAL A 1 11  ? -3.170  6.972   -6.832  1.00 20.41 ? 20  VAL A CB  1 
ATOM   83  C CG1 . VAL A 1 11  ? -2.678  8.015   -5.842  1.00 21.34 ? 20  VAL A CG1 1 
ATOM   84  C CG2 . VAL A 1 11  ? -1.985  6.155   -7.380  1.00 21.96 ? 20  VAL A CG2 1 
ATOM   85  N N   . LEU A 1 12  ? -5.671  6.855   -4.397  1.00 18.82 ? 21  LEU A N   1 
ATOM   86  C CA  . LEU A 1 12  ? -6.881  7.453   -3.782  1.00 18.95 ? 21  LEU A CA  1 
ATOM   87  C C   . LEU A 1 12  ? -6.499  8.720   -3.038  1.00 19.39 ? 21  LEU A C   1 
ATOM   88  O O   . LEU A 1 12  ? -5.473  8.792   -2.456  1.00 21.28 ? 21  LEU A O   1 
ATOM   89  C CB  . LEU A 1 12  ? -7.545  6.460   -2.839  1.00 18.72 ? 21  LEU A CB  1 
ATOM   90  C CG  . LEU A 1 12  ? -7.847  5.096   -3.452  1.00 19.11 ? 21  LEU A CG  1 
ATOM   91  C CD1 . LEU A 1 12  ? -8.535  4.153   -2.465  1.00 20.64 ? 21  LEU A CD1 1 
ATOM   92  C CD2 . LEU A 1 12  ? -8.689  5.193   -4.722  1.00 21.62 ? 21  LEU A CD2 1 
ATOM   93  N N   A GLN A 1 13  ? -7.371  9.727   -3.030  0.43 20.75 ? 22  GLN A N   1 
ATOM   94  N N   B GLN A 1 13  ? -7.400  9.693   -3.021  0.57 20.68 ? 22  GLN A N   1 
ATOM   95  C CA  A GLN A 1 13  ? -7.157  10.896  -2.139  0.43 20.68 ? 22  GLN A CA  1 
ATOM   96  C CA  B GLN A 1 13  ? -7.262  10.883  -2.149  0.57 20.57 ? 22  GLN A CA  1 
ATOM   97  C C   A GLN A 1 13  ? -7.591  10.495  -0.726  0.43 18.76 ? 22  GLN A C   1 
ATOM   98  C C   B GLN A 1 13  ? -7.598  10.472  -0.711  0.57 18.22 ? 22  GLN A C   1 
ATOM   99  O O   A GLN A 1 13  ? -8.629  9.824   -0.568  0.43 18.90 ? 22  GLN A O   1 
ATOM   100 O O   B GLN A 1 13  ? -8.613  9.783   -0.512  0.57 18.47 ? 22  GLN A O   1 
ATOM   101 C CB  A GLN A 1 13  ? -7.899  12.128  -2.645  0.43 22.99 ? 22  GLN A CB  1 
ATOM   102 C CB  B GLN A 1 13  ? -8.242  11.948  -2.621  0.57 22.54 ? 22  GLN A CB  1 
ATOM   103 C CG  A GLN A 1 13  ? -7.131  12.897  -3.716  0.43 25.37 ? 22  GLN A CG  1 
ATOM   104 C CG  B GLN A 1 13  ? -8.112  12.296  -4.098  0.57 25.00 ? 22  GLN A CG  1 
ATOM   105 C CD  A GLN A 1 13  ? -5.976  13.727  -3.203  0.43 27.63 ? 22  GLN A CD  1 
ATOM   106 C CD  B GLN A 1 13  ? -8.730  13.654  -4.323  0.57 32.47 ? 22  GLN A CD  1 
ATOM   107 O OE1 A GLN A 1 13  ? -5.844  14.011  -2.012  0.43 28.42 ? 22  GLN A OE1 1 
ATOM   108 O OE1 B GLN A 1 13  ? -9.862  13.921  -3.900  0.57 39.94 ? 22  GLN A OE1 1 
ATOM   109 N NE2 A GLN A 1 13  ? -5.118  14.132  -4.117  0.43 31.90 ? 22  GLN A NE2 1 
ATOM   110 N NE2 B GLN A 1 13  ? -7.975  14.543  -4.933  0.57 40.17 ? 22  GLN A NE2 1 
ATOM   111 N N   . VAL A 1 14  ? -6.808  10.889  0.262   1.00 19.16 ? 23  VAL A N   1 
ATOM   112 C CA  . VAL A 1 14  ? -7.005  10.430  1.649   1.00 18.90 ? 23  VAL A CA  1 
ATOM   113 C C   . VAL A 1 14  ? -8.421  10.741  2.150   1.00 19.40 ? 23  VAL A C   1 
ATOM   114 O O   . VAL A 1 14  ? -9.030  9.876   2.841   1.00 19.79 ? 23  VAL A O   1 
ATOM   115 C CB  . VAL A 1 14  ? -5.919  10.964  2.591   1.00 20.35 ? 23  VAL A CB  1 
ATOM   116 C CG1 . VAL A 1 14  ? -5.993  12.477  2.736   1.00 22.29 ? 23  VAL A CG1 1 
ATOM   117 C CG2 . VAL A 1 14  ? -5.942  10.256  3.917   1.00 22.04 ? 23  VAL A CG2 1 
ATOM   118 N N   . ARG A 1 15  ? -8.996  11.880  1.761   1.00 18.08 ? 24  ARG A N   1 
ATOM   119 C CA  . ARG A 1 15  ? -10.328 12.237  2.312   1.00 20.34 ? 24  ARG A CA  1 
ATOM   120 C C   . ARG A 1 15  ? -11.454 11.434  1.688   1.00 18.71 ? 24  ARG A C   1 
ATOM   121 O O   . ARG A 1 15  ? -12.564 11.418  2.241   1.00 22.39 ? 24  ARG A O   1 
ATOM   122 C CB  . ARG A 1 15  ? -10.566 13.731  2.133   1.00 21.68 ? 24  ARG A CB  1 
ATOM   123 C CG  . ARG A 1 15  ? -9.650  14.548  3.021   1.00 24.07 ? 24  ARG A CG  1 
ATOM   124 C CD  . ARG A 1 15  ? -9.941  16.040  2.943   1.00 26.09 ? 24  ARG A CD  1 
ATOM   125 N NE  . ARG A 1 15  ? -9.042  16.785  3.814   1.00 29.84 ? 24  ARG A NE  1 
ATOM   126 C CZ  . ARG A 1 15  ? -9.194  16.952  5.118   1.00 33.36 ? 24  ARG A CZ  1 
ATOM   127 N NH1 . ARG A 1 15  ? -10.247 16.449  5.750   1.00 35.74 ? 24  ARG A NH1 1 
ATOM   128 N NH2 . ARG A 1 15  ? -8.288  17.641  5.787   1.00 31.37 ? 24  ARG A NH2 1 
ATOM   129 N N   . ASP A 1 16  ? -11.174 10.699  0.619   1.00 18.59 ? 25  ASP A N   1 
ATOM   130 C CA  . ASP A 1 16  ? -12.184 9.817   -0.004  1.00 18.40 ? 25  ASP A CA  1 
ATOM   131 C C   . ASP A 1 16  ? -12.169 8.430   0.631   1.00 19.40 ? 25  ASP A C   1 
ATOM   132 O O   . ASP A 1 16  ? -13.162 7.703   0.474   1.00 20.46 ? 25  ASP A O   1 
ATOM   133 C CB  . ASP A 1 16  ? -11.945 9.680   -1.493  1.00 18.07 ? 25  ASP A CB  1 
ATOM   134 C CG  . ASP A 1 16  ? -12.368 10.854  -2.346  1.00 22.60 ? 25  ASP A CG  1 
ATOM   135 O OD1 . ASP A 1 16  ? -13.161 11.694  -1.850  1.00 22.62 ? 25  ASP A OD1 1 
ATOM   136 O OD2 . ASP A 1 16  ? -11.906 10.900  -3.515  1.00 26.73 ? 25  ASP A OD2 1 
ATOM   137 N N   . VAL A 1 17  ? -11.108 8.041   1.312   1.00 18.60 ? 26  VAL A N   1 
ATOM   138 C CA  . VAL A 1 17  ? -10.994 6.631   1.713   1.00 19.62 ? 26  VAL A CA  1 
ATOM   139 C C   . VAL A 1 17  ? -12.062 6.281   2.742   1.00 18.16 ? 26  VAL A C   1 
ATOM   140 O O   . VAL A 1 17  ? -12.115 6.929   3.805   1.00 20.04 ? 26  VAL A O   1 
ATOM   141 C CB  . VAL A 1 17  ? -9.566  6.366   2.225   1.00 17.62 ? 26  VAL A CB  1 
ATOM   142 C CG1 . VAL A 1 17  ? -9.406  4.971   2.814   1.00 17.72 ? 26  VAL A CG1 1 
ATOM   143 C CG2 . VAL A 1 17  ? -8.544  6.550   1.106   1.00 18.94 ? 26  VAL A CG2 1 
ATOM   144 N N   . LEU A 1 18  ? -12.815 5.224   2.485   1.00 18.58 ? 27  LEU A N   1 
ATOM   145 C CA  . LEU A 1 18  ? -13.873 4.846   3.429   1.00 19.18 ? 27  LEU A CA  1 
ATOM   146 C C   . LEU A 1 18  ? -13.336 3.892   4.491   1.00 18.30 ? 27  LEU A C   1 
ATOM   147 O O   . LEU A 1 18  ? -13.835 3.938   5.638   1.00 22.25 ? 27  LEU A O   1 
ATOM   148 C CB  . LEU A 1 18  ? -14.985 4.180   2.649   1.00 21.52 ? 27  LEU A CB  1 
ATOM   149 C CG  . LEU A 1 18  ? -15.657 5.051   1.603   1.00 24.20 ? 27  LEU A CG  1 
ATOM   150 C CD1 . LEU A 1 18  ? -16.745 4.278   0.875   1.00 26.10 ? 27  LEU A CD1 1 
ATOM   151 C CD2 . LEU A 1 18  ? -16.226 6.283   2.260   1.00 25.37 ? 27  LEU A CD2 1 
ATOM   152 N N   . VAL A 1 19  ? -12.411 3.002   4.163   1.00 18.97 ? 28  VAL A N   1 
ATOM   153 C CA  . VAL A 1 19  ? -11.908 2.018   5.155   1.00 18.78 ? 28  VAL A CA  1 
ATOM   154 C C   . VAL A 1 19  ? -10.421 2.323   5.336   1.00 18.66 ? 28  VAL A C   1 
ATOM   155 O O   . VAL A 1 19  ? -9.616  2.114   4.386   1.00 19.38 ? 28  VAL A O   1 
ATOM   156 C CB  . VAL A 1 19  ? -12.158 0.570   4.729   1.00 18.71 ? 28  VAL A CB  1 
ATOM   157 C CG1 . VAL A 1 19  ? -11.708 -0.372  5.822   1.00 18.63 ? 28  VAL A CG1 1 
ATOM   158 C CG2 . VAL A 1 19  ? -13.593 0.344   4.317   1.00 19.28 ? 28  VAL A CG2 1 
ATOM   159 N N   . ARG A 1 20  ? -10.049 2.883   6.476   1.00 19.47 ? 29  ARG A N   1 
ATOM   160 C CA  . ARG A 1 20  ? -8.778  3.664   6.567   1.00 19.16 ? 29  ARG A CA  1 
ATOM   161 C C   . ARG A 1 20  ? -7.620  2.798   7.075   1.00 20.09 ? 29  ARG A C   1 
ATOM   162 O O   . ARG A 1 20  ? -6.590  3.359   7.400   1.00 20.16 ? 29  ARG A O   1 
ATOM   163 C CB  . ARG A 1 20  ? -9.010  4.876   7.465   1.00 21.81 ? 29  ARG A CB  1 
ATOM   164 C CG  . ARG A 1 20  ? -9.944  5.879   6.807   1.00 24.20 ? 29  ARG A CG  1 
ATOM   165 C CD  . ARG A 1 20  ? -10.170 7.181   7.506   1.00 29.53 ? 29  ARG A CD  1 
ATOM   166 N NE  . ARG A 1 20  ? -10.923 8.001   6.587   1.00 40.90 ? 29  ARG A NE  1 
ATOM   167 C CZ  . ARG A 1 20  ? -10.402 8.789   5.649   1.00 35.39 ? 29  ARG A CZ  1 
ATOM   168 N NH1 . ARG A 1 20  ? -9.102  8.983   5.570   1.00 45.79 ? 29  ARG A NH1 1 
ATOM   169 N NH2 . ARG A 1 20  ? -11.209 9.458   4.862   1.00 34.28 ? 29  ARG A NH2 1 
ATOM   170 N N   . GLY A 1 21  ? -7.763  1.493   7.092   1.00 19.54 ? 30  GLY A N   1 
ATOM   171 C CA  . GLY A 1 21  ? -6.637  0.570   7.342   1.00 19.67 ? 30  GLY A CA  1 
ATOM   172 C C   . GLY A 1 21  ? -7.101  -0.842  7.160   1.00 20.48 ? 30  GLY A C   1 
ATOM   173 O O   . GLY A 1 21  ? -8.289  -1.092  6.874   1.00 19.32 ? 30  GLY A O   1 
ATOM   174 N N   . PHE A 1 22  ? -6.212  -1.786  7.383   1.00 18.84 ? 31  PHE A N   1 
ATOM   175 C CA  . PHE A 1 22  ? -6.461  -3.208  7.124   1.00 19.65 ? 31  PHE A CA  1 
ATOM   176 C C   . PHE A 1 22  ? -6.722  -4.011  8.405   1.00 21.82 ? 31  PHE A C   1 
ATOM   177 O O   . PHE A 1 22  ? -7.041  -5.203  8.277   1.00 26.91 ? 31  PHE A O   1 
ATOM   178 C CB  . PHE A 1 22  ? -5.255  -3.787  6.395   1.00 19.83 ? 31  PHE A CB  1 
ATOM   179 C CG  . PHE A 1 22  ? -5.196  -3.429  4.929   1.00 18.97 ? 31  PHE A CG  1 
ATOM   180 C CD1 . PHE A 1 22  ? -6.094  -3.973  4.040   1.00 17.84 ? 31  PHE A CD1 1 
ATOM   181 C CD2 . PHE A 1 22  ? -4.212  -2.596  4.453   1.00 20.21 ? 31  PHE A CD2 1 
ATOM   182 C CE1 . PHE A 1 22  ? -6.014  -3.666  2.701   1.00 19.44 ? 31  PHE A CE1 1 
ATOM   183 C CE2 . PHE A 1 22  ? -4.143  -2.279  3.109   1.00 20.66 ? 31  PHE A CE2 1 
ATOM   184 C CZ  . PHE A 1 22  ? -5.060  -2.802  2.241   1.00 19.12 ? 31  PHE A CZ  1 
ATOM   185 N N   . GLY A 1 23  ? -6.629  -3.450  9.599   1.00 20.05 ? 32  GLY A N   1 
ATOM   186 C CA  . GLY A 1 23  ? -6.804  -4.243  10.824  1.00 21.41 ? 32  GLY A CA  1 
ATOM   187 C C   . GLY A 1 23  ? -5.955  -3.706  11.960  1.00 19.98 ? 32  GLY A C   1 
ATOM   188 O O   . GLY A 1 23  ? -5.610  -2.534  11.990  1.00 22.96 ? 32  GLY A O   1 
ATOM   189 N N   . ASP A 1 24  ? -5.742  -4.563  12.952  1.00 22.31 ? 33  ASP A N   1 
ATOM   190 C CA  . ASP A 1 24  ? -5.490  -4.097  14.335  1.00 23.37 ? 33  ASP A CA  1 
ATOM   191 C C   . ASP A 1 24  ? -4.118  -4.539  14.819  1.00 25.94 ? 33  ASP A C   1 
ATOM   192 O O   . ASP A 1 24  ? -3.818  -4.257  15.971  1.00 30.37 ? 33  ASP A O   1 
ATOM   193 C CB  . ASP A 1 24  ? -6.562  -4.628  15.273  1.00 25.68 ? 33  ASP A CB  1 
ATOM   194 C CG  . ASP A 1 24  ? -7.943  -4.127  14.881  1.00 29.31 ? 33  ASP A CG  1 
ATOM   195 O OD1 . ASP A 1 24  ? -8.021  -3.025  14.278  1.00 31.79 ? 33  ASP A OD1 1 
ATOM   196 O OD2 . ASP A 1 24  ? -8.882  -4.783  15.316  1.00 38.06 ? 33  ASP A OD2 1 
ATOM   197 N N   . SER A 1 25  ? -3.365  -5.273  14.017  1.00 22.70 ? 34  SER A N   1 
ATOM   198 C CA  . SER A 1 25  ? -2.025  -5.762  14.420  1.00 22.80 ? 34  SER A CA  1 
ATOM   199 C C   . SER A 1 25  ? -1.158  -5.736  13.183  1.00 23.21 ? 34  SER A C   1 
ATOM   200 O O   . SER A 1 25  ? -1.669  -5.721  12.063  1.00 22.36 ? 34  SER A O   1 
ATOM   201 C CB  . SER A 1 25  ? -2.059  -7.146  14.990  1.00 24.29 ? 34  SER A CB  1 
ATOM   202 O OG  . SER A 1 25  ? -2.410  -8.114  14.016  1.00 24.47 ? 34  SER A OG  1 
ATOM   203 N N   . VAL A 1 26  ? 0.146   -5.734  13.394  1.00 24.08 ? 35  VAL A N   1 
ATOM   204 C CA  . VAL A 1 26  ? 1.112   -5.684  12.269  1.00 23.61 ? 35  VAL A CA  1 
ATOM   205 C C   . VAL A 1 26  ? 0.880   -6.917  11.403  1.00 22.01 ? 35  VAL A C   1 
ATOM   206 O O   . VAL A 1 26  ? 0.886   -6.811  10.158  1.00 21.24 ? 35  VAL A O   1 
ATOM   207 C CB  . VAL A 1 26  ? 2.543   -5.626  12.836  1.00 26.05 ? 35  VAL A CB  1 
ATOM   208 C CG1 . VAL A 1 26  ? 3.573   -6.039  11.813  1.00 26.71 ? 35  VAL A CG1 1 
ATOM   209 C CG2 . VAL A 1 26  ? 2.839   -4.254  13.378  1.00 25.97 ? 35  VAL A CG2 1 
ATOM   210 N N   . GLU A 1 27  ? 0.737   -8.095  12.022  1.00 23.34 ? 36  GLU A N   1 
ATOM   211 C CA  . GLU A 1 27  ? 0.610   -9.347  11.245  1.00 24.47 ? 36  GLU A CA  1 
ATOM   212 C C   . GLU A 1 27  ? -0.715  -9.300  10.451  1.00 23.02 ? 36  GLU A C   1 
ATOM   213 O O   . GLU A 1 27  ? -0.760  -9.808  9.314   1.00 23.06 ? 36  GLU A O   1 
ATOM   214 C CB  . GLU A 1 27  ? 0.701   -10.565 12.172  1.00 29.95 ? 36  GLU A CB  1 
ATOM   215 C CG  . GLU A 1 27  ? 2.088   -10.724 12.790  1.00 31.00 ? 36  GLU A CG  1 
ATOM   216 C CD  . GLU A 1 27  ? 1.972   -11.607 14.020  1.00 37.42 ? 36  GLU A CD  1 
ATOM   217 O OE1 . GLU A 1 27  ? 1.985   -11.056 15.119  1.00 51.50 ? 36  GLU A OE1 1 
ATOM   218 O OE2 . GLU A 1 27  ? 1.834   -12.812 13.870  1.00 45.15 ? 36  GLU A OE2 1 
ATOM   219 N N   . GLU A 1 28  ? -1.789  -8.821  11.069  1.00 22.49 ? 37  GLU A N   1 
ATOM   220 C CA  . GLU A 1 28  ? -3.110  -8.779  10.377  1.00 22.80 ? 37  GLU A CA  1 
ATOM   221 C C   . GLU A 1 28  ? -3.040  -7.816  9.187   1.00 19.26 ? 37  GLU A C   1 
ATOM   222 O O   . GLU A 1 28  ? -3.564  -8.144  8.131   1.00 19.80 ? 37  GLU A O   1 
ATOM   223 C CB  . GLU A 1 28  ? -4.224  -8.339  11.295  1.00 22.22 ? 37  GLU A CB  1 
ATOM   224 C CG  . GLU A 1 28  ? -5.578  -8.363  10.588  1.00 22.03 ? 37  GLU A CG  1 
ATOM   225 C CD  . GLU A 1 28  ? -6.765  -8.038  11.446  1.00 23.94 ? 37  GLU A CD  1 
ATOM   226 O OE1 . GLU A 1 28  ? -6.590  -7.373  12.492  1.00 23.48 ? 37  GLU A OE1 1 
ATOM   227 O OE2 . GLU A 1 28  ? -7.873  -8.483  11.036  1.00 24.91 ? 37  GLU A OE2 1 
ATOM   228 N N   . VAL A 1 29  ? -2.467  -6.646  9.359   1.00 19.02 ? 38  VAL A N   1 
ATOM   229 C CA  . VAL A 1 29  ? -2.517  -5.650  8.268   1.00 18.83 ? 38  VAL A CA  1 
ATOM   230 C C   . VAL A 1 29  ? -1.660  -6.130  7.111   1.00 20.96 ? 38  VAL A C   1 
ATOM   231 O O   . VAL A 1 29  ? -2.108  -5.965  5.977   1.00 20.15 ? 38  VAL A O   1 
ATOM   232 C CB  . VAL A 1 29  ? -2.134  -4.234  8.687   1.00 18.55 ? 38  VAL A CB  1 
ATOM   233 C CG1 . VAL A 1 29  ? -3.071  -3.712  9.787   1.00 20.50 ? 38  VAL A CG1 1 
ATOM   234 C CG2 . VAL A 1 29  ? -0.697  -4.048  9.112   1.00 19.65 ? 38  VAL A CG2 1 
ATOM   235 N N   . LEU A 1 30  ? -0.522  -6.772  7.364   1.00 21.25 ? 39  LEU A N   1 
ATOM   236 C CA  . LEU A 1 30  ? 0.292   -7.316  6.248   1.00 20.85 ? 39  LEU A CA  1 
ATOM   237 C C   . LEU A 1 30  ? -0.457  -8.439  5.528   1.00 20.29 ? 39  LEU A C   1 
ATOM   238 O O   . LEU A 1 30  ? -0.447  -8.514  4.302   1.00 20.27 ? 39  LEU A O   1 
ATOM   239 C CB  . LEU A 1 30  ? 1.638   -7.796  6.800   1.00 22.28 ? 39  LEU A CB  1 
ATOM   240 C CG  . LEU A 1 30  ? 2.602   -6.679  7.180   1.00 21.46 ? 39  LEU A CG  1 
ATOM   241 C CD1 . LEU A 1 30  ? 3.759   -7.266  8.000   1.00 23.29 ? 39  LEU A CD1 1 
ATOM   242 C CD2 . LEU A 1 30  ? 3.185   -5.985  5.967   1.00 23.05 ? 39  LEU A CD2 1 
ATOM   243 N N   A SER A 1 31  ? -1.124  -9.307  6.276   0.73 20.76 ? 40  SER A N   1 
ATOM   244 N N   B SER A 1 31  ? -1.128  -9.313  6.271   0.27 21.39 ? 40  SER A N   1 
ATOM   245 C CA  A SER A 1 31  ? -1.921  -10.418 5.723   0.73 22.02 ? 40  SER A CA  1 
ATOM   246 C CA  B SER A 1 31  ? -1.910  -10.436 5.701   0.27 22.54 ? 40  SER A CA  1 
ATOM   247 C C   A SER A 1 31  ? -3.060  -9.885  4.853   0.73 19.76 ? 40  SER A C   1 
ATOM   248 C C   B SER A 1 31  ? -3.067  -9.898  4.856   0.27 20.72 ? 40  SER A C   1 
ATOM   249 O O   A SER A 1 31  ? -3.198  -10.284 3.698   0.73 21.63 ? 40  SER A O   1 
ATOM   250 O O   B SER A 1 31  ? -3.212  -10.320 3.699   0.27 20.86 ? 40  SER A O   1 
ATOM   251 C CB  A SER A 1 31  ? -2.484  -11.232 6.851   0.73 21.14 ? 40  SER A CB  1 
ATOM   252 C CB  B SER A 1 31  ? -2.397  -11.319 6.803   0.27 23.63 ? 40  SER A CB  1 
ATOM   253 O OG  A SER A 1 31  ? -3.301  -12.237 6.327   0.73 20.47 ? 40  SER A OG  1 
ATOM   254 O OG  B SER A 1 31  ? -1.285  -11.754 7.572   0.27 26.85 ? 40  SER A OG  1 
ATOM   255 N N   . GLU A 1 32  ? -3.833  -8.960  5.409   1.00 20.46 ? 41  GLU A N   1 
ATOM   256 C CA  . GLU A 1 32  ? -4.993  -8.371  4.693   1.00 19.72 ? 41  GLU A CA  1 
ATOM   257 C C   . GLU A 1 32  ? -4.528  -7.578  3.476   1.00 19.07 ? 41  GLU A C   1 
ATOM   258 O O   . GLU A 1 32  ? -5.176  -7.662  2.436   1.00 20.93 ? 41  GLU A O   1 
ATOM   259 C CB  . GLU A 1 32  ? -5.804  -7.495  5.656   1.00 20.21 ? 41  GLU A CB  1 
ATOM   260 C CG  . GLU A 1 32  ? -6.651  -8.306  6.623   1.00 20.38 ? 41  GLU A CG  1 
ATOM   261 C CD  . GLU A 1 32  ? -7.746  -9.105  5.958   1.00 28.52 ? 41  GLU A CD  1 
ATOM   262 O OE1 . GLU A 1 32  ? -8.277  -8.639  4.948   1.00 32.24 ? 41  GLU A OE1 1 
ATOM   263 O OE2 . GLU A 1 32  ? -8.113  -10.146 6.492   1.00 31.43 ? 41  GLU A OE2 1 
ATOM   264 N N   . ALA A 1 33  ? -3.463  -6.813  3.596   1.00 18.42 ? 42  ALA A N   1 
ATOM   265 C CA  . ALA A 1 33  ? -2.928  -6.032  2.457   1.00 19.50 ? 42  ALA A CA  1 
ATOM   266 C C   . ALA A 1 33  ? -2.604  -7.011  1.323   1.00 20.67 ? 42  ALA A C   1 
ATOM   267 O O   . ALA A 1 33  ? -3.033  -6.789  0.157   1.00 20.64 ? 42  ALA A O   1 
ATOM   268 C CB  . ALA A 1 33  ? -1.776  -5.162  2.862   1.00 20.54 ? 42  ALA A CB  1 
ATOM   269 N N   . ARG A 1 34  ? -1.864  -8.082  1.624   1.00 22.53 ? 43  ARG A N   1 
ATOM   270 C CA  . ARG A 1 34  ? -1.486  -9.074  0.592   1.00 22.77 ? 43  ARG A CA  1 
ATOM   271 C C   . ARG A 1 34  ? -2.727  -9.721  -0.010  1.00 22.81 ? 43  ARG A C   1 
ATOM   272 O O   . ARG A 1 34  ? -2.800  -9.888  -1.267  1.00 23.93 ? 43  ARG A O   1 
ATOM   273 C CB  . ARG A 1 34  ? -0.619  -10.144 1.249   1.00 24.17 ? 43  ARG A CB  1 
ATOM   274 C CG  . ARG A 1 34  ? 0.723   -9.647  1.687   1.00 26.89 ? 43  ARG A CG  1 
ATOM   275 C CD  . ARG A 1 34  ? 1.646   -10.790 2.077   1.00 35.22 ? 43  ARG A CD  1 
ATOM   276 N NE  . ARG A 1 34  ? 2.987   -10.238 2.102   1.00 34.08 ? 43  ARG A NE  1 
ATOM   277 C CZ  . ARG A 1 34  ? 3.662   -9.905  3.206   1.00 37.20 ? 43  ARG A CZ  1 
ATOM   278 N NH1 . ARG A 1 34  ? 3.152   -10.117 4.405   1.00 36.03 ? 43  ARG A NH1 1 
ATOM   279 N NH2 . ARG A 1 34  ? 4.868   -9.377  3.110   1.00 42.72 ? 43  ARG A NH2 1 
ATOM   280 N N   . GLN A 1 35  ? -3.710  -10.087 0.809   1.00 21.15 ? 44  GLN A N   1 
ATOM   281 C CA  . GLN A 1 35  ? -4.979  -10.635 0.275   1.00 24.93 ? 44  GLN A CA  1 
ATOM   282 C C   . GLN A 1 35  ? -5.680  -9.633  -0.678  1.00 23.70 ? 44  GLN A C   1 
ATOM   283 O O   . GLN A 1 35  ? -6.074  -9.987  -1.808  1.00 25.12 ? 44  GLN A O   1 
ATOM   284 C CB  . GLN A 1 35  ? -5.926  -11.032 1.391   1.00 25.90 ? 44  GLN A CB  1 
ATOM   285 C CG  . GLN A 1 35  ? -7.089  -11.864 0.888   1.00 32.37 ? 44  GLN A CG  1 
ATOM   286 C CD  . GLN A 1 35  ? -6.621  -13.209 0.370   1.00 42.87 ? 44  GLN A CD  1 
ATOM   287 O OE1 . GLN A 1 35  ? -5.875  -13.937 1.047   1.00 47.29 ? 44  GLN A OE1 1 
ATOM   288 N NE2 . GLN A 1 35  ? -7.053  -13.555 -0.835  1.00 43.28 ? 44  GLN A NE2 1 
ATOM   289 N N   . HIS A 1 36  ? -5.847  -8.376  -0.276  1.00 22.71 ? 45  HIS A N   1 
ATOM   290 C CA  . HIS A 1 36  ? -6.493  -7.329  -1.113  1.00 22.66 ? 45  HIS A CA  1 
ATOM   291 C C   . HIS A 1 36  ? -5.657  -7.046  -2.369  1.00 22.37 ? 45  HIS A C   1 
ATOM   292 O O   . HIS A 1 36  ? -6.244  -6.833  -3.439  1.00 22.63 ? 45  HIS A O   1 
ATOM   293 C CB  . HIS A 1 36  ? -6.687  -6.056  -0.298  1.00 20.55 ? 45  HIS A CB  1 
ATOM   294 C CG  . HIS A 1 36  ? -7.858  -6.114  0.607   1.00 22.57 ? 45  HIS A CG  1 
ATOM   295 N ND1 . HIS A 1 36  ? -7.816  -6.711  1.833   1.00 25.86 ? 45  HIS A ND1 1 
ATOM   296 C CD2 . HIS A 1 36  ? -9.081  -5.571  0.490   1.00 24.18 ? 45  HIS A CD2 1 
ATOM   297 C CE1 . HIS A 1 36  ? -9.004  -6.573  2.423   1.00 27.55 ? 45  HIS A CE1 1 
ATOM   298 N NE2 . HIS A 1 36  ? -9.780  -5.885  1.639   1.00 28.41 ? 45  HIS A NE2 1 
ATOM   299 N N   . LEU A 1 37  ? -4.334  -7.091  -2.298  1.00 21.89 ? 46  LEU A N   1 
ATOM   300 C CA  . LEU A 1 37  ? -3.506  -6.990  -3.531  1.00 24.98 ? 46  LEU A CA  1 
ATOM   301 C C   . LEU A 1 37  ? -3.800  -8.162  -4.469  1.00 28.38 ? 46  LEU A C   1 
ATOM   302 O O   . LEU A 1 37  ? -4.041  -7.890  -5.663  1.00 28.79 ? 46  LEU A O   1 
ATOM   303 C CB  . LEU A 1 37  ? -2.044  -6.893  -3.146  1.00 23.31 ? 46  LEU A CB  1 
ATOM   304 C CG  . LEU A 1 37  ? -1.633  -5.573  -2.519  1.00 23.87 ? 46  LEU A CG  1 
ATOM   305 C CD1 . LEU A 1 37  ? -0.375  -5.710  -1.685  1.00 26.20 ? 46  LEU A CD1 1 
ATOM   306 C CD2 . LEU A 1 37  ? -1.463  -4.474  -3.572  1.00 24.17 ? 46  LEU A CD2 1 
ATOM   307 N N   . LYS A 1 38  ? -3.882  -9.393  -3.976  1.00 28.67 ? 47  LYS A N   1 
ATOM   308 C CA  . LYS A 1 38  ? -4.188  -10.559 -4.847  1.00 33.15 ? 47  LYS A CA  1 
ATOM   309 C C   . LYS A 1 38  ? -5.587  -10.399 -5.459  1.00 32.72 ? 47  LYS A C   1 
ATOM   310 O O   . LYS A 1 38  ? -5.748  -10.836 -6.595  1.00 32.41 ? 47  LYS A O   1 
ATOM   311 C CB  . LYS A 1 38  ? -4.031  -11.864 -4.051  1.00 39.14 ? 47  LYS A CB  1 
ATOM   312 C CG  . LYS A 1 38  ? -4.435  -13.142 -4.777  1.00 50.94 ? 47  LYS A CG  1 
ATOM   313 C CD  . LYS A 1 38  ? -5.354  -14.017 -3.941  1.00 61.47 ? 47  LYS A CD  1 
ATOM   314 C CE  . LYS A 1 38  ? -5.970  -15.176 -4.698  1.00 69.24 ? 47  LYS A CE  1 
ATOM   315 N NZ  . LYS A 1 38  ? -5.514  -16.481 -4.159  1.00 73.38 ? 47  LYS A NZ  1 
ATOM   316 N N   . ASP A 1 39  ? -6.583  -9.853  -4.732  1.00 27.95 ? 48  ASP A N   1 
ATOM   317 C CA  . ASP A 1 39  ? -8.023  -9.801  -5.110  1.00 28.33 ? 48  ASP A CA  1 
ATOM   318 C C   . ASP A 1 39  ? -8.323  -8.552  -5.963  1.00 25.01 ? 48  ASP A C   1 
ATOM   319 O O   . ASP A 1 39  ? -9.460  -8.384  -6.429  1.00 30.10 ? 48  ASP A O   1 
ATOM   320 C CB  . ASP A 1 39  ? -8.901  -9.837  -3.860  1.00 31.13 ? 48  ASP A CB  1 
ATOM   321 C CG  . ASP A 1 39  ? -8.836  -11.123 -3.011  1.00 36.49 ? 48  ASP A CG  1 
ATOM   322 O OD1 . ASP A 1 39  ? -8.316  -12.143 -3.489  1.00 40.09 ? 48  ASP A OD1 1 
ATOM   323 O OD2 . ASP A 1 39  ? -9.321  -11.081 -1.883  1.00 39.29 ? 48  ASP A OD2 1 
ATOM   324 N N   . GLY A 1 40  ? -7.381  -7.631  -6.123  1.00 26.07 ? 49  GLY A N   1 
ATOM   325 C CA  . GLY A 1 40  ? -7.622  -6.397  -6.899  1.00 23.64 ? 49  GLY A CA  1 
ATOM   326 C C   . GLY A 1 40  ? -8.457  -5.362  -6.162  1.00 24.75 ? 49  GLY A C   1 
ATOM   327 O O   . GLY A 1 40  ? -9.138  -4.527  -6.800  1.00 25.71 ? 49  GLY A O   1 
ATOM   328 N N   . THR A 1 41  ? -8.444  -5.420  -4.841  1.00 23.03 ? 50  THR A N   1 
ATOM   329 C CA  . THR A 1 41  ? -9.255  -4.563  -3.949  1.00 21.63 ? 50  THR A CA  1 
ATOM   330 C C   . THR A 1 41  ? -8.342  -3.752  -3.013  1.00 18.84 ? 50  THR A C   1 
ATOM   331 O O   . THR A 1 41  ? -8.767  -3.460  -1.891  1.00 18.65 ? 50  THR A O   1 
ATOM   332 C CB  . THR A 1 41  ? -10.268 -5.416  -3.182  1.00 20.77 ? 50  THR A CB  1 
ATOM   333 O OG1 . THR A 1 41  ? -9.569  -6.413  -2.420  1.00 24.42 ? 50  THR A OG1 1 
ATOM   334 C CG2 . THR A 1 41  ? -11.226 -6.112  -4.150  1.00 24.67 ? 50  THR A CG2 1 
ATOM   335 N N   . CYS A 1 42  ? -7.192  -3.324  -3.517  1.00 19.28 ? 51  CYS A N   1 
ATOM   336 C CA  . CYS A 1 42  ? -6.225  -2.543  -2.714  1.00 18.73 ? 51  CYS A CA  1 
ATOM   337 C C   . CYS A 1 42  ? -5.974  -1.211  -3.394  1.00 17.95 ? 51  CYS A C   1 
ATOM   338 O O   . CYS A 1 42  ? -5.624  -1.187  -4.617  1.00 20.89 ? 51  CYS A O   1 
ATOM   339 C CB  . CYS A 1 42  ? -4.902  -3.277  -2.586  1.00 19.28 ? 51  CYS A CB  1 
ATOM   340 S SG  . CYS A 1 42  ? -3.769  -2.563  -1.362  1.00 20.38 ? 51  CYS A SG  1 
ATOM   341 N N   . GLY A 1 43  ? -6.054  -0.127  -2.641  1.00 18.15 ? 52  GLY A N   1 
ATOM   342 C CA  . GLY A 1 43  ? -5.723  1.206   -3.122  1.00 18.78 ? 52  GLY A CA  1 
ATOM   343 C C   . GLY A 1 43  ? -4.441  1.719   -2.518  1.00 18.01 ? 52  GLY A C   1 
ATOM   344 O O   . GLY A 1 43  ? -3.914  1.063   -1.560  1.00 18.72 ? 52  GLY A O   1 
ATOM   345 N N   . LEU A 1 44  ? -3.968  2.834   -3.042  1.00 17.98 ? 53  LEU A N   1 
ATOM   346 C CA  . LEU A 1 44  ? -2.699  3.436   -2.608  1.00 18.52 ? 53  LEU A CA  1 
ATOM   347 C C   . LEU A 1 44  ? -2.969  4.915   -2.325  1.00 18.01 ? 53  LEU A C   1 
ATOM   348 O O   . LEU A 1 44  ? -3.549  5.575   -3.183  1.00 19.08 ? 53  LEU A O   1 
ATOM   349 C CB  . LEU A 1 44  ? -1.677  3.286   -3.745  1.00 20.84 ? 53  LEU A CB  1 
ATOM   350 C CG  . LEU A 1 44  ? -0.301  3.888   -3.505  1.00 25.08 ? 53  LEU A CG  1 
ATOM   351 C CD1 . LEU A 1 44  ? 0.393   3.149   -2.393  1.00 30.38 ? 53  LEU A CD1 1 
ATOM   352 C CD2 . LEU A 1 44  ? 0.541   3.831   -4.776  1.00 30.39 ? 53  LEU A CD2 1 
ATOM   353 N N   . VAL A 1 45  ? -2.513  5.400   -1.171  1.00 19.28 ? 54  VAL A N   1 
ATOM   354 C CA  . VAL A 1 45  ? -2.558  6.848   -0.843  1.00 19.44 ? 54  VAL A CA  1 
ATOM   355 C C   . VAL A 1 45  ? -1.129  7.374   -0.798  1.00 19.30 ? 54  VAL A C   1 
ATOM   356 O O   . VAL A 1 45  ? -0.297  6.792   -0.076  1.00 20.18 ? 54  VAL A O   1 
ATOM   357 C CB  . VAL A 1 45  ? -3.282  7.079   0.486   1.00 19.91 ? 54  VAL A CB  1 
ATOM   358 C CG1 . VAL A 1 45  ? -3.338  8.553   0.816   1.00 19.87 ? 54  VAL A CG1 1 
ATOM   359 C CG2 . VAL A 1 45  ? -4.662  6.467   0.449   1.00 20.45 ? 54  VAL A CG2 1 
ATOM   360 N N   . GLU A 1 46  ? -0.861  8.415   -1.554  1.00 21.57 ? 55  GLU A N   1 
ATOM   361 C CA  . GLU A 1 46  ? 0.476   9.052   -1.572  1.00 22.40 ? 55  GLU A CA  1 
ATOM   362 C C   . GLU A 1 46  ? 0.654   9.787   -0.250  1.00 25.27 ? 55  GLU A C   1 
ATOM   363 O O   . GLU A 1 46  ? -0.267  10.520  0.181   1.00 25.65 ? 55  GLU A O   1 
ATOM   364 C CB  . GLU A 1 46  ? 0.601   9.875   -2.855  1.00 24.49 ? 55  GLU A CB  1 
ATOM   365 C CG  . GLU A 1 46  ? 0.830   8.935   -4.028  1.00 26.46 ? 55  GLU A CG  1 
ATOM   366 C CD  . GLU A 1 46  ? 1.020   9.573   -5.377  1.00 31.00 ? 55  GLU A CD  1 
ATOM   367 O OE1 . GLU A 1 46  ? 0.426   10.612  -5.604  1.00 40.00 ? 55  GLU A OE1 1 
ATOM   368 O OE2 . GLU A 1 46  ? 1.720   8.989   -6.201  1.00 37.04 ? 55  GLU A OE2 1 
ATOM   369 N N   . VAL A 1 47  ? 1.806   9.595   0.384   1.00 25.87 ? 56  VAL A N   1 
ATOM   370 C CA  . VAL A 1 47  ? 2.082   10.171  1.723   1.00 29.03 ? 56  VAL A CA  1 
ATOM   371 C C   . VAL A 1 47  ? 2.575   11.601  1.527   1.00 31.91 ? 56  VAL A C   1 
ATOM   372 O O   . VAL A 1 47  ? 3.552   11.833  0.775   1.00 36.84 ? 56  VAL A O   1 
ATOM   373 C CB  . VAL A 1 47  ? 3.058   9.304   2.542   1.00 30.65 ? 56  VAL A CB  1 
ATOM   374 C CG1 . VAL A 1 47  ? 3.396   9.948   3.876   1.00 32.85 ? 56  VAL A CG1 1 
ATOM   375 C CG2 . VAL A 1 47  ? 2.517   7.907   2.762   1.00 33.93 ? 56  VAL A CG2 1 
ATOM   376 N N   . GLU A 1 48  ? 1.848   12.539  2.120   1.00 33.82 ? 57  GLU A N   1 
ATOM   377 C CA  . GLU A 1 48  ? 2.280   13.943  2.289   1.00 40.37 ? 57  GLU A CA  1 
ATOM   378 C C   . GLU A 1 48  ? 1.899   14.389  3.700   1.00 38.28 ? 57  GLU A C   1 
ATOM   379 O O   . GLU A 1 48  ? 1.259   13.613  4.444   1.00 33.51 ? 57  GLU A O   1 
ATOM   380 C CB  . GLU A 1 48  ? 1.625   14.823  1.230   1.00 48.51 ? 57  GLU A CB  1 
ATOM   381 C CG  . GLU A 1 48  ? 2.261   14.657  -0.140  1.00 62.41 ? 57  GLU A CG  1 
ATOM   382 C CD  . GLU A 1 48  ? 1.701   15.584  -1.202  1.00 72.85 ? 57  GLU A CD  1 
ATOM   383 O OE1 . GLU A 1 48  ? 0.759   16.341  -0.882  1.00 80.37 ? 57  GLU A OE1 1 
ATOM   384 O OE2 . GLU A 1 48  ? 2.213   15.552  -2.344  1.00 87.35 ? 57  GLU A OE2 1 
ATOM   385 N N   . LYS A 1 49  ? 2.337   15.589  4.077   1.00 36.67 ? 58  LYS A N   1 
ATOM   386 C CA  . LYS A 1 49  ? 1.970   16.209  5.373   1.00 40.63 ? 58  LYS A CA  1 
ATOM   387 C C   . LYS A 1 49  ? 0.460   16.060  5.581   1.00 31.92 ? 58  LYS A C   1 
ATOM   388 O O   . LYS A 1 49  ? -0.297  16.357  4.638   1.00 35.30 ? 58  LYS A O   1 
ATOM   389 C CB  . LYS A 1 49  ? 2.347   17.697  5.390   1.00 48.56 ? 58  LYS A CB  1 
ATOM   390 C CG  . LYS A 1 49  ? 3.834   17.994  5.249   1.00 55.50 ? 58  LYS A CG  1 
ATOM   391 C CD  . LYS A 1 49  ? 4.667   17.542  6.431   1.00 62.74 ? 58  LYS A CD  1 
ATOM   392 C CE  . LYS A 1 49  ? 6.048   18.168  6.451   1.00 66.94 ? 58  LYS A CE  1 
ATOM   393 N NZ  . LYS A 1 49  ? 6.887   17.676  5.332   1.00 67.39 ? 58  LYS A NZ  1 
ATOM   394 N N   . GLY A 1 50  ? 0.082   15.520  6.732   1.00 30.86 ? 59  GLY A N   1 
ATOM   395 C CA  . GLY A 1 50  ? -1.312  15.424  7.194   1.00 31.62 ? 59  GLY A CA  1 
ATOM   396 C C   . GLY A 1 50  ? -2.004  14.150  6.749   1.00 30.50 ? 59  GLY A C   1 
ATOM   397 O O   . GLY A 1 50  ? -3.129  13.879  7.217   1.00 29.98 ? 59  GLY A O   1 
ATOM   398 N N   . VAL A 1 51  ? -1.384  13.343  5.895   1.00 28.04 ? 60  VAL A N   1 
ATOM   399 C CA  . VAL A 1 51  ? -2.042  12.092  5.428   1.00 26.50 ? 60  VAL A CA  1 
ATOM   400 C C   . VAL A 1 51  ? -2.075  11.014  6.517   1.00 25.51 ? 60  VAL A C   1 
ATOM   401 O O   . VAL A 1 51  ? -3.188  10.455  6.810   1.00 23.86 ? 60  VAL A O   1 
ATOM   402 C CB  . VAL A 1 51  ? -1.396  11.574  4.131   1.00 25.88 ? 60  VAL A CB  1 
ATOM   403 C CG1 . VAL A 1 51  ? -1.868  10.167  3.821   1.00 27.94 ? 60  VAL A CG1 1 
ATOM   404 C CG2 . VAL A 1 51  ? -1.652  12.534  2.995   1.00 26.45 ? 60  VAL A CG2 1 
ATOM   405 N N   . LEU A 1 52  ? -0.940  10.604  7.087   1.00 27.21 ? 61  LEU A N   1 
ATOM   406 C CA  . LEU A 1 52  ? -0.951  9.437   8.008   1.00 25.92 ? 61  LEU A CA  1 
ATOM   407 C C   . LEU A 1 52  ? -1.847  9.661   9.223   1.00 24.39 ? 61  LEU A C   1 
ATOM   408 O O   . LEU A 1 52  ? -2.547  8.747   9.649   1.00 24.18 ? 61  LEU A O   1 
ATOM   409 C CB  . LEU A 1 52  ? 0.474   9.029   8.399   1.00 28.57 ? 61  LEU A CB  1 
ATOM   410 C CG  . LEU A 1 52  ? 1.254   8.386   7.250   1.00 30.34 ? 61  LEU A CG  1 
ATOM   411 C CD1 . LEU A 1 52  ? 2.714   8.201   7.629   1.00 32.04 ? 61  LEU A CD1 1 
ATOM   412 C CD2 . LEU A 1 52  ? 0.622   7.043   6.896   1.00 31.71 ? 61  LEU A CD2 1 
ATOM   413 N N   . PRO A 1 53  ? -1.940  10.869  9.832   1.00 25.62 ? 62  PRO A N   1 
ATOM   414 C CA  . PRO A 1 53  ? -2.848  11.037  10.967  1.00 25.61 ? 62  PRO A CA  1 
ATOM   415 C C   . PRO A 1 53  ? -4.331  10.861  10.634  1.00 25.23 ? 62  PRO A C   1 
ATOM   416 O O   . PRO A 1 53  ? -5.110  10.619  11.553  1.00 25.28 ? 62  PRO A O   1 
ATOM   417 C CB  . PRO A 1 53  ? -2.515  12.458  11.479  1.00 24.84 ? 62  PRO A CB  1 
ATOM   418 C CG  . PRO A 1 53  ? -1.159  12.766  10.926  1.00 28.46 ? 62  PRO A CG  1 
ATOM   419 C CD  . PRO A 1 53  ? -1.117  12.062  9.570   1.00 27.65 ? 62  PRO A CD  1 
ATOM   420 N N   . GLN A 1 54  ? -4.684  10.879  9.339   1.00 24.95 ? 63  GLN A N   1 
ATOM   421 C CA  . GLN A 1 54  ? -6.066  10.681  8.842   1.00 22.94 ? 63  GLN A CA  1 
ATOM   422 C C   . GLN A 1 54  ? -6.330  9.201   8.551   1.00 24.16 ? 63  GLN A C   1 
ATOM   423 O O   . GLN A 1 54  ? -7.486  8.843   8.236   1.00 25.63 ? 63  GLN A O   1 
ATOM   424 C CB  . GLN A 1 54  ? -6.309  11.549  7.599   1.00 23.57 ? 63  GLN A CB  1 
ATOM   425 C CG  . GLN A 1 54  ? -6.313  13.047  7.903   1.00 24.27 ? 63  GLN A CG  1 
ATOM   426 C CD  . GLN A 1 54  ? -6.722  13.796  6.666   1.00 27.70 ? 63  GLN A CD  1 
ATOM   427 O OE1 . GLN A 1 54  ? -7.899  13.794  6.308   1.00 34.73 ? 63  GLN A OE1 1 
ATOM   428 N NE2 . GLN A 1 54  ? -5.768  14.412  5.990   1.00 27.24 ? 63  GLN A NE2 1 
ATOM   429 N N   . LEU A 1 55  ? -5.315  8.343   8.702   1.00 22.28 ? 64  LEU A N   1 
ATOM   430 C CA  . LEU A 1 55  ? -5.467  6.890   8.449   1.00 22.87 ? 64  LEU A CA  1 
ATOM   431 C C   . LEU A 1 55  ? -5.266  6.142   9.753   1.00 23.00 ? 64  LEU A C   1 
ATOM   432 O O   . LEU A 1 55  ? -4.917  6.771   10.778  1.00 27.85 ? 64  LEU A O   1 
ATOM   433 C CB  . LEU A 1 55  ? -4.473  6.480   7.362   1.00 20.44 ? 64  LEU A CB  1 
ATOM   434 C CG  . LEU A 1 55  ? -4.735  7.091   5.990   1.00 22.25 ? 64  LEU A CG  1 
ATOM   435 C CD1 . LEU A 1 55  ? -3.639  6.700   5.016   1.00 24.14 ? 64  LEU A CD1 1 
ATOM   436 C CD2 . LEU A 1 55  ? -6.114  6.645   5.501   1.00 23.10 ? 64  LEU A CD2 1 
ATOM   437 N N   . GLU A 1 56  ? -5.558  4.859   9.768   1.00 22.17 ? 65  GLU A N   1 
ATOM   438 C CA  . GLU A 1 56  ? -5.541  4.054   10.999  1.00 20.95 ? 65  GLU A CA  1 
ATOM   439 C C   . GLU A 1 56  ? -4.239  3.251   11.057  1.00 23.71 ? 65  GLU A C   1 
ATOM   440 O O   . GLU A 1 56  ? -3.880  2.568   10.100  1.00 24.27 ? 65  GLU A O   1 
ATOM   441 C CB  . GLU A 1 56  ? -6.761  3.122   11.082  1.00 24.54 ? 65  GLU A CB  1 
ATOM   442 C CG  . GLU A 1 56  ? -8.063  3.921   11.200  1.00 27.22 ? 65  GLU A CG  1 
ATOM   443 C CD  . GLU A 1 56  ? -9.334  3.121   11.086  1.00 33.18 ? 65  GLU A CD  1 
ATOM   444 O OE1 . GLU A 1 56  ? -9.301  2.080   10.431  1.00 38.33 ? 65  GLU A OE1 1 
ATOM   445 O OE2 . GLU A 1 56  ? -10.373 3.571   11.617  1.00 41.49 ? 65  GLU A OE2 1 
ATOM   446 N N   . GLN A 1 57  ? -3.596  3.234   12.215  1.00 26.49 ? 66  GLN A N   1 
ATOM   447 C CA  . GLN A 1 57  ? -2.452  2.317   12.452  1.00 26.54 ? 66  GLN A CA  1 
ATOM   448 C C   . GLN A 1 57  ? -2.960  0.944   12.865  1.00 26.33 ? 66  GLN A C   1 
ATOM   449 O O   . GLN A 1 57  ? -4.077  0.831   13.324  1.00 26.84 ? 66  GLN A O   1 
ATOM   450 C CB  . GLN A 1 57  ? -1.612  2.841   13.607  1.00 28.50 ? 66  GLN A CB  1 
ATOM   451 C CG  . GLN A 1 57  ? -0.894  4.130   13.263  1.00 30.76 ? 66  GLN A CG  1 
ATOM   452 C CD  . GLN A 1 57  ? 0.130   4.447   14.315  1.00 36.54 ? 66  GLN A CD  1 
ATOM   453 O OE1 . GLN A 1 57  ? 0.995   3.628   14.603  1.00 34.00 ? 66  GLN A OE1 1 
ATOM   454 N NE2 . GLN A 1 57  ? 0.010   5.626   14.906  1.00 45.91 ? 66  GLN A NE2 1 
ATOM   455 N N   . PRO A 1 58  ? -2.206  -0.169  12.689  1.00 22.34 ? 67  PRO A N   1 
ATOM   456 C CA  . PRO A 1 58  ? -0.932  -0.161  11.967  1.00 23.29 ? 67  PRO A CA  1 
ATOM   457 C C   . PRO A 1 58  ? -1.063  0.215   10.483  1.00 22.42 ? 67  PRO A C   1 
ATOM   458 O O   . PRO A 1 58  ? -2.082  -0.102  9.867   1.00 23.56 ? 67  PRO A O   1 
ATOM   459 C CB  . PRO A 1 58  ? -0.402  -1.599  12.046  1.00 24.69 ? 67  PRO A CB  1 
ATOM   460 C CG  . PRO A 1 58  ? -1.198  -2.181  13.174  1.00 26.36 ? 67  PRO A CG  1 
ATOM   461 C CD  . PRO A 1 58  ? -2.563  -1.521  13.094  1.00 23.18 ? 67  PRO A CD  1 
ATOM   462 N N   . TYR A 1 59  ? -0.079  0.913   9.957   1.00 21.87 ? 68  TYR A N   1 
ATOM   463 C CA  . TYR A 1 59  ? 0.001   1.273   8.526   1.00 20.19 ? 68  TYR A CA  1 
ATOM   464 C C   . TYR A 1 59  ? 0.683   0.143   7.730   1.00 22.15 ? 68  TYR A C   1 
ATOM   465 O O   . TYR A 1 59  ? 1.628   -0.550  8.272   1.00 21.49 ? 68  TYR A O   1 
ATOM   466 C CB  . TYR A 1 59  ? 0.792   2.540   8.250   1.00 22.29 ? 68  TYR A CB  1 
ATOM   467 C CG  . TYR A 1 59  ? 0.425   3.738   9.077   1.00 24.18 ? 68  TYR A CG  1 
ATOM   468 C CD1 . TYR A 1 59  ? -0.863  4.251   9.053   1.00 24.25 ? 68  TYR A CD1 1 
ATOM   469 C CD2 . TYR A 1 59  ? 1.366   4.381   9.881   1.00 27.18 ? 68  TYR A CD2 1 
ATOM   470 C CE1 . TYR A 1 59  ? -1.211  5.377   9.798   1.00 25.93 ? 68  TYR A CE1 1 
ATOM   471 C CE2 . TYR A 1 59  ? 1.029   5.518   10.610  1.00 28.88 ? 68  TYR A CE2 1 
ATOM   472 C CZ  . TYR A 1 59  ? -0.264  6.003   10.588  1.00 28.88 ? 68  TYR A CZ  1 
ATOM   473 O OH  . TYR A 1 59  ? -0.557  7.117   11.346  1.00 30.79 ? 68  TYR A OH  1 
ATOM   474 N N   . VAL A 1 60  ? 0.365   0.025   6.446   1.00 19.61 ? 69  VAL A N   1 
ATOM   475 C CA  . VAL A 1 60  ? 1.110   -0.830  5.493   1.00 20.20 ? 69  VAL A CA  1 
ATOM   476 C C   . VAL A 1 60  ? 1.629   0.051   4.383   1.00 21.74 ? 69  VAL A C   1 
ATOM   477 O O   . VAL A 1 60  ? 0.817   0.667   3.674   1.00 21.65 ? 69  VAL A O   1 
ATOM   478 C CB  . VAL A 1 60  ? 0.283   -1.983  4.925   1.00 20.95 ? 69  VAL A CB  1 
ATOM   479 C CG1 . VAL A 1 60  ? 1.086   -2.736  3.865   1.00 22.71 ? 69  VAL A CG1 1 
ATOM   480 C CG2 . VAL A 1 60  ? -0.272  -2.923  5.991   1.00 20.81 ? 69  VAL A CG2 1 
ATOM   481 N N   . PHE A 1 61  ? 2.939   0.171   4.230   1.00 20.66 ? 70  PHE A N   1 
ATOM   482 C CA  . PHE A 1 61  ? 3.558   0.919   3.115   1.00 22.33 ? 70  PHE A CA  1 
ATOM   483 C C   . PHE A 1 61  ? 3.961   -0.018  1.986   1.00 20.32 ? 70  PHE A C   1 
ATOM   484 O O   . PHE A 1 61  ? 4.347   -1.163  2.272   1.00 21.59 ? 70  PHE A O   1 
ATOM   485 C CB  . PHE A 1 61  ? 4.773   1.706   3.609   1.00 21.38 ? 70  PHE A CB  1 
ATOM   486 C CG  . PHE A 1 61  ? 4.489   2.679   4.722   1.00 22.81 ? 70  PHE A CG  1 
ATOM   487 C CD1 . PHE A 1 61  ? 3.748   3.803   4.447   1.00 23.15 ? 70  PHE A CD1 1 
ATOM   488 C CD2 . PHE A 1 61  ? 4.907   2.482   6.027   1.00 23.75 ? 70  PHE A CD2 1 
ATOM   489 C CE1 . PHE A 1 61  ? 3.486   4.743   5.437   1.00 26.31 ? 70  PHE A CE1 1 
ATOM   490 C CE2 . PHE A 1 61  ? 4.605   3.404   7.023   1.00 25.53 ? 70  PHE A CE2 1 
ATOM   491 C CZ  . PHE A 1 61  ? 3.889   4.530   6.729   1.00 25.42 ? 70  PHE A CZ  1 
ATOM   492 N N   . ILE A 1 62  ? 3.966   0.486   0.767   1.00 20.14 ? 71  ILE A N   1 
ATOM   493 C CA  . ILE A 1 62  ? 4.775   -0.124  -0.318  1.00 23.63 ? 71  ILE A CA  1 
ATOM   494 C C   . ILE A 1 62  ? 6.022   0.714   -0.429  1.00 25.90 ? 71  ILE A C   1 
ATOM   495 O O   . ILE A 1 62  ? 5.895   1.949   -0.557  1.00 25.48 ? 71  ILE A O   1 
ATOM   496 C CB  . ILE A 1 62  ? 4.072   -0.290  -1.678  1.00 27.66 ? 71  ILE A CB  1 
ATOM   497 C CG1 . ILE A 1 62  ? 3.303   0.960   -2.125  1.00 29.16 ? 71  ILE A CG1 1 
ATOM   498 C CG2 . ILE A 1 62  ? 3.236   -1.535  -1.632  1.00 29.76 ? 71  ILE A CG2 1 
ATOM   499 C CD1 . ILE A 1 62  ? 3.227   1.047   -3.647  1.00 31.84 ? 71  ILE A CD1 1 
ATOM   500 N N   . LYS A 1 63  ? 7.178   0.035   -0.442  1.00 22.93 ? 72  LYS A N   1 
ATOM   501 C CA  . LYS A 1 63  ? 8.499   0.649   -0.484  1.00 23.44 ? 72  LYS A CA  1 
ATOM   502 C C   . LYS A 1 63  ? 9.292   0.085   -1.666  1.00 22.79 ? 72  LYS A C   1 
ATOM   503 O O   . LYS A 1 63  ? 9.075   -1.076  -2.019  1.00 24.22 ? 72  LYS A O   1 
ATOM   504 C CB  . LYS A 1 63  ? 9.171   0.405   0.854   1.00 25.94 ? 72  LYS A CB  1 
ATOM   505 C CG  . LYS A 1 63  ? 8.663   1.302   1.977   1.00 29.69 ? 72  LYS A CG  1 
ATOM   506 C CD  . LYS A 1 63  ? 9.406   1.122   3.276   1.00 33.64 ? 72  LYS A CD  1 
ATOM   507 C CE  . LYS A 1 63  ? 9.088   2.199   4.284   1.00 36.29 ? 72  LYS A CE  1 
ATOM   508 N NZ  . LYS A 1 63  ? 9.642   3.500   3.843   1.00 35.39 ? 72  LYS A NZ  1 
ATOM   509 N N   . ARG A 1 64  ? 10.082  0.906   -2.326  1.00 26.17 ? 73  ARG A N   1 
ATOM   510 C CA  . ARG A 1 64  ? 10.879  0.479   -3.511  1.00 27.75 ? 73  ARG A CA  1 
ATOM   511 C C   . ARG A 1 64  ? 11.947  -0.543  -3.075  1.00 27.78 ? 73  ARG A C   1 
ATOM   512 O O   . ARG A 1 64  ? 12.640  -0.273  -2.092  1.00 29.67 ? 73  ARG A O   1 
ATOM   513 C CB  . ARG A 1 64  ? 11.528  1.718   -4.120  1.00 32.42 ? 73  ARG A CB  1 
ATOM   514 C CG  . ARG A 1 64  ? 12.217  1.416   -5.442  1.00 39.15 ? 73  ARG A CG  1 
ATOM   515 C CD  . ARG A 1 64  ? 12.999  2.597   -5.972  1.00 47.57 ? 73  ARG A CD  1 
ATOM   516 N NE  . ARG A 1 64  ? 12.930  2.653   -7.426  1.00 57.18 ? 73  ARG A NE  1 
ATOM   517 C CZ  . ARG A 1 64  ? 12.141  3.477   -8.111  1.00 62.52 ? 73  ARG A CZ  1 
ATOM   518 N NH1 . ARG A 1 64  ? 11.334  4.314   -7.476  1.00 65.86 ? 73  ARG A NH1 1 
ATOM   519 N NH2 . ARG A 1 64  ? 12.150  3.454   -9.432  1.00 66.92 ? 73  ARG A NH2 1 
ATOM   520 N N   . SER A 1 65  ? 12.020  -1.711  -3.724  1.00 29.75 ? 74  SER A N   1 
ATOM   521 C CA  . SER A 1 65  ? 12.885  -2.825  -3.258  1.00 32.40 ? 74  SER A CA  1 
ATOM   522 C C   . SER A 1 65  ? 14.188  -2.817  -4.056  1.00 40.67 ? 74  SER A C   1 
ATOM   523 O O   . SER A 1 65  ? 15.104  -3.541  -3.639  1.00 38.66 ? 74  SER A O   1 
ATOM   524 C CB  . SER A 1 65  ? 12.197  -4.173  -3.320  1.00 36.85 ? 74  SER A CB  1 
ATOM   525 O OG  . SER A 1 65  ? 11.526  -4.382  -4.539  1.00 39.62 ? 74  SER A OG  1 
ATOM   526 N N   . ASP A 1 66  ? 14.250  -2.039  -5.133  1.00 46.76 ? 75  ASP A N   1 
ATOM   527 C CA  . ASP A 1 66  ? 15.337  -2.108  -6.149  1.00 56.14 ? 75  ASP A CA  1 
ATOM   528 C C   . ASP A 1 66  ? 15.158  -0.965  -7.164  1.00 64.76 ? 75  ASP A C   1 
ATOM   529 O O   . ASP A 1 66  ? 14.047  -0.411  -7.215  1.00 60.93 ? 75  ASP A O   1 
ATOM   530 C CB  . ASP A 1 66  ? 15.346  -3.507  -6.778  1.00 57.38 ? 75  ASP A CB  1 
ATOM   531 C CG  . ASP A 1 66  ? 16.224  -3.670  -8.009  1.00 57.12 ? 75  ASP A CG  1 
ATOM   532 O OD1 . ASP A 1 66  ? 17.269  -3.002  -8.078  1.00 61.50 ? 75  ASP A OD1 1 
ATOM   533 O OD2 . ASP A 1 66  ? 15.841  -4.453  -8.902  1.00 58.03 ? 75  ASP A OD2 1 
ATOM   534 N N   . ALA A 1 67  ? 16.223  -0.627  -7.917  1.00 75.24 ? 76  ALA A N   1 
ATOM   535 C CA  . ALA A 1 67  ? 16.238  0.349   -9.043  1.00 78.18 ? 76  ALA A CA  1 
ATOM   536 C C   . ALA A 1 67  ? 16.532  -0.379  -10.366 1.00 76.91 ? 76  ALA A C   1 
ATOM   537 O O   . ALA A 1 67  ? 17.622  -0.138  -10.926 1.00 65.38 ? 76  ALA A O   1 
ATOM   538 C CB  . ALA A 1 67  ? 17.250  1.443   -8.782  1.00 75.88 ? 76  ALA A CB  1 
ATOM   539 N N   . ALA A 1 70  ? 13.153  -1.019  -12.925 1.00 60.39 ? 79  ALA A N   1 
ATOM   540 C CA  . ALA A 1 70  ? 11.670  -1.010  -12.989 1.00 65.00 ? 79  ALA A CA  1 
ATOM   541 C C   . ALA A 1 70  ? 11.213  -1.722  -14.256 1.00 64.83 ? 79  ALA A C   1 
ATOM   542 O O   . ALA A 1 70  ? 10.977  -1.081  -15.280 1.00 72.90 ? 79  ALA A O   1 
ATOM   543 C CB  . ALA A 1 70  ? 11.133  0.403   -12.938 1.00 61.34 ? 79  ALA A CB  1 
ATOM   544 N N   . PRO A 1 71  ? 11.072  -3.066  -14.222 1.00 63.64 ? 80  PRO A N   1 
ATOM   545 C CA  . PRO A 1 71  ? 10.647  -3.832  -15.396 1.00 61.75 ? 80  PRO A CA  1 
ATOM   546 C C   . PRO A 1 71  ? 9.279   -3.410  -15.955 1.00 64.29 ? 80  PRO A C   1 
ATOM   547 O O   . PRO A 1 71  ? 8.341   -3.311  -15.185 1.00 61.16 ? 80  PRO A O   1 
ATOM   548 C CB  . PRO A 1 71  ? 10.562  -5.282  -14.886 1.00 62.23 ? 80  PRO A CB  1 
ATOM   549 C CG  . PRO A 1 71  ? 11.461  -5.305  -13.669 1.00 63.02 ? 80  PRO A CG  1 
ATOM   550 C CD  . PRO A 1 71  ? 11.350  -3.924  -13.060 1.00 62.08 ? 80  PRO A CD  1 
ATOM   551 N N   . HIS A 1 72  ? 9.201   -3.198  -17.275 1.00 61.81 ? 81  HIS A N   1 
ATOM   552 C CA  . HIS A 1 72  ? 7.943   -2.969  -18.040 1.00 62.91 ? 81  HIS A CA  1 
ATOM   553 C C   . HIS A 1 72  ? 7.178   -1.749  -17.503 1.00 62.52 ? 81  HIS A C   1 
ATOM   554 O O   . HIS A 1 72  ? 5.950   -1.707  -17.715 1.00 61.43 ? 81  HIS A O   1 
ATOM   555 C CB  . HIS A 1 72  ? 7.061   -4.232  -18.003 1.00 72.13 ? 81  HIS A CB  1 
ATOM   556 C CG  . HIS A 1 72  ? 7.789   -5.500  -18.312 1.00 84.02 ? 81  HIS A CG  1 
ATOM   557 N ND1 . HIS A 1 72  ? 7.954   -5.967  -19.605 1.00 92.81 ? 81  HIS A ND1 1 
ATOM   558 C CD2 . HIS A 1 72  ? 8.400   -6.400  -17.511 1.00 89.05 ? 81  HIS A CD2 1 
ATOM   559 C CE1 . HIS A 1 72  ? 8.633   -7.096  -19.587 1.00 93.56 ? 81  HIS A CE1 1 
ATOM   560 N NE2 . HIS A 1 72  ? 8.921   -7.382  -18.313 1.00 94.53 ? 81  HIS A NE2 1 
ATOM   561 N N   . GLY A 1 73  ? 7.868   -0.796  -16.854 1.00 59.44 ? 82  GLY A N   1 
ATOM   562 C CA  . GLY A 1 73  ? 7.271   0.403   -16.229 1.00 55.48 ? 82  GLY A CA  1 
ATOM   563 C C   . GLY A 1 73  ? 6.733   0.155   -14.817 1.00 53.83 ? 82  GLY A C   1 
ATOM   564 O O   . GLY A 1 73  ? 6.140   1.083   -14.251 1.00 50.15 ? 82  GLY A O   1 
ATOM   565 N N   . HIS A 1 74  ? 6.933   -1.044  -14.260 1.00 43.64 ? 83  HIS A N   1 
ATOM   566 C CA  . HIS A 1 74  ? 6.474   -1.458  -12.915 1.00 38.76 ? 83  HIS A CA  1 
ATOM   567 C C   . HIS A 1 74  ? 7.641   -1.368  -11.923 1.00 41.62 ? 83  HIS A C   1 
ATOM   568 O O   . HIS A 1 74  ? 8.615   -2.137  -12.066 1.00 41.14 ? 83  HIS A O   1 
ATOM   569 C CB  . HIS A 1 74  ? 5.870   -2.866  -12.957 1.00 36.45 ? 83  HIS A CB  1 
ATOM   570 C CG  . HIS A 1 74  ? 4.587   -2.965  -13.704 1.00 37.54 ? 83  HIS A CG  1 
ATOM   571 N ND1 . HIS A 1 74  ? 3.348   -3.115  -13.080 1.00 38.55 ? 83  HIS A ND1 1 
ATOM   572 C CD2 . HIS A 1 74  ? 4.358   -2.994  -15.030 1.00 37.66 ? 83  HIS A CD2 1 
ATOM   573 C CE1 . HIS A 1 74  ? 2.412   -3.220  -14.007 1.00 44.22 ? 83  HIS A CE1 1 
ATOM   574 N NE2 . HIS A 1 74  ? 3.010   -3.137  -15.214 1.00 45.52 ? 83  HIS A NE2 1 
ATOM   575 N N   . VAL A 1 75  ? 7.557   -0.451  -10.960 1.00 36.78 ? 84  VAL A N   1 
ATOM   576 C CA  . VAL A 1 75  ? 8.590   -0.329  -9.889  1.00 36.95 ? 84  VAL A CA  1 
ATOM   577 C C   . VAL A 1 75  ? 8.480   -1.571  -9.005  1.00 31.03 ? 84  VAL A C   1 
ATOM   578 O O   . VAL A 1 75  ? 7.366   -1.922  -8.577  1.00 26.98 ? 84  VAL A O   1 
ATOM   579 C CB  . VAL A 1 75  ? 8.429   0.972   -9.082  1.00 38.20 ? 84  VAL A CB  1 
ATOM   580 C CG1 . VAL A 1 75  ? 9.351   1.006   -7.870  1.00 40.32 ? 84  VAL A CG1 1 
ATOM   581 C CG2 . VAL A 1 75  ? 8.666   2.176   -9.977  1.00 42.74 ? 84  VAL A CG2 1 
ATOM   582 N N   . MET A 1 76  ? 9.604   -2.219  -8.677  1.00 28.56 ? 85  MET A N   1 
ATOM   583 C CA  . MET A 1 76  ? 9.558   -3.376  -7.756  1.00 27.39 ? 85  MET A CA  1 
ATOM   584 C C   . MET A 1 76  ? 9.400   -2.853  -6.332  1.00 25.47 ? 85  MET A C   1 
ATOM   585 O O   . MET A 1 76  ? 10.120  -1.914  -5.922  1.00 27.57 ? 85  MET A O   1 
ATOM   586 C CB  . MET A 1 76  ? 10.813  -4.256  -7.868  1.00 32.27 ? 85  MET A CB  1 
ATOM   587 C CG  . MET A 1 76  ? 10.826  -5.045  -9.172  1.00 35.18 ? 85  MET A CG  1 
ATOM   588 S SD  . MET A 1 76  ? 12.179  -6.275  -9.242  1.00 40.65 ? 85  MET A SD  1 
ATOM   589 C CE  . MET A 1 76  ? 12.279  -6.733  -7.519  1.00 45.10 ? 85  MET A CE  1 
ATOM   590 N N   . VAL A 1 77  ? 8.421   -3.397  -5.636  1.00 24.54 ? 86  VAL A N   1 
ATOM   591 C CA  . VAL A 1 77  ? 8.047   -2.933  -4.282  1.00 22.73 ? 86  VAL A CA  1 
ATOM   592 C C   . VAL A 1 77  ? 7.872   -4.115  -3.354  1.00 22.48 ? 86  VAL A C   1 
ATOM   593 O O   . VAL A 1 77  ? 7.628   -5.269  -3.804  1.00 25.15 ? 86  VAL A O   1 
ATOM   594 C CB  . VAL A 1 77  ? 6.765   -2.080  -4.318  1.00 23.78 ? 86  VAL A CB  1 
ATOM   595 C CG1 . VAL A 1 77  ? 6.952   -0.853  -5.188  1.00 24.97 ? 86  VAL A CG1 1 
ATOM   596 C CG2 . VAL A 1 77  ? 5.590   -2.946  -4.738  1.00 27.42 ? 86  VAL A CG2 1 
ATOM   597 N N   . GLU A 1 78  ? 8.018   -3.830  -2.068  1.00 24.11 ? 87  GLU A N   1 
ATOM   598 C CA  . GLU A 1 78  ? 7.638   -4.761  -0.993  1.00 24.93 ? 87  GLU A CA  1 
ATOM   599 C C   . GLU A 1 78  ? 6.875   -4.043  0.111   1.00 22.62 ? 87  GLU A C   1 
ATOM   600 O O   . GLU A 1 78  ? 6.882   -2.809  0.154   1.00 22.49 ? 87  GLU A O   1 
ATOM   601 C CB  . GLU A 1 78  ? 8.871   -5.445  -0.427  1.00 30.37 ? 87  GLU A CB  1 
ATOM   602 C CG  . GLU A 1 78  ? 9.966   -4.512  -0.008  1.00 31.62 ? 87  GLU A CG  1 
ATOM   603 C CD  . GLU A 1 78  ? 11.326  -5.210  0.069   1.00 36.85 ? 87  GLU A CD  1 
ATOM   604 O OE1 . GLU A 1 78  ? 11.363  -6.460  0.098   1.00 46.49 ? 87  GLU A OE1 1 
ATOM   605 O OE2 . GLU A 1 78  ? 12.324  -4.501  0.044   1.00 33.26 ? 87  GLU A OE2 1 
ATOM   606 N N   . LEU A 1 79  ? 6.230   -4.836  0.932   1.00 22.03 ? 88  LEU A N   1 
ATOM   607 C CA  . LEU A 1 79  ? 5.398   -4.342  2.041   1.00 22.95 ? 88  LEU A CA  1 
ATOM   608 C C   . LEU A 1 79  ? 6.229   -4.168  3.305   1.00 22.67 ? 88  LEU A C   1 
ATOM   609 O O   . LEU A 1 79  ? 6.992   -5.108  3.696   1.00 24.90 ? 88  LEU A O   1 
ATOM   610 C CB  . LEU A 1 79  ? 4.231   -5.273  2.300   1.00 24.23 ? 88  LEU A CB  1 
ATOM   611 C CG  . LEU A 1 79  ? 3.327   -5.596  1.108   1.00 25.45 ? 88  LEU A CG  1 
ATOM   612 C CD1 . LEU A 1 79  ? 2.144   -6.398  1.593   1.00 27.99 ? 88  LEU A CD1 1 
ATOM   613 C CD2 . LEU A 1 79  ? 2.824   -4.369  0.391   1.00 25.98 ? 88  LEU A CD2 1 
ATOM   614 N N   . VAL A 1 80  ? 6.022   -3.054  4.002   1.00 22.40 ? 89  VAL A N   1 
ATOM   615 C CA  . VAL A 1 80  ? 6.574   -2.759  5.359   1.00 22.93 ? 89  VAL A CA  1 
ATOM   616 C C   . VAL A 1 80  ? 5.461   -2.169  6.222   1.00 24.22 ? 89  VAL A C   1 
ATOM   617 O O   . VAL A 1 80  ? 4.797   -1.219  5.760   1.00 24.97 ? 89  VAL A O   1 
ATOM   618 C CB  . VAL A 1 80  ? 7.765   -1.797  5.260   1.00 25.60 ? 89  VAL A CB  1 
ATOM   619 C CG1 . VAL A 1 80  ? 8.226   -1.328  6.645   1.00 27.16 ? 89  VAL A CG1 1 
ATOM   620 C CG2 . VAL A 1 80  ? 8.910   -2.426  4.459   1.00 27.25 ? 89  VAL A CG2 1 
ATOM   621 N N   . ALA A 1 81  ? 5.186   -2.739  7.371   1.00 23.54 ? 90  ALA A N   1 
ATOM   622 C CA  . ALA A 1 81  ? 4.166   -2.250  8.315   1.00 22.40 ? 90  ALA A CA  1 
ATOM   623 C C   . ALA A 1 81  ? 4.809   -1.349  9.346   1.00 24.62 ? 90  ALA A C   1 
ATOM   624 O O   . ALA A 1 81  ? 6.061   -1.451  9.611   1.00 25.62 ? 90  ALA A O   1 
ATOM   625 C CB  . ALA A 1 81  ? 3.424   -3.399  8.934   1.00 23.16 ? 90  ALA A CB  1 
ATOM   626 N N   . GLU A 1 82  ? 3.997   -0.473  9.924   1.00 22.97 ? 91  GLU A N   1 
ATOM   627 C CA  . GLU A 1 82  ? 4.448   0.479   10.953  1.00 22.74 ? 91  GLU A CA  1 
ATOM   628 C C   . GLU A 1 82  ? 3.413   0.558   12.074  1.00 28.78 ? 91  GLU A C   1 
ATOM   629 O O   . GLU A 1 82  ? 2.188   0.699   11.780  1.00 24.90 ? 91  GLU A O   1 
ATOM   630 C CB  . GLU A 1 82  ? 4.732   1.856   10.376  1.00 24.38 ? 91  GLU A CB  1 
ATOM   631 C CG  . GLU A 1 82  ? 5.113   2.873   11.460  1.00 23.73 ? 91  GLU A CG  1 
ATOM   632 C CD  . GLU A 1 82  ? 5.431   4.244   10.904  1.00 25.22 ? 91  GLU A CD  1 
ATOM   633 O OE1 . GLU A 1 82  ? 6.176   4.353   9.922   1.00 27.21 ? 91  GLU A OE1 1 
ATOM   634 O OE2 . GLU A 1 82  ? 4.838   5.220   11.442  1.00 29.67 ? 91  GLU A OE2 1 
ATOM   635 N N   . LEU A 1 83  ? 3.863   0.457   13.322  1.00 24.41 ? 92  LEU A N   1 
ATOM   636 C CA  . LEU A 1 83  ? 2.976   0.650   14.499  1.00 25.11 ? 92  LEU A CA  1 
ATOM   637 C C   . LEU A 1 83  ? 3.777   1.389   15.571  1.00 27.37 ? 92  LEU A C   1 
ATOM   638 O O   . LEU A 1 83  ? 4.869   0.887   15.922  1.00 26.02 ? 92  LEU A O   1 
ATOM   639 C CB  . LEU A 1 83  ? 2.454   -0.694  15.024  1.00 26.47 ? 92  LEU A CB  1 
ATOM   640 C CG  . LEU A 1 83  ? 1.568   -0.640  16.282  1.00 26.83 ? 92  LEU A CG  1 
ATOM   641 C CD1 . LEU A 1 83  ? 0.324   0.209   16.041  1.00 28.16 ? 92  LEU A CD1 1 
ATOM   642 C CD2 . LEU A 1 83  ? 1.152   -2.039  16.709  1.00 27.96 ? 92  LEU A CD2 1 
ATOM   643 N N   . GLU A 1 84  ? 3.254   2.535   16.015  1.00 26.65 ? 93  GLU A N   1 
ATOM   644 C CA  . GLU A 1 84  ? 3.813   3.316   17.151  1.00 29.89 ? 93  GLU A CA  1 
ATOM   645 C C   . GLU A 1 84  ? 5.290   3.548   16.860  1.00 32.01 ? 93  GLU A C   1 
ATOM   646 O O   . GLU A 1 84  ? 6.145   3.375   17.803  1.00 31.24 ? 93  GLU A O   1 
ATOM   647 C CB  . GLU A 1 84  ? 3.518   2.612   18.472  1.00 38.66 ? 93  GLU A CB  1 
ATOM   648 C CG  . GLU A 1 84  ? 2.036   2.652   18.821  1.00 39.51 ? 93  GLU A CG  1 
ATOM   649 C CD  . GLU A 1 84  ? 1.622   1.659   19.893  1.00 48.15 ? 93  GLU A CD  1 
ATOM   650 O OE1 . GLU A 1 84  ? 2.475   0.876   20.344  1.00 53.80 ? 93  GLU A OE1 1 
ATOM   651 O OE2 . GLU A 1 84  ? 0.435   1.658   20.257  1.00 59.11 ? 93  GLU A OE2 1 
ATOM   652 N N   . GLY A 1 85  ? 5.592   3.895   15.605  1.00 26.08 ? 94  GLY A N   1 
ATOM   653 C CA  . GLY A 1 85  ? 6.909   4.407   15.220  1.00 25.68 ? 94  GLY A CA  1 
ATOM   654 C C   . GLY A 1 85  ? 7.923   3.318   14.932  1.00 25.37 ? 94  GLY A C   1 
ATOM   655 O O   . GLY A 1 85  ? 9.070   3.665   14.582  1.00 27.65 ? 94  GLY A O   1 
ATOM   656 N N   . ILE A 1 86  ? 7.520   2.060   14.992  1.00 24.83 ? 95  ILE A N   1 
ATOM   657 C CA  . ILE A 1 86  ? 8.405   0.893   14.724  1.00 25.64 ? 95  ILE A CA  1 
ATOM   658 C C   . ILE A 1 86  ? 7.961   0.237   13.420  1.00 25.58 ? 95  ILE A C   1 
ATOM   659 O O   . ILE A 1 86  ? 6.750   0.020   13.256  1.00 25.11 ? 95  ILE A O   1 
ATOM   660 C CB  . ILE A 1 86  ? 8.425   -0.071  15.905  1.00 30.26 ? 95  ILE A CB  1 
ATOM   661 C CG1 . ILE A 1 86  ? 8.932   0.650   17.164  1.00 30.14 ? 95  ILE A CG1 1 
ATOM   662 C CG2 . ILE A 1 86  ? 9.289   -1.275  15.556  1.00 30.27 ? 95  ILE A CG2 1 
ATOM   663 C CD1 . ILE A 1 86  ? 8.821   -0.155  18.447  1.00 31.90 ? 95  ILE A CD1 1 
ATOM   664 N N   . GLN A 1 87  ? 8.908   -0.039  12.536  1.00 25.12 ? 96  GLN A N   1 
ATOM   665 C CA  . GLN A 1 87  ? 8.663   -0.672  11.218  1.00 25.56 ? 96  GLN A CA  1 
ATOM   666 C C   . GLN A 1 87  ? 9.068   -2.147  11.251  1.00 27.95 ? 96  GLN A C   1 
ATOM   667 O O   . GLN A 1 87  ? 10.010  -2.558  11.977  1.00 30.12 ? 96  GLN A O   1 
ATOM   668 C CB  . GLN A 1 87  ? 9.361   0.073   10.099  1.00 25.69 ? 96  GLN A CB  1 
ATOM   669 C CG  . GLN A 1 87  ? 8.730   1.452   9.897   1.00 26.36 ? 96  GLN A CG  1 
ATOM   670 C CD  . GLN A 1 87  ? 9.057   2.130   8.598   1.00 31.10 ? 96  GLN A CD  1 
ATOM   671 O OE1 . GLN A 1 87  ? 10.061  1.842   7.941   1.00 31.49 ? 96  GLN A OE1 1 
ATOM   672 N NE2 . GLN A 1 87  ? 8.172   3.043   8.194   1.00 28.35 ? 96  GLN A NE2 1 
ATOM   673 N N   . TYR A 1 88  ? 8.351   -2.946  10.505  1.00 27.98 ? 97  TYR A N   1 
ATOM   674 C CA  . TYR A 1 88  ? 8.454   -4.418  10.438  1.00 29.12 ? 97  TYR A CA  1 
ATOM   675 C C   . TYR A 1 88  ? 8.695   -4.707  8.968   1.00 32.08 ? 97  TYR A C   1 
ATOM   676 O O   . TYR A 1 88  ? 7.748   -4.532  8.115   1.00 31.23 ? 97  TYR A O   1 
ATOM   677 C CB  . TYR A 1 88  ? 7.204   -5.037  11.047  1.00 30.80 ? 97  TYR A CB  1 
ATOM   678 C CG  . TYR A 1 88  ? 7.018   -4.655  12.489  1.00 29.95 ? 97  TYR A CG  1 
ATOM   679 C CD1 . TYR A 1 88  ? 6.418   -3.465  12.835  1.00 27.91 ? 97  TYR A CD1 1 
ATOM   680 C CD2 . TYR A 1 88  ? 7.536   -5.446  13.506  1.00 35.65 ? 97  TYR A CD2 1 
ATOM   681 C CE1 . TYR A 1 88  ? 6.270   -3.086  14.155  1.00 28.25 ? 97  TYR A CE1 1 
ATOM   682 C CE2 . TYR A 1 88  ? 7.390   -5.086  14.839  1.00 38.67 ? 97  TYR A CE2 1 
ATOM   683 C CZ  . TYR A 1 88  ? 6.742   -3.905  15.167  1.00 34.60 ? 97  TYR A CZ  1 
ATOM   684 O OH  . TYR A 1 88  ? 6.603   -3.514  16.467  1.00 37.06 ? 97  TYR A OH  1 
ATOM   685 N N   . GLY A 1 89  ? 9.969   -4.902  8.673   1.00 33.23 ? 98  GLY A N   1 
ATOM   686 C CA  . GLY A 1 89  ? 10.509  -4.868  7.318   1.00 35.75 ? 98  GLY A CA  1 
ATOM   687 C C   . GLY A 1 89  ? 11.500  -3.732  7.164   1.00 33.50 ? 98  GLY A C   1 
ATOM   688 O O   . GLY A 1 89  ? 11.423  -2.703  7.847   1.00 34.05 ? 98  GLY A O   1 
ATOM   689 N N   . ARG A 1 90  ? 12.365  -3.887  6.193   1.00 35.26 ? 99  ARG A N   1 
ATOM   690 C CA  . ARG A 1 90  ? 13.446  -2.949  5.861   1.00 36.42 ? 99  ARG A CA  1 
ATOM   691 C C   . ARG A 1 90  ? 13.391  -2.795  4.348   1.00 33.76 ? 99  ARG A C   1 
ATOM   692 O O   . ARG A 1 90  ? 13.501  -3.830  3.652   1.00 34.45 ? 99  ARG A O   1 
ATOM   693 C CB  . ARG A 1 90  ? 14.722  -3.637  6.361   1.00 39.71 ? 99  ARG A CB  1 
ATOM   694 C CG  . ARG A 1 90  ? 16.017  -3.022  5.905   1.00 35.16 ? 99  ARG A CG  1 
ATOM   695 C CD  . ARG A 1 90  ? 17.200  -3.620  6.672   1.00 26.74 ? 99  ARG A CD  1 
ATOM   696 N NE  . ARG A 1 90  ? 17.988  -2.452  6.761   1.00 27.70 ? 99  ARG A NE  1 
ATOM   697 C CZ  . ARG A 1 90  ? 18.956  -2.083  5.929   1.00 27.92 ? 99  ARG A CZ  1 
ATOM   698 N NH1 . ARG A 1 90  ? 19.337  -2.866  4.928   1.00 29.21 ? 99  ARG A NH1 1 
ATOM   699 N NH2 . ARG A 1 90  ? 19.528  -0.914  6.108   1.00 29.18 ? 99  ARG A NH2 1 
ATOM   700 N N   . SER A 1 91  ? 13.216  -1.595  3.813   1.00 30.46 ? 100 SER A N   1 
ATOM   701 C CA  . SER A 1 91  ? 13.157  -1.424  2.338   1.00 30.45 ? 100 SER A CA  1 
ATOM   702 C C   . SER A 1 91  ? 13.496  0.010   1.925   1.00 31.19 ? 100 SER A C   1 
ATOM   703 O O   . SER A 1 91  ? 14.082  0.778   2.740   1.00 32.98 ? 100 SER A O   1 
ATOM   704 C CB  . SER A 1 91  ? 11.802  -1.878  1.795   1.00 30.00 ? 100 SER A CB  1 
ATOM   705 O OG  . SER A 1 91  ? 11.806  -1.909  0.381   1.00 30.46 ? 100 SER A OG  1 
ATOM   706 N N   . GLY A 1 92  ? 13.198  0.356   0.681   1.00 28.40 ? 101 GLY A N   1 
ATOM   707 C CA  . GLY A 1 92  ? 13.557  1.666   0.104   1.00 27.76 ? 101 GLY A CA  1 
ATOM   708 C C   . GLY A 1 92  ? 12.512  2.742   0.351   1.00 28.60 ? 101 GLY A C   1 
ATOM   709 O O   . GLY A 1 92  ? 11.759  2.650   1.312   1.00 28.56 ? 101 GLY A O   1 
ATOM   710 N N   . GLU A 1 93  ? 12.478  3.705   -0.558  1.00 28.50 ? 102 GLU A N   1 
ATOM   711 C CA  . GLU A 1 93  ? 11.589  4.882   -0.520  1.00 34.25 ? 102 GLU A CA  1 
ATOM   712 C C   . GLU A 1 93  ? 10.122  4.432   -0.529  1.00 29.02 ? 102 GLU A C   1 
ATOM   713 O O   . GLU A 1 93  ? 9.741   3.548   -1.327  1.00 29.66 ? 102 GLU A O   1 
ATOM   714 C CB  . GLU A 1 93  ? 11.919  5.765   -1.716  1.00 36.88 ? 102 GLU A CB  1 
ATOM   715 C CG  . GLU A 1 93  ? 11.238  7.120   -1.710  1.00 46.61 ? 102 GLU A CG  1 
ATOM   716 C CD  . GLU A 1 93  ? 11.345  7.834   -3.051  1.00 54.58 ? 102 GLU A CD  1 
ATOM   717 O OE1 . GLU A 1 93  ? 12.160  7.386   -3.900  1.00 57.50 ? 102 GLU A OE1 1 
ATOM   718 O OE2 . GLU A 1 93  ? 10.616  8.826   -3.251  1.00 67.05 ? 102 GLU A OE2 1 
ATOM   719 N N   . THR A 1 94  ? 9.284   5.058   0.298   1.00 30.07 ? 103 THR A N   1 
ATOM   720 C CA  . THR A 1 94  ? 7.811   4.847   0.299   1.00 28.24 ? 103 THR A CA  1 
ATOM   721 C C   . THR A 1 94  ? 7.188   5.372   -0.998  1.00 29.92 ? 103 THR A C   1 
ATOM   722 O O   . THR A 1 94  ? 7.458   6.551   -1.353  1.00 30.94 ? 103 THR A O   1 
ATOM   723 C CB  . THR A 1 94  ? 7.205   5.524   1.522   1.00 30.19 ? 103 THR A CB  1 
ATOM   724 O OG1 . THR A 1 94  ? 7.727   4.839   2.656   1.00 31.66 ? 103 THR A OG1 1 
ATOM   725 C CG2 . THR A 1 94  ? 5.696   5.451   1.508   1.00 26.60 ? 103 THR A CG2 1 
ATOM   726 N N   . LEU A 1 95  ? 6.376   4.558   -1.670  1.00 25.33 ? 104 LEU A N   1 
ATOM   727 C CA  . LEU A 1 95  ? 5.543   4.916   -2.839  1.00 28.17 ? 104 LEU A CA  1 
ATOM   728 C C   . LEU A 1 95  ? 4.171   5.343   -2.334  1.00 25.16 ? 104 LEU A C   1 
ATOM   729 O O   . LEU A 1 95  ? 3.545   6.203   -2.984  1.00 28.99 ? 104 LEU A O   1 
ATOM   730 C CB  . LEU A 1 95  ? 5.438   3.732   -3.800  1.00 33.23 ? 104 LEU A CB  1 
ATOM   731 C CG  . LEU A 1 95  ? 6.581   3.621   -4.801  1.00 36.25 ? 104 LEU A CG  1 
ATOM   732 C CD1 . LEU A 1 95  ? 7.822   3.059   -4.122  1.00 37.95 ? 104 LEU A CD1 1 
ATOM   733 C CD2 . LEU A 1 95  ? 6.150   2.761   -5.992  1.00 37.26 ? 104 LEU A CD2 1 
ATOM   734 N N   . GLY A 1 96  ? 3.760   4.822   -1.193  1.00 23.23 ? 105 GLY A N   1 
ATOM   735 C CA  . GLY A 1 96  ? 2.481   5.233   -0.581  1.00 22.71 ? 105 GLY A CA  1 
ATOM   736 C C   . GLY A 1 96  ? 2.061   4.296   0.509   1.00 21.63 ? 105 GLY A C   1 
ATOM   737 O O   . GLY A 1 96  ? 2.776   3.300   0.841   1.00 22.54 ? 105 GLY A O   1 
ATOM   738 N N   . VAL A 1 97  ? 0.910   4.577   1.098   1.00 20.53 ? 106 VAL A N   1 
ATOM   739 C CA  . VAL A 1 97  ? 0.313   3.734   2.139   1.00 21.08 ? 106 VAL A CA  1 
ATOM   740 C C   . VAL A 1 97  ? -0.880  2.995   1.522   1.00 20.59 ? 106 VAL A C   1 
ATOM   741 O O   . VAL A 1 97  ? -1.663  3.633   0.754   1.00 20.09 ? 106 VAL A O   1 
ATOM   742 C CB  . VAL A 1 97  ? -0.064  4.562   3.378   1.00 23.58 ? 106 VAL A CB  1 
ATOM   743 C CG1 . VAL A 1 97  ? -0.967  5.747   3.051   1.00 24.17 ? 106 VAL A CG1 1 
ATOM   744 C CG2 . VAL A 1 97  ? -0.659  3.683   4.466   1.00 23.17 ? 106 VAL A CG2 1 
ATOM   745 N N   . LEU A 1 98  ? -0.978  1.707   1.796   1.00 20.66 ? 107 LEU A N   1 
ATOM   746 C CA  . LEU A 1 98  ? -2.032  0.868   1.220   1.00 19.80 ? 107 LEU A CA  1 
ATOM   747 C C   . LEU A 1 98  ? -3.266  0.963   2.087   1.00 19.63 ? 107 LEU A C   1 
ATOM   748 O O   . LEU A 1 98  ? -3.171  0.991   3.322   1.00 21.09 ? 107 LEU A O   1 
ATOM   749 C CB  . LEU A 1 98  ? -1.578  -0.575  1.051   1.00 19.79 ? 107 LEU A CB  1 
ATOM   750 C CG  . LEU A 1 98  ? -0.379  -0.769  0.149   1.00 21.99 ? 107 LEU A CG  1 
ATOM   751 C CD1 . LEU A 1 98  ? -0.098  -2.263  0.069   1.00 23.27 ? 107 LEU A CD1 1 
ATOM   752 C CD2 . LEU A 1 98  ? -0.557  -0.177  -1.224  1.00 22.74 ? 107 LEU A CD2 1 
ATOM   753 N N   . VAL A 1 99  ? -4.425  0.907   1.421   1.00 18.84 ? 108 VAL A N   1 
ATOM   754 C CA  . VAL A 1 99  ? -5.737  0.880   2.103   1.00 18.13 ? 108 VAL A CA  1 
ATOM   755 C C   . VAL A 1 99  ? -6.621  -0.071  1.304   1.00 17.20 ? 108 VAL A C   1 
ATOM   756 O O   . VAL A 1 99  ? -6.444  -0.192  0.091   1.00 17.79 ? 108 VAL A O   1 
ATOM   757 C CB  . VAL A 1 99  ? -6.377  2.289   2.230   1.00 18.14 ? 108 VAL A CB  1 
ATOM   758 C CG1 . VAL A 1 99  ? -5.573  3.204   3.161   1.00 21.10 ? 108 VAL A CG1 1 
ATOM   759 C CG2 . VAL A 1 99  ? -6.581  2.957   0.895   1.00 18.49 ? 108 VAL A CG2 1 
ATOM   760 N N   . PRO A 1 100 ? -7.711  -0.586  1.906   1.00 16.69 ? 109 PRO A N   1 
ATOM   761 C CA  . PRO A 1 100 ? -8.725  -1.241  1.112   1.00 17.69 ? 109 PRO A CA  1 
ATOM   762 C C   . PRO A 1 100 ? -9.311  -0.269  0.107   1.00 18.16 ? 109 PRO A C   1 
ATOM   763 O O   . PRO A 1 100 ? -9.423  0.913   0.367   1.00 18.67 ? 109 PRO A O   1 
ATOM   764 C CB  . PRO A 1 100 ? -9.801  -1.567  2.130   1.00 18.31 ? 109 PRO A CB  1 
ATOM   765 C CG  . PRO A 1 100 ? -9.071  -1.676  3.456   1.00 19.21 ? 109 PRO A CG  1 
ATOM   766 C CD  . PRO A 1 100 ? -7.993  -0.651  3.338   1.00 17.76 ? 109 PRO A CD  1 
ATOM   767 N N   . HIS A 1 101 ? -9.622  -0.820  -1.060  1.00 18.04 ? 110 HIS A N   1 
ATOM   768 C CA  . HIS A 1 101 ? -10.388 -0.102  -2.096  1.00 17.90 ? 110 HIS A CA  1 
ATOM   769 C C   . HIS A 1 101 ? -11.806 -0.662  -2.112  1.00 19.55 ? 110 HIS A C   1 
ATOM   770 O O   . HIS A 1 101 ? -11.962 -1.862  -2.429  1.00 19.85 ? 110 HIS A O   1 
ATOM   771 C CB  . HIS A 1 101 ? -9.729  -0.305  -3.457  1.00 18.02 ? 110 HIS A CB  1 
ATOM   772 C CG  . HIS A 1 101 ? -10.358 0.542   -4.523  1.00 19.15 ? 110 HIS A CG  1 
ATOM   773 N ND1 . HIS A 1 101 ? -10.458 0.091   -5.814  1.00 25.18 ? 110 HIS A ND1 1 
ATOM   774 C CD2 . HIS A 1 101 ? -10.847 1.793   -4.505  1.00 17.32 ? 110 HIS A CD2 1 
ATOM   775 C CE1 . HIS A 1 101 ? -11.064 1.056   -6.532  1.00 23.82 ? 110 HIS A CE1 1 
ATOM   776 N NE2 . HIS A 1 101 ? -11.270 2.130   -5.771  1.00 18.12 ? 110 HIS A NE2 1 
ATOM   777 N N   . VAL A 1 102 ? -12.781 0.219   -1.921  1.00 18.42 ? 111 VAL A N   1 
ATOM   778 C CA  . VAL A 1 102 ? -14.210 -0.185  -1.917  1.00 19.27 ? 111 VAL A CA  1 
ATOM   779 C C   . VAL A 1 102 ? -14.993 0.677   -2.898  1.00 22.97 ? 111 VAL A C   1 
ATOM   780 O O   . VAL A 1 102 ? -16.207 0.889   -2.674  1.00 29.48 ? 111 VAL A O   1 
ATOM   781 C CB  . VAL A 1 102 ? -14.792 -0.169  -0.492  1.00 21.14 ? 111 VAL A CB  1 
ATOM   782 C CG1 . VAL A 1 102 ? -14.066 -1.128  0.428   1.00 23.82 ? 111 VAL A CG1 1 
ATOM   783 C CG2 . VAL A 1 102 ? -14.792 1.203   0.105   1.00 23.28 ? 111 VAL A CG2 1 
ATOM   784 N N   . GLY A 1 103 ? -14.392 1.045   -4.024  1.00 20.48 ? 112 GLY A N   1 
ATOM   785 C CA  . GLY A 1 103 ? -15.110 1.768   -5.092  1.00 21.20 ? 112 GLY A CA  1 
ATOM   786 C C   . GLY A 1 103 ? -14.826 3.243   -5.169  1.00 20.81 ? 112 GLY A C   1 
ATOM   787 O O   . GLY A 1 103 ? -15.397 3.892   -6.069  1.00 24.41 ? 112 GLY A O   1 
ATOM   788 N N   . GLU A 1 104 ? -13.943 3.783   -4.344  1.00 19.01 ? 113 GLU A N   1 
ATOM   789 C CA  . GLU A 1 104 ? -13.508 5.193   -4.464  1.00 20.40 ? 113 GLU A CA  1 
ATOM   790 C C   . GLU A 1 104 ? -12.951 5.436   -5.868  1.00 20.75 ? 113 GLU A C   1 
ATOM   791 O O   . GLU A 1 104 ? -12.327 4.550   -6.481  1.00 19.42 ? 113 GLU A O   1 
ATOM   792 C CB  . GLU A 1 104 ? -12.477 5.545   -3.409  1.00 18.09 ? 113 GLU A CB  1 
ATOM   793 C CG  . GLU A 1 104 ? -13.011 5.373   -1.981  1.00 19.35 ? 113 GLU A CG  1 
ATOM   794 C CD  . GLU A 1 104 ? -12.665 4.039   -1.330  1.00 19.16 ? 113 GLU A CD  1 
ATOM   795 O OE1 . GLU A 1 104 ? -12.516 3.007   -2.065  1.00 18.78 ? 113 GLU A OE1 1 
ATOM   796 O OE2 . GLU A 1 104 ? -12.529 4.013   -0.087  1.00 19.16 ? 113 GLU A OE2 1 
ATOM   797 N N   . ILE A 1 105 ? -13.184 6.619   -6.396  1.00 21.63 ? 114 ILE A N   1 
ATOM   798 C CA  . ILE A 1 105 ? -12.636 7.016   -7.714  1.00 18.83 ? 114 ILE A CA  1 
ATOM   799 C C   . ILE A 1 105 ? -11.198 7.457   -7.541  1.00 19.64 ? 114 ILE A C   1 
ATOM   800 O O   . ILE A 1 105 ? -10.852 8.390   -6.770  1.00 22.32 ? 114 ILE A O   1 
ATOM   801 C CB  . ILE A 1 105 ? -13.495 8.147   -8.322  1.00 20.06 ? 114 ILE A CB  1 
ATOM   802 C CG1 . ILE A 1 105 ? -14.965 7.736   -8.428  1.00 22.43 ? 114 ILE A CG1 1 
ATOM   803 C CG2 . ILE A 1 105 ? -12.913 8.578   -9.647  1.00 22.09 ? 114 ILE A CG2 1 
ATOM   804 C CD1 . ILE A 1 105 ? -15.202 6.463   -9.137  1.00 22.21 ? 114 ILE A CD1 1 
ATOM   805 N N   . PRO A 1 106 ? -10.257 6.828   -8.273  1.00 18.70 ? 115 PRO A N   1 
ATOM   806 C CA  . PRO A 1 106 ? -8.854  7.188   -8.169  1.00 19.35 ? 115 PRO A CA  1 
ATOM   807 C C   . PRO A 1 106 ? -8.525  8.469   -8.941  1.00 20.09 ? 115 PRO A C   1 
ATOM   808 O O   . PRO A 1 106 ? -9.326  8.874   -9.812  1.00 21.84 ? 115 PRO A O   1 
ATOM   809 C CB  . PRO A 1 106 ? -8.117  5.993   -8.732  1.00 21.73 ? 115 PRO A CB  1 
ATOM   810 C CG  . PRO A 1 106 ? -9.075  5.451   -9.748  1.00 21.42 ? 115 PRO A CG  1 
ATOM   811 C CD  . PRO A 1 106 ? -10.460 5.700   -9.194  1.00 19.65 ? 115 PRO A CD  1 
ATOM   812 N N   . VAL A 1 107 ? -7.366  9.024   -8.613  1.00 20.86 ? 116 VAL A N   1 
ATOM   813 C CA  . VAL A 1 107 ? -6.806  10.182  -9.352  1.00 21.35 ? 116 VAL A CA  1 
ATOM   814 C C   . VAL A 1 107 ? -5.739  9.748   -10.358 1.00 22.05 ? 116 VAL A C   1 
ATOM   815 O O   . VAL A 1 107 ? -5.309  10.573  -11.227 1.00 24.14 ? 116 VAL A O   1 
ATOM   816 C CB  . VAL A 1 107 ? -6.229  11.222  -8.384  1.00 22.63 ? 116 VAL A CB  1 
ATOM   817 C CG1 . VAL A 1 107 ? -7.350  11.787  -7.536  1.00 24.28 ? 116 VAL A CG1 1 
ATOM   818 C CG2 . VAL A 1 107 ? -5.098  10.675  -7.563  1.00 21.93 ? 116 VAL A CG2 1 
ATOM   819 N N   . ALA A 1 108 ? -5.218  8.522   -10.246 1.00 22.23 ? 117 ALA A N   1 
ATOM   820 C CA  . ALA A 1 108 ? -4.092  8.021   -11.051 1.00 23.15 ? 117 ALA A CA  1 
ATOM   821 C C   . ALA A 1 108 ? -3.998  6.524   -10.753 1.00 25.30 ? 117 ALA A C   1 
ATOM   822 O O   . ALA A 1 108 ? -4.734  6.035   -9.874  1.00 21.48 ? 117 ALA A O   1 
ATOM   823 C CB  . ALA A 1 108 ? -2.812  8.723   -10.695 1.00 26.25 ? 117 ALA A CB  1 
ATOM   824 N N   . TYR A 1 109 ? -3.120  5.846   -11.471 1.00 27.05 ? 118 TYR A N   1 
ATOM   825 C CA  . TYR A 1 109 ? -2.716  4.453   -11.211 1.00 26.78 ? 118 TYR A CA  1 
ATOM   826 C C   . TYR A 1 109 ? -1.213  4.410   -11.023 1.00 30.23 ? 118 TYR A C   1 
ATOM   827 O O   . TYR A 1 109 ? -0.484  5.226   -11.674 1.00 33.01 ? 118 TYR A O   1 
ATOM   828 C CB  . TYR A 1 109 ? -3.160  3.525   -12.338 1.00 25.77 ? 118 TYR A CB  1 
ATOM   829 C CG  . TYR A 1 109 ? -4.641  3.322   -12.335 1.00 24.08 ? 118 TYR A CG  1 
ATOM   830 C CD1 . TYR A 1 109 ? -5.251  2.314   -11.601 1.00 26.51 ? 118 TYR A CD1 1 
ATOM   831 C CD2 . TYR A 1 109 ? -5.485  4.216   -12.951 1.00 25.76 ? 118 TYR A CD2 1 
ATOM   832 C CE1 . TYR A 1 109 ? -6.619  2.161   -11.500 1.00 24.72 ? 118 TYR A CE1 1 
ATOM   833 C CE2 . TYR A 1 109 ? -6.846  4.060   -12.871 1.00 24.46 ? 118 TYR A CE2 1 
ATOM   834 C CZ  . TYR A 1 109 ? -7.447  3.048   -12.163 1.00 24.52 ? 118 TYR A CZ  1 
ATOM   835 O OH  . TYR A 1 109 ? -8.806  2.919   -12.120 1.00 31.01 ? 118 TYR A OH  1 
ATOM   836 N N   . ARG A 1 110 ? -0.751  3.519   -10.161 1.00 28.38 ? 119 ARG A N   1 
ATOM   837 C CA  . ARG A 1 110 ? 0.686   3.319   -9.873  1.00 32.74 ? 119 ARG A CA  1 
ATOM   838 C C   . ARG A 1 110 ? 1.007   1.871   -10.246 1.00 31.61 ? 119 ARG A C   1 
ATOM   839 O O   . ARG A 1 110 ? 0.450   0.963   -9.637  1.00 27.81 ? 119 ARG A O   1 
ATOM   840 C CB  . ARG A 1 110 ? 0.964   3.646   -8.405  1.00 37.91 ? 119 ARG A CB  1 
ATOM   841 C CG  . ARG A 1 110 ? 2.433   3.857   -8.071  1.00 45.33 ? 119 ARG A CG  1 
ATOM   842 C CD  . ARG A 1 110 ? 2.945   5.174   -8.624  1.00 47.37 ? 119 ARG A CD  1 
ATOM   843 N NE  . ARG A 1 110 ? 4.362   5.044   -8.915  1.00 51.20 ? 119 ARG A NE  1 
ATOM   844 C CZ  . ARG A 1 110 ? 5.354   5.560   -8.196  1.00 53.34 ? 119 ARG A CZ  1 
ATOM   845 N NH1 . ARG A 1 110 ? 5.115   6.304   -7.130  1.00 52.68 ? 119 ARG A NH1 1 
ATOM   846 N NH2 . ARG A 1 110 ? 6.604   5.330   -8.561  1.00 56.42 ? 119 ARG A NH2 1 
ATOM   847 N N   . LYS A 1 111 ? 1.767   1.672   -11.316 1.00 33.64 ? 120 LYS A N   1 
ATOM   848 C CA  . LYS A 1 111 ? 2.174   0.332   -11.790 1.00 34.47 ? 120 LYS A CA  1 
ATOM   849 C C   . LYS A 1 111 ? 3.317   -0.135  -10.906 1.00 30.03 ? 120 LYS A C   1 
ATOM   850 O O   . LYS A 1 111 ? 4.313   0.575   -10.800 1.00 32.36 ? 120 LYS A O   1 
ATOM   851 C CB  . LYS A 1 111 ? 2.652   0.398   -13.242 1.00 36.50 ? 120 LYS A CB  1 
ATOM   852 C CG  . LYS A 1 111 ? 1.573   0.769   -14.236 1.00 43.91 ? 120 LYS A CG  1 
ATOM   853 C CD  . LYS A 1 111 ? 2.007   0.621   -15.676 1.00 51.16 ? 120 LYS A CD  1 
ATOM   854 C CE  . LYS A 1 111 ? 2.989   1.690   -16.099 1.00 58.96 ? 120 LYS A CE  1 
ATOM   855 N NZ  . LYS A 1 111 ? 3.379   1.533   -17.522 1.00 62.64 ? 120 LYS A NZ  1 
ATOM   856 N N   . VAL A 1 112 ? 3.146   -1.297  -10.285 1.00 25.23 ? 121 VAL A N   1 
ATOM   857 C CA  . VAL A 1 112 ? 4.168   -1.886  -9.383  1.00 26.00 ? 121 VAL A CA  1 
ATOM   858 C C   . VAL A 1 112 ? 4.357   -3.348  -9.739  1.00 25.57 ? 121 VAL A C   1 
ATOM   859 O O   . VAL A 1 112 ? 3.445   -4.022  -10.293 1.00 27.37 ? 121 VAL A O   1 
ATOM   860 C CB  . VAL A 1 112 ? 3.824   -1.711  -7.890  1.00 26.32 ? 121 VAL A CB  1 
ATOM   861 C CG1 . VAL A 1 112 ? 3.598   -0.253  -7.560  1.00 27.59 ? 121 VAL A CG1 1 
ATOM   862 C CG2 . VAL A 1 112 ? 2.627   -2.553  -7.443  1.00 27.58 ? 121 VAL A CG2 1 
ATOM   863 N N   . LEU A 1 113 ? 5.527   -3.858  -9.396  1.00 26.34 ? 122 LEU A N   1 
ATOM   864 C CA  . LEU A 1 113 ? 5.843   -5.298  -9.438  1.00 27.24 ? 122 LEU A CA  1 
ATOM   865 C C   . LEU A 1 113 ? 5.977   -5.709  -7.988  1.00 27.73 ? 122 LEU A C   1 
ATOM   866 O O   . LEU A 1 113 ? 6.975   -5.343  -7.327  1.00 27.13 ? 122 LEU A O   1 
ATOM   867 C CB  . LEU A 1 113 ? 7.119   -5.476  -10.272 1.00 28.09 ? 122 LEU A CB  1 
ATOM   868 C CG  . LEU A 1 113 ? 7.469   -6.888  -10.744 1.00 31.10 ? 122 LEU A CG  1 
ATOM   869 C CD1 . LEU A 1 113 ? 6.290   -7.616  -11.398 1.00 32.23 ? 122 LEU A CD1 1 
ATOM   870 C CD2 . LEU A 1 113 ? 8.628   -6.810  -11.745 1.00 37.89 ? 122 LEU A CD2 1 
ATOM   871 N N   . LEU A 1 114 ? 4.950   -6.336  -7.452  1.00 25.64 ? 123 LEU A N   1 
ATOM   872 C CA  . LEU A 1 114 ? 4.898   -6.662  -6.014  1.00 27.25 ? 123 LEU A CA  1 
ATOM   873 C C   . LEU A 1 114 ? 5.693   -7.925  -5.734  1.00 29.76 ? 123 LEU A C   1 
ATOM   874 O O   . LEU A 1 114 ? 5.314   -8.991  -6.232  1.00 33.71 ? 123 LEU A O   1 
ATOM   875 C CB  . LEU A 1 114 ? 3.448   -6.842  -5.545  1.00 31.45 ? 123 LEU A CB  1 
ATOM   876 C CG  . LEU A 1 114 ? 3.295   -7.380  -4.123  1.00 32.47 ? 123 LEU A CG  1 
ATOM   877 C CD1 . LEU A 1 114 ? 3.741   -6.340  -3.091  1.00 32.78 ? 123 LEU A CD1 1 
ATOM   878 C CD2 . LEU A 1 114 ? 1.862   -7.842  -3.862  1.00 34.11 ? 123 LEU A CD2 1 
ATOM   879 N N   . ARG A 1 115 ? 6.682   -7.821  -4.852  1.00 30.83 ? 124 ARG A N   1 
ATOM   880 C CA  . ARG A 1 115 ? 7.304   -9.030  -4.251  1.00 33.68 ? 124 ARG A CA  1 
ATOM   881 C C   . ARG A 1 115 ? 6.241   -9.715  -3.375  1.00 42.73 ? 124 ARG A C   1 
ATOM   882 O O   . ARG A 1 115 ? 5.780   -9.088  -2.374  1.00 43.12 ? 124 ARG A O   1 
ATOM   883 C CB  . ARG A 1 115 ? 8.608   -8.629  -3.550  1.00 41.82 ? 124 ARG A CB  1 
ATOM   884 C CG  . ARG A 1 115 ? 9.433   -9.798  -3.030  1.00 50.31 ? 124 ARG A CG  1 
ATOM   885 C CD  . ARG A 1 115 ? 10.707  -9.324  -2.338  1.00 58.94 ? 124 ARG A CD  1 
ATOM   886 N NE  . ARG A 1 115 ? 11.632  -8.707  -3.291  1.00 66.36 ? 124 ARG A NE  1 
ATOM   887 C CZ  . ARG A 1 115 ? 12.807  -8.146  -2.988  1.00 75.04 ? 124 ARG A CZ  1 
ATOM   888 N NH1 . ARG A 1 115 ? 13.231  -8.098  -1.730  1.00 69.30 ? 124 ARG A NH1 1 
ATOM   889 N NH2 . ARG A 1 115 ? 13.560  -7.641  -3.963  1.00 67.42 ? 124 ARG A NH2 1 
ATOM   890 N N   . LYS A 1 116 ? 5.821   -10.920 -3.792  1.00 53.23 ? 125 LYS A N   1 
ATOM   891 C CA  . LYS A 1 116 ? 4.713   -11.732 -3.229  1.00 56.47 ? 125 LYS A CA  1 
ATOM   892 C C   . LYS A 1 116 ? 5.290   -13.032 -2.646  1.00 64.70 ? 125 LYS A C   1 
ATOM   893 O O   . LYS A 1 116 ? 6.495   -13.326 -2.754  1.00 67.64 ? 125 LYS A O   1 
ATOM   894 C CB  . LYS A 1 116 ? 3.677   -12.005 -4.304  1.00 49.82 ? 125 LYS A CB  1 
HETATM 895 O O   . HOH B 2 .   ? 4.623   7.641   11.609  1.00 50.79 ? 201 HOH A O   1 
HETATM 896 O O   . HOH B 2 .   ? 3.828   -10.077 -0.188  1.00 40.71 ? 202 HOH A O   1 
HETATM 897 O O   . HOH B 2 .   ? -4.517  10.159  13.912  1.00 42.92 ? 203 HOH A O   1 
HETATM 898 O O   . HOH B 2 .   ? -2.081  11.840  -0.869  1.00 37.44 ? 204 HOH A O   1 
HETATM 899 O O   . HOH B 2 .   ? 5.270   -1.544  17.182  1.00 32.76 ? 205 HOH A O   1 
HETATM 900 O O   . HOH B 2 .   ? -9.463  0.953   -10.742 0.50 47.60 ? 206 HOH A O   1 
HETATM 901 O O   . HOH B 2 .   ? 6.613   6.630   8.974   1.00 37.12 ? 207 HOH A O   1 
HETATM 902 O O   . HOH B 2 .   ? 1.170   -11.549 8.139   1.00 31.08 ? 208 HOH A O   1 
HETATM 903 O O   . HOH B 2 .   ? 3.005   6.788   -5.797  1.00 39.97 ? 209 HOH A O   1 
HETATM 904 O O   . HOH B 2 .   ? 12.259  -0.791  -9.008  1.00 42.17 ? 210 HOH A O   1 
HETATM 905 O O   . HOH B 2 .   ? -2.313  1.302   -15.285 1.00 45.53 ? 211 HOH A O   1 
HETATM 906 O O   . HOH B 2 .   ? -10.120 12.518  6.470   1.00 41.69 ? 212 HOH A O   1 
HETATM 907 O O   . HOH B 2 .   ? -6.311  -1.507  -11.188 1.00 48.80 ? 213 HOH A O   1 
HETATM 908 O O   . HOH B 2 .   ? -8.088  -0.202  10.335  1.00 36.79 ? 214 HOH A O   1 
HETATM 909 O O   . HOH B 2 .   ? 5.256   2.976   -11.114 1.00 43.37 ? 215 HOH A O   1 
HETATM 910 O O   . HOH B 2 .   ? -2.899  7.489   12.448  1.00 33.67 ? 216 HOH A O   1 
HETATM 911 O O   . HOH B 2 .   ? 18.286  -2.400  -5.741  0.50 49.19 ? 217 HOH A O   1 
HETATM 912 O O   . HOH B 2 .   ? -17.603 3.334   -7.373  1.00 40.26 ? 218 HOH A O   1 
HETATM 913 O O   . HOH B 2 .   ? 12.252  0.412   8.147   1.00 35.67 ? 219 HOH A O   1 
HETATM 914 O O   . HOH B 2 .   ? -2.336  0.985   5.831   1.00 19.08 ? 220 HOH A O   1 
HETATM 915 O O   . HOH B 2 .   ? -9.417  -7.485  9.125   1.00 35.54 ? 221 HOH A O   1 
HETATM 916 O O   . HOH B 2 .   ? -11.629 2.191   1.620   1.00 19.43 ? 222 HOH A O   1 
HETATM 917 O O   . HOH B 2 .   ? 17.330  0.798   -5.968  0.50 56.58 ? 223 HOH A O   1 
HETATM 918 O O   . HOH B 2 .   ? -11.397 -5.615  15.583  1.00 34.88 ? 224 HOH A O   1 
HETATM 919 O O   . HOH B 2 .   ? 10.392  -9.601  -18.348 1.00 53.54 ? 225 HOH A O   1 
HETATM 920 O O   . HOH B 2 .   ? -4.470  12.316  -0.466  1.00 33.75 ? 226 HOH A O   1 
HETATM 921 O O   . HOH B 2 .   ? 3.513   4.946   13.754  1.00 31.30 ? 227 HOH A O   1 
HETATM 922 O O   . HOH B 2 .   ? -9.948  9.107   -4.342  1.00 24.05 ? 228 HOH A O   1 
HETATM 923 O O   . HOH B 2 .   ? -5.242  -16.534 0.738   1.00 47.54 ? 229 HOH A O   1 
HETATM 924 O O   . HOH B 2 .   ? -5.956  -3.367  -6.177  1.00 25.97 ? 230 HOH A O   1 
HETATM 925 O O   . HOH B 2 .   ? -3.092  10.041  -2.788  1.00 25.12 ? 231 HOH A O   1 
HETATM 926 O O   . HOH B 2 .   ? -7.943  -10.638 9.393   1.00 38.04 ? 232 HOH A O   1 
HETATM 927 O O   . HOH B 2 .   ? -2.083  11.535  -5.154  1.00 32.48 ? 233 HOH A O   1 
HETATM 928 O O   . HOH B 2 .   ? -5.128  -8.438  14.524  1.00 31.29 ? 234 HOH A O   1 
HETATM 929 O O   . HOH B 2 .   ? 9.437   -6.222  3.240   1.00 45.51 ? 235 HOH A O   1 
HETATM 930 O O   . HOH B 2 .   ? -3.793  2.772   7.379   1.00 20.54 ? 236 HOH A O   1 
HETATM 931 O O   . HOH B 2 .   ? -8.893  -1.844  -7.274  1.00 38.49 ? 237 HOH A O   1 
HETATM 932 O O   . HOH B 2 .   ? -13.998 8.866   4.261   1.00 39.18 ? 238 HOH A O   1 
HETATM 933 O O   . HOH B 2 .   ? 6.790   2.562   20.339  1.00 42.54 ? 239 HOH A O   1 
HETATM 934 O O   . HOH B 2 .   ? 6.498   6.071   4.800   1.00 45.27 ? 240 HOH A O   1 
HETATM 935 O O   . HOH B 2 .   ? -3.394  -0.981  7.599   1.00 20.75 ? 241 HOH A O   1 
HETATM 936 O O   . HOH B 2 .   ? -10.158 11.478  -10.223 1.00 33.64 ? 242 HOH A O   1 
HETATM 937 O O   . HOH B 2 .   ? -10.781 11.096  -7.348  1.00 35.79 ? 243 HOH A O   1 
HETATM 938 O O   . HOH B 2 .   ? -4.696  4.640   14.333  1.00 39.36 ? 244 HOH A O   1 
HETATM 939 O O   . HOH B 2 .   ? 1.586   11.954  6.644   1.00 32.65 ? 245 HOH A O   1 
HETATM 940 O O   . HOH B 2 .   ? 15.569  -4.988  2.186   1.00 48.35 ? 246 HOH A O   1 
HETATM 941 O O   . HOH B 2 .   ? -15.286 7.978   -1.318  1.00 36.54 ? 247 HOH A O   1 
HETATM 942 O O   . HOH B 2 .   ? -0.404  -10.536 -2.560  1.00 36.29 ? 248 HOH A O   1 
HETATM 943 O O   . HOH B 2 .   ? -11.630 -3.792  -0.414  1.00 36.09 ? 249 HOH A O   1 
HETATM 944 O O   . HOH B 2 .   ? 6.486   -7.792  0.030   1.00 29.72 ? 250 HOH A O   1 
HETATM 945 O O   . HOH B 2 .   ? 1.449   -8.285  14.862  1.00 33.94 ? 251 HOH A O   1 
HETATM 946 O O   . HOH B 2 .   ? 2.901   3.893   -12.674 1.00 38.27 ? 252 HOH A O   1 
HETATM 947 O O   . HOH B 2 .   ? -9.384  -9.963  2.682   1.00 43.94 ? 253 HOH A O   1 
HETATM 948 O O   . HOH B 2 .   ? -5.177  -0.269  10.316  1.00 25.64 ? 254 HOH A O   1 
HETATM 949 O O   . HOH B 2 .   ? 3.987   8.319   -0.932  1.00 31.66 ? 255 HOH A O   1 
HETATM 950 O O   . HOH B 2 .   ? -4.105  -5.357  -6.984  1.00 29.88 ? 256 HOH A O   1 
HETATM 951 O O   . HOH B 2 .   ? -3.669  -4.656  -11.880 1.00 35.43 ? 257 HOH A O   1 
HETATM 952 O O   . HOH B 2 .   ? -1.972  7.205   -13.730 1.00 42.21 ? 258 HOH A O   1 
HETATM 953 O O   . HOH B 2 .   ? 2.494   -10.378 -13.326 1.00 41.76 ? 259 HOH A O   1 
HETATM 954 O O   . HOH B 2 .   ? 1.036   -5.670  16.137  1.00 29.17 ? 260 HOH A O   1 
HETATM 955 O O   . HOH B 2 .   ? 10.572  6.821   2.190   1.00 35.66 ? 261 HOH A O   1 
HETATM 956 O O   . HOH B 2 .   ? -12.354 -8.750  -6.315  1.00 36.66 ? 262 HOH A O   1 
HETATM 957 O O   . HOH B 2 .   ? -12.240 3.415   8.339   1.00 31.94 ? 263 HOH A O   1 
HETATM 958 O O   . HOH B 2 .   ? -11.708 16.506  8.302   1.00 28.32 ? 264 HOH A O   1 
HETATM 959 O O   . HOH B 2 .   ? -14.193 8.759   -4.603  1.00 32.55 ? 265 HOH A O   1 
HETATM 960 O O   . HOH B 2 .   ? 12.542  3.077   4.320   1.00 40.49 ? 266 HOH A O   1 
HETATM 961 O O   . HOH B 2 .   ? -12.821 12.590  4.969   1.00 39.09 ? 267 HOH A O   1 
HETATM 962 O O   . HOH B 2 .   ? -7.942  14.190  0.100   1.00 24.24 ? 268 HOH A O   1 
HETATM 963 O O   . HOH B 2 .   ? -0.645  -3.734  -14.655 1.00 37.95 ? 269 HOH A O   1 
HETATM 964 O O   . HOH B 2 .   ? -9.408  15.851  8.584   1.00 42.37 ? 270 HOH A O   1 
HETATM 965 O O   . HOH B 2 .   ? -12.114 1.614   9.305   1.00 46.25 ? 271 HOH A O   1 
HETATM 966 O O   . HOH B 2 .   ? 13.233  0.937   5.799   1.00 35.65 ? 272 HOH A O   1 
HETATM 967 O O   . HOH B 2 .   ? -0.131  -9.486  16.938  1.00 42.11 ? 273 HOH A O   1 
HETATM 968 O O   . HOH B 2 .   ? -13.218 -1.713  -5.422  1.00 51.04 ? 274 HOH A O   1 
HETATM 969 O O   . HOH B 2 .   ? 13.514  -3.760  10.146  1.00 64.59 ? 275 HOH A O   1 
HETATM 970 O O   . HOH B 2 .   ? -6.735  -3.042  -8.706  1.00 41.12 ? 276 HOH A O   1 
HETATM 971 O O   . HOH B 2 .   ? 8.613   6.484   11.052  1.00 34.62 ? 277 HOH A O   1 
HETATM 972 O O   . HOH B 2 .   ? 1.786   13.726  9.213   1.00 49.67 ? 278 HOH A O   1 
HETATM 973 O O   . HOH B 2 .   ? 3.786   -5.664  16.926  1.00 46.76 ? 279 HOH A O   1 
HETATM 974 O O   . HOH B 2 .   ? -0.830  -5.107  17.918  1.00 43.72 ? 280 HOH A O   1 
HETATM 975 O O   . HOH B 2 .   ? -14.705 8.276   6.724   1.00 55.57 ? 281 HOH A O   1 
# 
